data_7YH9
#
_entry.id   7YH9
#
_cell.length_a   111.454
_cell.length_b   173.143
_cell.length_c   97.447
_cell.angle_alpha   90.000
_cell.angle_beta   123.880
_cell.angle_gamma   90.000
#
_symmetry.space_group_name_H-M   'C 1 2 1'
#
loop_
_entity.id
_entity.type
_entity.pdbx_description
1 polymer 'Beta-lactamase class B IMP-1'
2 non-polymer 'ZINC ION'
3 non-polymer '3-[4-(phenylmethyl)-1,2,3-triazol-1-yl]phthalic acid'
4 water water
#
_entity_poly.entity_id   1
_entity_poly.type   'polypeptide(L)'
_entity_poly.pdbx_seq_one_letter_code
;SLPDLKIEKLDEGVYVHTSFEEVNGWGVVPKHGLVVLVNAEAYLIDTPFTAKDTEKLVTWFVERGYKIKGSISSHFHSDS
TGGIEWLNSRSIPTYASELTNELLKKDGKVQATNSFSGVNYWLVKNKIEVFYPGPGHTPDNVVVWLPERKILFGGCFIKP
YGLGNLGDANIEAWPKSAKLLKSKYGKAKLVVPSHSEVGDASLLKLTLEQAVKGLNESK
;
_entity_poly.pdbx_strand_id   A,B,C,D,E,F
#
# COMPACT_ATOMS: atom_id res chain seq x y z
N SER A 1 -23.97 -21.95 -12.28
CA SER A 1 -24.52 -21.93 -10.92
C SER A 1 -23.98 -20.74 -10.15
N LEU A 2 -22.66 -20.62 -9.96
CA LEU A 2 -22.15 -19.47 -9.24
C LEU A 2 -22.19 -18.23 -10.12
N PRO A 3 -22.24 -17.04 -9.53
CA PRO A 3 -22.19 -15.81 -10.33
C PRO A 3 -20.81 -15.63 -10.97
N ASP A 4 -20.77 -14.85 -12.04
CA ASP A 4 -19.57 -14.68 -12.82
C ASP A 4 -18.61 -13.68 -12.17
N LEU A 5 -17.33 -13.83 -12.50
CA LEU A 5 -16.32 -12.83 -12.16
C LEU A 5 -16.77 -11.44 -12.60
N LYS A 6 -16.48 -10.46 -11.76
CA LYS A 6 -17.01 -9.11 -11.90
C LYS A 6 -15.85 -8.14 -11.72
N ILE A 7 -15.73 -7.18 -12.64
CA ILE A 7 -14.67 -6.18 -12.61
C ILE A 7 -15.32 -4.81 -12.67
N GLU A 8 -15.19 -4.03 -11.59
CA GLU A 8 -15.75 -2.69 -11.52
C GLU A 8 -14.67 -1.68 -11.19
N LYS A 9 -14.73 -0.52 -11.84
CA LYS A 9 -13.87 0.60 -11.47
C LYS A 9 -14.17 1.06 -10.05
N LEU A 10 -13.11 1.37 -9.29
CA LEU A 10 -13.28 1.92 -7.96
C LEU A 10 -12.83 3.37 -7.86
N ASP A 11 -11.78 3.74 -8.57
CA ASP A 11 -11.15 5.05 -8.56
C ASP A 11 -10.28 5.10 -9.80
N GLU A 12 -9.64 6.24 -10.04
CA GLU A 12 -8.76 6.33 -11.19
C GLU A 12 -7.62 5.34 -11.02
N GLY A 13 -7.54 4.38 -11.94
CA GLY A 13 -6.51 3.39 -11.94
C GLY A 13 -6.71 2.24 -11.00
N VAL A 14 -7.91 2.08 -10.45
CA VAL A 14 -8.14 1.09 -9.41
C VAL A 14 -9.47 0.40 -9.68
N TYR A 15 -9.41 -0.92 -9.89
CA TYR A 15 -10.59 -1.74 -10.11
C TYR A 15 -10.71 -2.78 -9.02
N VAL A 16 -11.95 -3.19 -8.77
CA VAL A 16 -12.26 -4.26 -7.83
C VAL A 16 -12.68 -5.47 -8.65
N HIS A 17 -11.99 -6.59 -8.45
CA HIS A 17 -12.46 -7.85 -9.02
C HIS A 17 -13.11 -8.68 -7.93
N THR A 18 -14.26 -9.27 -8.26
CA THR A 18 -15.05 -10.07 -7.33
C THR A 18 -15.31 -11.41 -7.99
N SER A 19 -14.79 -12.46 -7.39
CA SER A 19 -15.02 -13.82 -7.84
C SER A 19 -15.78 -14.55 -6.74
N PHE A 20 -16.37 -15.67 -7.11
CA PHE A 20 -17.34 -16.32 -6.26
C PHE A 20 -17.00 -17.80 -6.16
N GLU A 21 -17.28 -18.37 -5.00
CA GLU A 21 -16.96 -19.78 -4.77
C GLU A 21 -17.84 -20.31 -3.66
N GLU A 22 -18.40 -21.50 -3.87
CA GLU A 22 -19.16 -22.19 -2.84
C GLU A 22 -18.18 -22.77 -1.83
N VAL A 23 -18.24 -22.29 -0.60
CA VAL A 23 -17.54 -22.89 0.53
C VAL A 23 -18.62 -23.45 1.45
N ASN A 24 -18.37 -24.64 1.99
CA ASN A 24 -19.37 -25.31 2.81
C ASN A 24 -19.47 -24.61 4.15
N GLY A 25 -20.70 -24.23 4.52
CA GLY A 25 -20.98 -23.50 5.71
C GLY A 25 -21.22 -22.01 5.49
N TRP A 26 -20.51 -21.41 4.54
CA TRP A 26 -20.69 -20.00 4.19
C TRP A 26 -21.59 -19.82 2.98
N GLY A 27 -21.85 -20.88 2.22
CA GLY A 27 -22.57 -20.72 0.98
C GLY A 27 -21.68 -20.13 -0.10
N VAL A 28 -22.25 -19.26 -0.91
CA VAL A 28 -21.49 -18.62 -1.98
C VAL A 28 -20.84 -17.37 -1.41
N VAL A 29 -19.51 -17.34 -1.52
CA VAL A 29 -18.63 -16.37 -0.87
C VAL A 29 -18.16 -15.39 -1.93
N PRO A 30 -18.39 -14.09 -1.77
CA PRO A 30 -17.70 -13.13 -2.61
C PRO A 30 -16.30 -12.88 -2.10
N LYS A 31 -15.38 -12.70 -3.03
CA LYS A 31 -14.00 -12.38 -2.72
C LYS A 31 -13.63 -11.18 -3.58
N HIS A 32 -13.41 -10.05 -2.93
CA HIS A 32 -12.90 -8.87 -3.59
C HIS A 32 -11.37 -8.87 -3.61
N GLY A 33 -10.82 -8.44 -4.73
CA GLY A 33 -9.40 -8.11 -4.84
C GLY A 33 -9.29 -6.88 -5.70
N LEU A 34 -8.08 -6.44 -6.03
CA LEU A 34 -7.95 -5.24 -6.81
C LEU A 34 -7.05 -5.48 -8.02
N VAL A 35 -7.23 -4.63 -9.03
CA VAL A 35 -6.24 -4.44 -10.08
C VAL A 35 -5.87 -2.97 -10.09
N VAL A 36 -4.57 -2.68 -10.08
CA VAL A 36 -4.08 -1.32 -10.00
C VAL A 36 -3.28 -1.03 -11.26
N LEU A 37 -3.60 0.08 -11.91
CA LEU A 37 -2.90 0.50 -13.12
C LEU A 37 -1.82 1.50 -12.73
N VAL A 38 -0.57 1.15 -12.98
CA VAL A 38 0.54 2.07 -12.88
C VAL A 38 1.08 2.25 -14.28
N ASN A 39 0.85 3.43 -14.84
CA ASN A 39 1.03 3.70 -16.26
C ASN A 39 0.29 2.67 -17.10
N ALA A 40 0.97 1.97 -18.01
CA ALA A 40 0.28 1.03 -18.89
C ALA A 40 0.33 -0.39 -18.35
N GLU A 41 0.52 -0.55 -17.05
CA GLU A 41 0.84 -1.83 -16.46
C GLU A 41 -0.18 -2.12 -15.36
N ALA A 42 -0.54 -3.39 -15.24
CA ALA A 42 -1.56 -3.82 -14.29
C ALA A 42 -0.90 -4.62 -13.18
N TYR A 43 -1.39 -4.43 -11.95
CA TYR A 43 -0.95 -5.20 -10.80
C TYR A 43 -2.15 -5.80 -10.11
N LEU A 44 -2.20 -7.12 -10.02
CA LEU A 44 -3.24 -7.80 -9.26
C LEU A 44 -2.97 -7.70 -7.77
N ILE A 45 -3.97 -7.26 -7.02
CA ILE A 45 -3.96 -7.34 -5.57
C ILE A 45 -4.89 -8.48 -5.23
N ASP A 46 -4.32 -9.63 -4.88
CA ASP A 46 -4.95 -10.92 -4.74
C ASP A 46 -5.41 -11.51 -6.06
N THR A 47 -5.43 -12.84 -6.15
CA THR A 47 -5.98 -13.56 -7.28
C THR A 47 -7.40 -14.04 -6.95
N PRO A 48 -8.24 -14.25 -7.95
CA PRO A 48 -9.50 -14.96 -7.72
C PRO A 48 -9.25 -16.33 -7.09
N PHE A 49 -10.36 -16.96 -6.70
CA PHE A 49 -10.28 -18.32 -6.14
C PHE A 49 -9.59 -19.28 -7.09
N THR A 50 -9.80 -19.15 -8.40
CA THR A 50 -9.42 -20.19 -9.34
C THR A 50 -8.50 -19.68 -10.45
N ALA A 51 -7.90 -20.64 -11.16
CA ALA A 51 -7.13 -20.38 -12.37
C ALA A 51 -8.00 -19.81 -13.46
N LYS A 52 -9.13 -20.46 -13.73
CA LYS A 52 -10.06 -19.98 -14.75
C LYS A 52 -10.41 -18.52 -14.55
N ASP A 53 -10.86 -18.16 -13.35
CA ASP A 53 -11.21 -16.77 -13.10
C ASP A 53 -10.00 -15.86 -13.18
N THR A 54 -8.84 -16.36 -12.71
CA THR A 54 -7.61 -15.55 -12.79
C THR A 54 -7.26 -15.26 -14.24
N GLU A 55 -7.43 -16.24 -15.12
CA GLU A 55 -7.16 -16.02 -16.53
C GLU A 55 -8.14 -15.03 -17.15
N LYS A 56 -9.44 -15.16 -16.85
CA LYS A 56 -10.38 -14.13 -17.30
C LYS A 56 -9.98 -12.75 -16.80
N LEU A 57 -9.56 -12.63 -15.53
CA LEU A 57 -9.12 -11.34 -15.04
C LEU A 57 -7.97 -10.81 -15.87
N VAL A 58 -6.98 -11.66 -16.15
CA VAL A 58 -5.82 -11.24 -16.91
C VAL A 58 -6.21 -10.83 -18.33
N THR A 59 -6.99 -11.66 -19.03
CA THR A 59 -7.28 -11.30 -20.40
C THR A 59 -8.16 -10.04 -20.46
N TRP A 60 -8.98 -9.79 -19.43
CA TRP A 60 -9.78 -8.56 -19.39
C TRP A 60 -8.89 -7.32 -19.52
N PHE A 61 -7.77 -7.29 -18.79
CA PHE A 61 -6.89 -6.13 -18.84
C PHE A 61 -5.92 -6.18 -20.02
N VAL A 62 -5.53 -7.38 -20.46
CA VAL A 62 -4.69 -7.51 -21.65
C VAL A 62 -5.45 -7.06 -22.89
N GLU A 63 -6.71 -7.49 -23.01
CA GLU A 63 -7.62 -6.98 -24.05
C GLU A 63 -7.59 -5.45 -24.16
N ARG A 64 -7.53 -4.76 -23.02
CA ARG A 64 -7.64 -3.31 -22.95
C ARG A 64 -6.30 -2.60 -23.02
N GLY A 65 -5.23 -3.32 -23.35
CA GLY A 65 -3.94 -2.70 -23.60
C GLY A 65 -3.02 -2.66 -22.41
N TYR A 66 -3.31 -3.36 -21.33
CA TYR A 66 -2.47 -3.36 -20.14
C TYR A 66 -1.78 -4.71 -20.02
N LYS A 67 -0.47 -4.68 -19.80
CA LYS A 67 0.28 -5.88 -19.49
C LYS A 67 0.30 -6.09 -17.98
N ILE A 68 0.30 -7.36 -17.57
CA ILE A 68 0.32 -7.71 -16.17
C ILE A 68 1.78 -7.81 -15.72
N LYS A 69 2.19 -6.91 -14.84
CA LYS A 69 3.57 -6.90 -14.39
C LYS A 69 3.77 -7.59 -13.04
N GLY A 70 2.71 -7.99 -12.37
CA GLY A 70 2.82 -8.58 -11.06
C GLY A 70 1.50 -8.80 -10.35
N SER A 71 1.47 -9.80 -9.48
CA SER A 71 0.39 -9.98 -8.52
C SER A 71 1.01 -10.15 -7.15
N ILE A 72 0.30 -9.68 -6.12
CA ILE A 72 0.64 -9.94 -4.74
C ILE A 72 -0.58 -10.54 -4.03
N SER A 73 -0.35 -11.52 -3.18
CA SER A 73 -1.38 -12.20 -2.42
C SER A 73 -1.26 -11.77 -0.97
N SER A 74 -2.38 -11.39 -0.37
CA SER A 74 -2.40 -10.75 0.93
C SER A 74 -2.37 -11.73 2.11
N HIS A 75 -2.73 -12.98 1.88
CA HIS A 75 -2.52 -14.03 2.86
C HIS A 75 -2.53 -15.35 2.10
N PHE A 76 -2.33 -16.44 2.80
CA PHE A 76 -1.99 -17.66 2.10
C PHE A 76 -3.20 -18.46 1.62
N HIS A 77 -4.38 -18.17 2.11
CA HIS A 77 -5.58 -18.92 1.73
C HIS A 77 -5.84 -18.82 0.22
N SER A 78 -6.50 -19.85 -0.31
CA SER A 78 -6.67 -19.91 -1.76
C SER A 78 -7.51 -18.75 -2.29
N ASP A 79 -8.30 -18.09 -1.44
CA ASP A 79 -9.07 -16.96 -1.96
C ASP A 79 -8.18 -15.76 -2.24
N SER A 80 -6.92 -15.81 -1.79
CA SER A 80 -5.93 -14.83 -2.17
C SER A 80 -4.87 -15.36 -3.12
N THR A 81 -4.68 -16.67 -3.20
CA THR A 81 -3.58 -17.31 -3.91
C THR A 81 -4.01 -18.31 -4.97
N GLY A 82 -5.31 -18.51 -5.17
CA GLY A 82 -5.80 -19.58 -6.02
C GLY A 82 -5.28 -19.55 -7.45
N GLY A 83 -4.93 -18.37 -7.95
CA GLY A 83 -4.40 -18.21 -9.28
C GLY A 83 -2.91 -18.07 -9.41
N ILE A 84 -2.15 -18.25 -8.33
CA ILE A 84 -0.70 -18.07 -8.42
C ILE A 84 -0.08 -19.10 -9.38
N GLU A 85 -0.47 -20.38 -9.23
CA GLU A 85 0.03 -21.41 -10.15
C GLU A 85 -0.21 -21.02 -11.60
N TRP A 86 -1.43 -20.57 -11.94
CA TRP A 86 -1.69 -20.17 -13.32
C TRP A 86 -0.80 -18.99 -13.73
N LEU A 87 -0.60 -18.01 -12.84
CA LEU A 87 0.24 -16.88 -13.17
C LEU A 87 1.69 -17.32 -13.40
N ASN A 88 2.19 -18.22 -12.57
CA ASN A 88 3.57 -18.70 -12.71
C ASN A 88 3.77 -19.35 -14.08
N SER A 89 2.75 -20.06 -14.56
CA SER A 89 2.83 -20.72 -15.85
C SER A 89 2.83 -19.71 -16.99
N ARG A 90 2.40 -18.48 -16.75
CA ARG A 90 2.43 -17.46 -17.78
C ARG A 90 3.57 -16.46 -17.61
N SER A 91 4.51 -16.73 -16.72
CA SER A 91 5.67 -15.89 -16.48
C SER A 91 5.30 -14.55 -15.90
N ILE A 92 4.15 -14.47 -15.22
CA ILE A 92 3.72 -13.25 -14.57
C ILE A 92 4.33 -13.25 -13.15
N PRO A 93 5.10 -12.24 -12.78
CA PRO A 93 5.71 -12.22 -11.44
C PRO A 93 4.65 -12.27 -10.36
N THR A 94 4.79 -13.22 -9.43
CA THR A 94 3.92 -13.29 -8.28
C THR A 94 4.73 -12.97 -7.03
N TYR A 95 4.09 -12.25 -6.11
CA TYR A 95 4.70 -11.86 -4.85
C TYR A 95 3.85 -12.37 -3.69
N ALA A 96 4.53 -12.70 -2.61
CA ALA A 96 3.91 -13.06 -1.35
C ALA A 96 4.99 -12.92 -0.30
N SER A 97 4.60 -12.58 0.93
CA SER A 97 5.58 -12.49 1.99
C SER A 97 6.31 -13.82 2.16
N GLU A 98 7.46 -13.77 2.82
CA GLU A 98 8.17 -14.99 3.19
C GLU A 98 7.30 -15.93 4.01
N LEU A 99 6.60 -15.41 5.01
CA LEU A 99 5.73 -16.26 5.82
C LEU A 99 4.58 -16.83 4.99
N THR A 100 3.98 -16.01 4.11
CA THR A 100 2.89 -16.51 3.27
C THR A 100 3.34 -17.69 2.42
N ASN A 101 4.49 -17.55 1.75
CA ASN A 101 5.02 -18.64 0.93
C ASN A 101 5.42 -19.84 1.80
N GLU A 102 5.95 -19.57 2.99
CA GLU A 102 6.19 -20.65 3.95
C GLU A 102 4.89 -21.40 4.25
N LEU A 103 3.80 -20.68 4.49
CA LEU A 103 2.54 -21.36 4.78
C LEU A 103 2.00 -22.07 3.55
N LEU A 104 2.23 -21.53 2.36
CA LEU A 104 1.86 -22.23 1.14
C LEU A 104 2.65 -23.53 1.00
N LYS A 105 3.97 -23.47 1.22
CA LYS A 105 4.78 -24.68 1.17
C LYS A 105 4.22 -25.73 2.10
N LYS A 106 3.93 -25.36 3.34
CA LYS A 106 3.51 -26.35 4.32
C LYS A 106 2.16 -26.96 3.96
N ASP A 107 1.32 -26.26 3.21
CA ASP A 107 0.03 -26.75 2.73
C ASP A 107 0.12 -27.53 1.43
N GLY A 108 1.31 -27.80 0.91
CA GLY A 108 1.43 -28.42 -0.40
C GLY A 108 0.95 -27.59 -1.58
N LYS A 109 0.88 -26.27 -1.44
CA LYS A 109 0.41 -25.37 -2.49
C LYS A 109 1.57 -24.71 -3.22
N VAL A 110 1.29 -24.26 -4.46
CA VAL A 110 2.31 -23.57 -5.26
C VAL A 110 2.59 -22.20 -4.67
N GLN A 111 3.87 -21.83 -4.64
CA GLN A 111 4.33 -20.59 -4.03
C GLN A 111 4.57 -19.50 -5.08
N ALA A 112 4.53 -18.26 -4.61
CA ALA A 112 4.90 -17.14 -5.44
C ALA A 112 6.38 -17.18 -5.78
N THR A 113 6.74 -16.71 -6.98
CA THR A 113 8.13 -16.70 -7.40
C THR A 113 8.95 -15.57 -6.78
N ASN A 114 8.32 -14.68 -6.01
CA ASN A 114 9.02 -13.60 -5.34
C ASN A 114 8.50 -13.49 -3.93
N SER A 115 9.37 -13.12 -3.01
CA SER A 115 8.95 -12.86 -1.65
C SER A 115 9.56 -11.57 -1.15
N PHE A 116 8.99 -11.11 -0.05
CA PHE A 116 9.47 -9.97 0.70
C PHE A 116 9.33 -10.33 2.17
N SER A 117 10.09 -9.62 2.97
CA SER A 117 10.05 -9.73 4.41
C SER A 117 10.00 -8.32 4.97
N GLY A 118 9.93 -8.22 6.28
CA GLY A 118 9.76 -6.93 6.90
C GLY A 118 8.29 -6.56 7.01
N VAL A 119 8.05 -5.49 7.75
CA VAL A 119 6.70 -5.01 7.94
C VAL A 119 6.23 -4.21 6.74
N ASN A 120 7.13 -3.64 5.98
CA ASN A 120 6.77 -2.77 4.87
C ASN A 120 7.49 -3.23 3.62
N TYR A 121 6.82 -3.06 2.49
CA TYR A 121 7.42 -3.44 1.21
C TYR A 121 6.71 -2.69 0.10
N TRP A 122 7.47 -2.01 -0.74
CA TRP A 122 6.92 -1.40 -1.95
C TRP A 122 6.89 -2.43 -3.05
N LEU A 123 5.70 -2.77 -3.53
CA LEU A 123 5.60 -3.50 -4.78
C LEU A 123 5.98 -2.60 -5.94
N VAL A 124 5.47 -1.38 -5.93
CA VAL A 124 5.81 -0.33 -6.87
C VAL A 124 6.02 0.93 -6.04
N LYS A 125 7.22 1.50 -6.11
CA LYS A 125 7.58 2.56 -5.20
C LYS A 125 6.61 3.71 -5.33
N ASN A 126 6.11 4.19 -4.19
CA ASN A 126 5.21 5.33 -4.09
C ASN A 126 3.85 5.10 -4.69
N LYS A 127 3.55 3.87 -5.11
CA LYS A 127 2.27 3.57 -5.74
C LYS A 127 1.52 2.47 -5.00
N ILE A 128 2.20 1.37 -4.69
CA ILE A 128 1.58 0.18 -4.14
C ILE A 128 2.49 -0.31 -3.01
N GLU A 129 2.02 -0.19 -1.78
CA GLU A 129 2.79 -0.55 -0.61
C GLU A 129 2.12 -1.71 0.12
N VAL A 130 2.93 -2.55 0.74
CA VAL A 130 2.44 -3.69 1.50
C VAL A 130 2.85 -3.49 2.96
N PHE A 131 1.92 -3.73 3.88
CA PHE A 131 2.17 -3.52 5.28
C PHE A 131 1.58 -4.66 6.10
N TYR A 132 2.33 -5.11 7.10
CA TYR A 132 1.92 -6.21 7.97
C TYR A 132 1.52 -5.64 9.32
N PRO A 133 0.24 -5.72 9.68
CA PRO A 133 -0.21 -5.14 10.94
C PRO A 133 -0.12 -6.07 12.14
N GLY A 134 0.37 -7.29 11.95
CA GLY A 134 0.33 -8.30 12.98
C GLY A 134 -0.73 -9.34 12.68
N PRO A 135 -0.74 -10.46 13.38
CA PRO A 135 -1.65 -11.55 13.04
C PRO A 135 -3.10 -11.20 13.33
N GLY A 136 -4.00 -11.87 12.62
CA GLY A 136 -5.40 -11.61 12.79
C GLY A 136 -6.20 -12.73 12.19
N HIS A 137 -6.76 -12.50 11.00
CA HIS A 137 -7.41 -13.58 10.27
C HIS A 137 -6.47 -14.77 10.07
N THR A 138 -5.20 -14.50 9.76
CA THR A 138 -4.21 -15.55 9.63
C THR A 138 -2.91 -15.01 10.24
N PRO A 139 -1.93 -15.86 10.50
CA PRO A 139 -0.62 -15.35 10.96
C PRO A 139 0.05 -14.41 9.98
N ASP A 140 -0.22 -14.54 8.68
CA ASP A 140 0.55 -13.86 7.65
C ASP A 140 -0.18 -12.69 6.97
N ASN A 141 -1.40 -12.39 7.39
CA ASN A 141 -2.21 -11.46 6.60
C ASN A 141 -1.60 -10.06 6.55
N VAL A 142 -1.63 -9.47 5.36
CA VAL A 142 -1.07 -8.15 5.10
C VAL A 142 -2.09 -7.32 4.33
N VAL A 143 -1.93 -6.01 4.44
CA VAL A 143 -2.79 -5.06 3.76
C VAL A 143 -1.97 -4.34 2.70
N VAL A 144 -2.67 -3.77 1.72
CA VAL A 144 -2.06 -3.08 0.61
C VAL A 144 -2.60 -1.68 0.57
N TRP A 145 -1.71 -0.69 0.68
CA TRP A 145 -2.04 0.72 0.73
C TRP A 145 -1.65 1.38 -0.58
N LEU A 146 -2.54 2.22 -1.11
CA LEU A 146 -2.31 2.95 -2.35
C LEU A 146 -2.22 4.43 -2.03
N PRO A 147 -1.02 4.96 -1.77
CA PRO A 147 -0.92 6.30 -1.18
C PRO A 147 -1.50 7.42 -2.03
N GLU A 148 -1.51 7.30 -3.36
CA GLU A 148 -2.02 8.41 -4.15
C GLU A 148 -3.54 8.48 -4.17
N ARG A 149 -4.22 7.40 -3.78
CA ARG A 149 -5.66 7.36 -3.77
C ARG A 149 -6.24 7.27 -2.38
N LYS A 150 -5.40 6.98 -1.39
CA LYS A 150 -5.84 6.69 -0.03
C LYS A 150 -6.83 5.54 -0.01
N ILE A 151 -6.50 4.48 -0.74
CA ILE A 151 -7.30 3.25 -0.74
C ILE A 151 -6.50 2.17 -0.03
N LEU A 152 -7.13 1.52 0.94
CA LEU A 152 -6.54 0.40 1.68
C LEU A 152 -7.29 -0.86 1.31
N PHE A 153 -6.55 -1.84 0.78
CA PHE A 153 -7.08 -3.18 0.61
C PHE A 153 -6.79 -3.95 1.89
N GLY A 154 -7.83 -4.19 2.69
CA GLY A 154 -7.62 -4.90 3.93
C GLY A 154 -7.65 -6.39 3.81
N GLY A 155 -8.14 -6.92 2.70
CA GLY A 155 -8.17 -8.35 2.59
C GLY A 155 -9.05 -8.99 3.65
N CYS A 156 -8.69 -10.20 4.02
CA CYS A 156 -9.49 -10.95 4.98
C CYS A 156 -9.27 -10.54 6.41
N PHE A 157 -8.45 -9.51 6.64
CA PHE A 157 -8.31 -8.89 7.96
C PHE A 157 -9.51 -8.02 8.29
N ILE A 158 -9.98 -7.22 7.33
CA ILE A 158 -11.07 -6.30 7.58
C ILE A 158 -12.37 -7.09 7.63
N LYS A 159 -13.05 -7.05 8.77
CA LYS A 159 -14.21 -7.91 9.02
C LYS A 159 -15.20 -7.16 9.90
N PRO A 160 -15.99 -6.26 9.30
CA PRO A 160 -16.83 -5.39 10.13
C PRO A 160 -18.03 -6.08 10.80
N TYR A 161 -18.52 -7.22 10.31
CA TYR A 161 -19.76 -7.78 10.85
C TYR A 161 -19.64 -9.24 11.27
N GLY A 162 -18.42 -9.69 11.49
CA GLY A 162 -18.13 -11.08 11.83
C GLY A 162 -16.72 -11.34 11.36
N LEU A 163 -16.06 -12.24 12.07
CA LEU A 163 -14.66 -12.53 11.77
C LEU A 163 -14.48 -13.66 10.76
N GLY A 164 -15.56 -14.29 10.31
CA GLY A 164 -15.46 -15.25 9.24
C GLY A 164 -14.80 -16.55 9.62
N ASN A 165 -13.98 -17.09 8.75
CA ASN A 165 -13.34 -18.37 9.02
C ASN A 165 -12.21 -18.17 10.03
N LEU A 166 -12.33 -18.78 11.19
CA LEU A 166 -11.35 -18.67 12.26
C LEU A 166 -10.38 -19.83 12.29
N GLY A 167 -10.36 -20.66 11.25
CA GLY A 167 -9.53 -21.85 11.29
C GLY A 167 -8.07 -21.57 11.57
N ASP A 168 -7.53 -20.52 10.97
CA ASP A 168 -6.14 -20.16 11.18
C ASP A 168 -6.00 -18.80 11.84
N ALA A 169 -7.09 -18.24 12.35
CA ALA A 169 -7.03 -16.95 12.99
C ALA A 169 -6.24 -16.99 14.29
N ASN A 170 -5.71 -15.83 14.67
CA ASN A 170 -5.14 -15.58 16.00
C ASN A 170 -6.05 -14.56 16.67
N ILE A 171 -7.02 -15.06 17.44
CA ILE A 171 -8.02 -14.17 18.02
C ILE A 171 -7.46 -13.36 19.18
N GLU A 172 -6.35 -13.78 19.77
CA GLU A 172 -5.76 -13.01 20.85
C GLU A 172 -4.93 -11.82 20.33
N ALA A 173 -4.26 -11.97 19.18
CA ALA A 173 -3.49 -10.84 18.67
C ALA A 173 -4.32 -9.91 17.80
N TRP A 174 -5.36 -10.44 17.16
CA TRP A 174 -6.16 -9.66 16.23
C TRP A 174 -6.57 -8.28 16.77
N PRO A 175 -6.98 -8.12 18.04
CA PRO A 175 -7.36 -6.77 18.48
C PRO A 175 -6.21 -5.79 18.51
N LYS A 176 -5.03 -6.22 18.99
CA LYS A 176 -3.85 -5.38 18.90
C LYS A 176 -3.49 -5.07 17.45
N SER A 177 -3.60 -6.07 16.56
CA SER A 177 -3.31 -5.82 15.14
C SER A 177 -4.30 -4.83 14.55
N ALA A 178 -5.58 -4.98 14.87
CA ALA A 178 -6.59 -4.10 14.30
C ALA A 178 -6.43 -2.69 14.83
N LYS A 179 -6.08 -2.54 16.11
CA LYS A 179 -5.93 -1.21 16.65
C LYS A 179 -4.74 -0.50 16.00
N LEU A 180 -3.64 -1.22 15.78
CA LEU A 180 -2.53 -0.64 15.03
C LEU A 180 -2.98 -0.22 13.63
N LEU A 181 -3.70 -1.10 12.93
CA LEU A 181 -4.16 -0.78 11.58
C LEU A 181 -5.06 0.44 11.60
N LYS A 182 -5.91 0.55 12.62
CA LYS A 182 -6.86 1.65 12.67
C LYS A 182 -6.15 2.98 12.86
N SER A 183 -5.09 3.02 13.65
CA SER A 183 -4.43 4.31 13.84
C SER A 183 -3.58 4.69 12.63
N LYS A 184 -2.93 3.70 12.00
CA LYS A 184 -2.07 3.99 10.86
C LYS A 184 -2.85 4.50 9.66
N TYR A 185 -3.94 3.83 9.29
CA TYR A 185 -4.66 4.15 8.06
C TYR A 185 -6.00 4.83 8.35
N GLY A 186 -6.08 5.60 9.42
CA GLY A 186 -7.31 6.30 9.76
C GLY A 186 -7.71 7.35 8.76
N LYS A 187 -6.79 7.81 7.92
CA LYS A 187 -7.16 8.78 6.90
C LYS A 187 -7.48 8.12 5.56
N ALA A 188 -7.60 6.79 5.52
CA ALA A 188 -7.99 6.11 4.29
C ALA A 188 -9.35 6.60 3.84
N LYS A 189 -9.47 6.84 2.54
CA LYS A 189 -10.73 7.27 1.99
C LYS A 189 -11.62 6.08 1.66
N LEU A 190 -11.04 5.01 1.14
CA LEU A 190 -11.77 3.77 0.90
C LEU A 190 -11.07 2.60 1.55
N VAL A 191 -11.85 1.65 2.03
CA VAL A 191 -11.36 0.43 2.66
C VAL A 191 -12.07 -0.75 2.00
N VAL A 192 -11.30 -1.68 1.44
CA VAL A 192 -11.83 -2.77 0.65
C VAL A 192 -11.60 -4.06 1.44
N PRO A 193 -12.65 -4.71 1.95
CA PRO A 193 -12.50 -6.02 2.56
C PRO A 193 -12.61 -7.12 1.53
N SER A 194 -12.23 -8.33 1.95
CA SER A 194 -12.23 -9.49 1.06
C SER A 194 -13.64 -9.97 0.79
N HIS A 195 -14.51 -9.93 1.79
CA HIS A 195 -15.76 -10.66 1.74
C HIS A 195 -16.94 -9.79 2.11
N SER A 196 -16.72 -8.51 2.31
CA SER A 196 -17.76 -7.56 2.63
C SER A 196 -17.58 -6.36 1.73
N GLU A 197 -18.56 -5.47 1.76
CA GLU A 197 -18.60 -4.35 0.83
C GLU A 197 -17.55 -3.31 1.16
N VAL A 198 -17.10 -2.61 0.10
CA VAL A 198 -16.20 -1.47 0.26
C VAL A 198 -16.82 -0.43 1.19
N GLY A 199 -15.98 0.20 2.01
CA GLY A 199 -16.45 1.23 2.90
C GLY A 199 -15.47 2.36 3.05
N ASP A 200 -15.69 3.19 4.07
CA ASP A 200 -14.75 4.23 4.45
C ASP A 200 -13.92 3.76 5.63
N ALA A 201 -13.26 4.71 6.32
CA ALA A 201 -12.35 4.35 7.41
C ALA A 201 -13.06 3.80 8.64
N SER A 202 -14.38 3.94 8.73
CA SER A 202 -15.12 3.34 9.85
C SER A 202 -15.03 1.82 9.85
N LEU A 203 -14.75 1.18 8.70
CA LEU A 203 -14.59 -0.26 8.68
C LEU A 203 -13.43 -0.71 9.53
N LEU A 204 -12.45 0.18 9.77
CA LEU A 204 -11.36 -0.12 10.67
C LEU A 204 -11.83 -0.15 12.12
N LYS A 205 -12.71 0.79 12.50
CA LYS A 205 -13.30 0.75 13.83
C LYS A 205 -14.11 -0.53 14.01
N LEU A 206 -15.03 -0.78 13.08
CA LEU A 206 -15.89 -1.96 13.19
C LEU A 206 -15.07 -3.24 13.25
N THR A 207 -13.99 -3.32 12.45
CA THR A 207 -13.14 -4.51 12.50
C THR A 207 -12.53 -4.68 13.88
N LEU A 208 -12.09 -3.58 14.48
CA LEU A 208 -11.63 -3.63 15.86
C LEU A 208 -12.74 -4.13 16.78
N GLU A 209 -13.94 -3.56 16.67
CA GLU A 209 -15.04 -3.97 17.53
C GLU A 209 -15.28 -5.48 17.41
N GLN A 210 -15.23 -6.02 16.20
CA GLN A 210 -15.52 -7.44 16.05
C GLN A 210 -14.41 -8.31 16.61
N ALA A 211 -13.17 -7.83 16.58
CA ALA A 211 -12.05 -8.61 17.06
C ALA A 211 -12.04 -8.65 18.58
N VAL A 212 -12.33 -7.51 19.23
CA VAL A 212 -12.47 -7.50 20.68
C VAL A 212 -13.61 -8.40 21.12
N LYS A 213 -14.78 -8.26 20.46
CA LYS A 213 -15.89 -9.16 20.75
C LYS A 213 -15.47 -10.60 20.58
N GLY A 214 -14.84 -10.94 19.44
CA GLY A 214 -14.47 -12.33 19.19
C GLY A 214 -13.55 -12.88 20.26
N LEU A 215 -12.63 -12.05 20.76
CA LEU A 215 -11.73 -12.49 21.82
C LEU A 215 -12.50 -12.79 23.10
N ASN A 216 -13.44 -11.91 23.47
CA ASN A 216 -14.19 -12.10 24.70
C ASN A 216 -15.06 -13.36 24.63
N GLU A 217 -15.70 -13.62 23.50
CA GLU A 217 -16.56 -14.78 23.42
C GLU A 217 -15.79 -16.10 23.40
N SER A 218 -14.48 -16.06 23.26
CA SER A 218 -13.72 -17.29 23.38
C SER A 218 -13.38 -17.62 24.84
N LYS A 219 -13.82 -16.79 25.79
CA LYS A 219 -13.56 -17.02 27.21
C LYS A 219 -14.86 -17.18 28.00
N SER B 1 -21.00 -34.41 6.48
CA SER B 1 -21.74 -33.97 7.67
C SER B 1 -21.91 -32.45 7.69
N LEU B 2 -23.02 -32.03 8.18
CA LEU B 2 -23.36 -30.61 8.20
C LEU B 2 -22.80 -29.97 9.45
N PRO B 3 -22.52 -28.66 9.40
CA PRO B 3 -22.09 -27.96 10.60
C PRO B 3 -23.24 -27.92 11.60
N ASP B 4 -22.90 -27.61 12.84
CA ASP B 4 -23.92 -27.60 13.86
C ASP B 4 -24.59 -26.24 13.99
N LEU B 5 -25.81 -26.27 14.51
CA LEU B 5 -26.57 -25.07 14.79
C LEU B 5 -25.71 -24.05 15.51
N LYS B 6 -25.71 -22.82 15.01
CA LYS B 6 -24.90 -21.72 15.54
C LYS B 6 -25.83 -20.64 16.06
N ILE B 7 -25.53 -20.13 17.25
CA ILE B 7 -26.26 -19.02 17.87
C ILE B 7 -25.27 -17.91 18.16
N GLU B 8 -25.51 -16.73 17.62
CA GLU B 8 -24.58 -15.62 17.77
C GLU B 8 -25.32 -14.34 18.09
N LYS B 9 -24.75 -13.55 18.98
CA LYS B 9 -25.35 -12.28 19.34
C LYS B 9 -24.94 -11.24 18.32
N LEU B 10 -25.91 -10.45 17.88
CA LEU B 10 -25.70 -9.42 16.87
C LEU B 10 -25.85 -8.03 17.43
N ASP B 11 -26.75 -7.87 18.39
CA ASP B 11 -27.03 -6.60 19.03
C ASP B 11 -27.74 -6.97 20.32
N GLU B 12 -28.08 -5.98 21.11
CA GLU B 12 -28.83 -6.28 22.32
C GLU B 12 -30.18 -6.89 21.97
N GLY B 13 -30.49 -8.01 22.63
CA GLY B 13 -31.74 -8.70 22.44
C GLY B 13 -31.94 -9.29 21.07
N VAL B 14 -30.91 -9.36 20.25
CA VAL B 14 -31.02 -9.88 18.88
C VAL B 14 -29.89 -10.88 18.66
N TYR B 15 -30.25 -12.13 18.36
CA TYR B 15 -29.29 -13.18 18.02
C TYR B 15 -29.56 -13.66 16.60
N VAL B 16 -28.51 -14.13 15.94
CA VAL B 16 -28.63 -14.78 14.64
C VAL B 16 -28.47 -16.26 14.88
N HIS B 17 -29.43 -17.06 14.45
CA HIS B 17 -29.26 -18.50 14.44
C HIS B 17 -29.00 -18.93 13.02
N THR B 18 -28.02 -19.79 12.83
CA THR B 18 -27.64 -20.24 11.51
C THR B 18 -27.70 -21.74 11.49
N SER B 19 -28.54 -22.29 10.63
CA SER B 19 -28.63 -23.73 10.44
C SER B 19 -28.18 -24.07 9.01
N PHE B 20 -27.90 -25.34 8.79
CA PHE B 20 -27.24 -25.77 7.58
C PHE B 20 -27.93 -27.00 7.02
N GLU B 21 -28.06 -27.03 5.71
CA GLU B 21 -28.63 -28.17 5.02
C GLU B 21 -28.07 -28.19 3.61
N GLU B 22 -27.91 -29.39 3.09
CA GLU B 22 -27.64 -29.54 1.68
C GLU B 22 -28.97 -29.42 0.94
N VAL B 23 -29.10 -28.40 0.09
CA VAL B 23 -30.25 -28.25 -0.78
C VAL B 23 -29.75 -28.45 -2.20
N ASN B 24 -30.38 -29.38 -2.92
CA ASN B 24 -29.69 -30.07 -4.00
C ASN B 24 -29.40 -29.12 -5.16
N GLY B 25 -28.13 -29.06 -5.52
CA GLY B 25 -27.67 -28.10 -6.49
C GLY B 25 -26.77 -27.08 -5.82
N TRP B 26 -27.14 -26.66 -4.62
CA TRP B 26 -26.49 -25.53 -3.98
C TRP B 26 -25.42 -25.91 -2.97
N GLY B 27 -25.17 -27.20 -2.75
CA GLY B 27 -24.22 -27.51 -1.71
C GLY B 27 -24.83 -27.30 -0.34
N VAL B 28 -23.96 -27.23 0.66
CA VAL B 28 -24.39 -26.99 2.03
C VAL B 28 -24.80 -25.53 2.16
N VAL B 29 -26.07 -25.30 2.42
CA VAL B 29 -26.65 -23.95 2.45
C VAL B 29 -26.78 -23.50 3.90
N PRO B 30 -26.19 -22.38 4.28
CA PRO B 30 -26.49 -21.80 5.59
C PRO B 30 -27.74 -20.95 5.50
N LYS B 31 -28.45 -20.86 6.63
CA LYS B 31 -29.72 -20.16 6.75
C LYS B 31 -29.73 -19.34 8.03
N HIS B 32 -29.79 -18.02 7.90
CA HIS B 32 -29.84 -17.15 9.06
C HIS B 32 -31.27 -16.78 9.38
N GLY B 33 -31.65 -16.94 10.64
CA GLY B 33 -32.80 -16.31 11.23
C GLY B 33 -32.36 -15.52 12.46
N LEU B 34 -33.32 -14.99 13.18
CA LEU B 34 -33.08 -14.24 14.39
C LEU B 34 -33.83 -14.88 15.55
N VAL B 35 -33.34 -14.60 16.76
CA VAL B 35 -34.13 -14.69 17.97
C VAL B 35 -34.07 -13.31 18.60
N VAL B 36 -35.23 -12.72 18.82
CA VAL B 36 -35.39 -11.38 19.33
C VAL B 36 -36.00 -11.47 20.71
N LEU B 37 -35.40 -10.78 21.68
CA LEU B 37 -35.87 -10.81 23.05
C LEU B 37 -36.65 -9.54 23.34
N VAL B 38 -37.85 -9.70 23.89
CA VAL B 38 -38.63 -8.61 24.44
C VAL B 38 -38.79 -8.94 25.91
N ASN B 39 -38.09 -8.18 26.76
CA ASN B 39 -38.00 -8.47 28.20
C ASN B 39 -37.42 -9.88 28.36
N ALA B 40 -38.13 -10.82 28.97
CA ALA B 40 -37.66 -12.18 29.12
C ALA B 40 -38.39 -13.13 28.19
N GLU B 41 -39.05 -12.61 27.16
CA GLU B 41 -39.73 -13.43 26.19
C GLU B 41 -38.94 -13.44 24.89
N ALA B 42 -38.98 -14.54 24.18
CA ALA B 42 -38.18 -14.69 22.98
C ALA B 42 -39.08 -14.94 21.79
N TYR B 43 -38.76 -14.31 20.66
CA TYR B 43 -39.49 -14.51 19.41
C TYR B 43 -38.55 -15.05 18.35
N LEU B 44 -38.95 -16.15 17.72
CA LEU B 44 -38.16 -16.69 16.62
C LEU B 44 -38.55 -15.98 15.33
N ILE B 45 -37.57 -15.44 14.64
CA ILE B 45 -37.78 -14.87 13.31
C ILE B 45 -37.25 -15.90 12.34
N ASP B 46 -38.16 -16.62 11.69
CA ASP B 46 -37.87 -17.83 10.91
C ASP B 46 -37.41 -18.96 11.82
N THR B 47 -37.77 -20.19 11.46
CA THR B 47 -37.23 -21.37 12.11
C THR B 47 -36.04 -21.87 11.34
N PRO B 48 -35.26 -22.76 11.93
CA PRO B 48 -34.25 -23.48 11.16
C PRO B 48 -34.91 -24.48 10.23
N PHE B 49 -34.07 -25.07 9.37
CA PHE B 49 -34.52 -26.08 8.42
C PHE B 49 -35.35 -27.17 9.08
N THR B 50 -34.91 -27.68 10.24
CA THR B 50 -35.40 -28.92 10.80
C THR B 50 -36.08 -28.73 12.14
N ALA B 51 -36.90 -29.72 12.48
CA ALA B 51 -37.43 -29.84 13.83
C ALA B 51 -36.35 -29.99 14.88
N LYS B 52 -35.27 -30.71 14.57
CA LYS B 52 -34.23 -30.92 15.60
C LYS B 52 -33.51 -29.62 15.91
N ASP B 53 -33.12 -28.86 14.89
CA ASP B 53 -32.44 -27.60 15.15
C ASP B 53 -33.39 -26.60 15.79
N THR B 54 -34.66 -26.60 15.40
CA THR B 54 -35.61 -25.73 16.09
C THR B 54 -35.67 -26.07 17.57
N GLU B 55 -35.64 -27.36 17.90
CA GLU B 55 -35.64 -27.75 19.31
C GLU B 55 -34.36 -27.31 20.01
N LYS B 56 -33.20 -27.53 19.39
CA LYS B 56 -31.95 -27.00 19.93
C LYS B 56 -32.04 -25.51 20.17
N LEU B 57 -32.62 -24.77 19.20
CA LEU B 57 -32.71 -23.31 19.32
C LEU B 57 -33.61 -22.92 20.48
N VAL B 58 -34.73 -23.62 20.64
CA VAL B 58 -35.66 -23.29 21.71
C VAL B 58 -35.05 -23.60 23.07
N THR B 59 -34.37 -24.74 23.20
CA THR B 59 -33.83 -25.10 24.49
C THR B 59 -32.74 -24.12 24.95
N TRP B 60 -31.89 -23.66 24.02
CA TRP B 60 -30.82 -22.74 24.37
C TRP B 60 -31.37 -21.53 25.12
N PHE B 61 -32.49 -20.99 24.63
CA PHE B 61 -33.09 -19.84 25.28
C PHE B 61 -33.88 -20.23 26.51
N VAL B 62 -34.53 -21.40 26.50
CA VAL B 62 -35.30 -21.82 27.66
C VAL B 62 -34.38 -22.15 28.84
N GLU B 63 -33.24 -22.78 28.57
CA GLU B 63 -32.27 -23.03 29.65
C GLU B 63 -31.71 -21.73 30.22
N ARG B 64 -31.88 -20.61 29.53
CA ARG B 64 -31.48 -19.31 30.03
C ARG B 64 -32.66 -18.50 30.56
N GLY B 65 -33.82 -19.13 30.76
CA GLY B 65 -34.92 -18.51 31.47
C GLY B 65 -35.97 -17.79 30.63
N TYR B 66 -35.90 -17.88 29.31
CA TYR B 66 -36.81 -17.16 28.45
C TYR B 66 -38.05 -17.99 28.12
N LYS B 67 -39.19 -17.32 28.04
CA LYS B 67 -40.39 -17.95 27.50
C LYS B 67 -40.41 -17.73 25.99
N ILE B 68 -40.66 -18.80 25.23
CA ILE B 68 -40.79 -18.68 23.78
C ILE B 68 -42.22 -18.25 23.51
N LYS B 69 -42.42 -16.99 23.16
CA LYS B 69 -43.77 -16.49 22.92
C LYS B 69 -44.25 -16.72 21.49
N GLY B 70 -43.36 -16.97 20.55
CA GLY B 70 -43.82 -17.14 19.18
C GLY B 70 -42.69 -17.24 18.19
N SER B 71 -43.05 -17.72 17.00
CA SER B 71 -42.21 -17.70 15.81
C SER B 71 -43.00 -17.07 14.67
N ILE B 72 -42.32 -16.30 13.85
CA ILE B 72 -42.89 -15.87 12.59
C ILE B 72 -41.96 -16.33 11.48
N SER B 73 -42.55 -16.67 10.33
CA SER B 73 -41.81 -17.15 9.16
C SER B 73 -41.92 -16.14 8.02
N SER B 74 -40.78 -15.79 7.43
CA SER B 74 -40.74 -14.73 6.42
C SER B 74 -41.21 -15.17 5.05
N HIS B 75 -41.17 -16.47 4.76
CA HIS B 75 -41.79 -17.00 3.54
C HIS B 75 -42.01 -18.50 3.74
N PHE B 76 -42.61 -19.14 2.74
CA PHE B 76 -43.17 -20.48 2.95
C PHE B 76 -42.14 -21.61 2.79
N HIS B 77 -40.96 -21.34 2.23
CA HIS B 77 -39.95 -22.38 2.07
C HIS B 77 -39.51 -22.95 3.41
N SER B 78 -39.09 -24.21 3.40
CA SER B 78 -38.71 -24.89 4.64
C SER B 78 -37.49 -24.29 5.33
N ASP B 79 -36.65 -23.50 4.65
CA ASP B 79 -35.63 -22.78 5.39
C ASP B 79 -36.21 -21.67 6.26
N SER B 80 -37.48 -21.30 6.07
CA SER B 80 -38.16 -20.41 7.00
C SER B 80 -39.22 -21.10 7.85
N THR B 81 -39.72 -22.26 7.44
CA THR B 81 -40.89 -22.86 8.06
C THR B 81 -40.66 -24.25 8.60
N GLY B 82 -39.48 -24.82 8.42
CA GLY B 82 -39.23 -26.21 8.76
C GLY B 82 -39.59 -26.64 10.17
N GLY B 83 -39.68 -25.69 11.09
CA GLY B 83 -39.93 -26.03 12.48
C GLY B 83 -41.32 -25.70 12.99
N ILE B 84 -42.19 -25.20 12.12
CA ILE B 84 -43.56 -24.86 12.55
C ILE B 84 -44.25 -26.08 13.18
N GLU B 85 -44.11 -27.23 12.54
CA GLU B 85 -44.65 -28.50 13.02
C GLU B 85 -44.23 -28.76 14.47
N TRP B 86 -42.92 -28.75 14.74
CA TRP B 86 -42.44 -29.00 16.09
C TRP B 86 -42.97 -27.96 17.07
N LEU B 87 -42.92 -26.69 16.67
CA LEU B 87 -43.44 -25.62 17.53
C LEU B 87 -44.93 -25.79 17.82
N ASN B 88 -45.72 -26.06 16.78
CA ASN B 88 -47.13 -26.37 17.00
C ASN B 88 -47.29 -27.53 17.98
N SER B 89 -46.47 -28.58 17.84
CA SER B 89 -46.51 -29.70 18.77
C SER B 89 -46.26 -29.26 20.22
N ARG B 90 -45.46 -28.23 20.46
CA ARG B 90 -45.23 -27.72 21.79
C ARG B 90 -46.12 -26.54 22.15
N SER B 91 -47.18 -26.30 21.37
CA SER B 91 -48.16 -25.24 21.61
C SER B 91 -47.51 -23.85 21.70
N ILE B 92 -46.47 -23.63 20.92
CA ILE B 92 -45.82 -22.34 20.82
C ILE B 92 -46.42 -21.61 19.63
N PRO B 93 -47.00 -20.44 19.80
CA PRO B 93 -47.67 -19.76 18.70
C PRO B 93 -46.77 -19.62 17.48
N THR B 94 -47.29 -19.98 16.31
CA THR B 94 -46.59 -19.80 15.04
C THR B 94 -47.34 -18.80 14.18
N TYR B 95 -46.60 -17.87 13.57
CA TYR B 95 -47.18 -16.80 12.78
C TYR B 95 -46.69 -16.84 11.34
N ALA B 96 -47.52 -16.37 10.43
CA ALA B 96 -47.25 -16.35 9.00
C ALA B 96 -48.34 -15.55 8.32
N SER B 97 -47.98 -14.90 7.22
CA SER B 97 -48.96 -14.12 6.48
C SER B 97 -49.99 -15.05 5.85
N GLU B 98 -51.14 -14.47 5.51
CA GLU B 98 -52.18 -15.25 4.86
C GLU B 98 -51.66 -15.92 3.60
N LEU B 99 -50.87 -15.18 2.81
CA LEU B 99 -50.31 -15.75 1.60
C LEU B 99 -49.33 -16.87 1.88
N THR B 100 -48.46 -16.70 2.89
CA THR B 100 -47.55 -17.76 3.30
C THR B 100 -48.30 -19.02 3.70
N ASN B 101 -49.31 -18.90 4.58
CA ASN B 101 -50.10 -20.06 4.97
C ASN B 101 -50.82 -20.68 3.77
N GLU B 102 -51.30 -19.85 2.86
CA GLU B 102 -51.91 -20.39 1.66
C GLU B 102 -50.91 -21.19 0.86
N LEU B 103 -49.68 -20.69 0.72
CA LEU B 103 -48.67 -21.40 -0.04
C LEU B 103 -48.21 -22.66 0.68
N LEU B 104 -48.16 -22.61 2.01
CA LEU B 104 -47.83 -23.80 2.77
C LEU B 104 -48.85 -24.90 2.57
N LYS B 105 -50.12 -24.54 2.56
CA LYS B 105 -51.15 -25.55 2.40
C LYS B 105 -51.15 -26.10 0.98
N LYS B 106 -50.95 -25.23 -0.01
CA LYS B 106 -50.86 -25.73 -1.38
C LYS B 106 -49.68 -26.68 -1.53
N ASP B 107 -48.61 -26.46 -0.77
CA ASP B 107 -47.48 -27.35 -0.76
C ASP B 107 -47.68 -28.55 0.16
N GLY B 108 -48.86 -28.72 0.73
CA GLY B 108 -49.11 -29.85 1.59
C GLY B 108 -48.30 -29.83 2.87
N LYS B 109 -47.99 -28.65 3.38
CA LYS B 109 -47.27 -28.52 4.65
C LYS B 109 -48.20 -27.93 5.69
N VAL B 110 -47.86 -28.20 6.95
CA VAL B 110 -48.61 -27.64 8.07
C VAL B 110 -48.51 -26.13 8.09
N GLN B 111 -49.64 -25.47 8.31
CA GLN B 111 -49.71 -24.03 8.36
C GLN B 111 -49.46 -23.51 9.78
N ALA B 112 -49.13 -22.24 9.86
CA ALA B 112 -48.99 -21.61 11.15
C ALA B 112 -50.36 -21.43 11.77
N THR B 113 -50.41 -21.46 13.10
CA THR B 113 -51.66 -21.37 13.83
C THR B 113 -52.21 -19.95 13.92
N ASN B 114 -51.40 -18.95 13.59
CA ASN B 114 -51.83 -17.57 13.54
C ASN B 114 -51.50 -17.01 12.17
N SER B 115 -52.45 -16.32 11.58
CA SER B 115 -52.32 -15.80 10.23
C SER B 115 -52.57 -14.31 10.31
N PHE B 116 -51.78 -13.53 9.57
CA PHE B 116 -51.92 -12.09 9.63
C PHE B 116 -52.05 -11.54 8.22
N SER B 117 -52.62 -10.34 8.15
CA SER B 117 -52.93 -9.68 6.90
C SER B 117 -52.62 -8.20 7.01
N GLY B 118 -52.35 -7.57 5.89
CA GLY B 118 -51.90 -6.19 5.87
C GLY B 118 -50.43 -6.13 5.47
N VAL B 119 -50.09 -5.12 4.68
CA VAL B 119 -48.71 -4.88 4.30
C VAL B 119 -47.85 -4.61 5.53
N ASN B 120 -48.41 -3.92 6.52
CA ASN B 120 -47.74 -3.69 7.79
C ASN B 120 -48.48 -4.42 8.88
N TYR B 121 -47.77 -5.29 9.59
CA TYR B 121 -48.33 -6.02 10.71
C TYR B 121 -47.35 -5.93 11.88
N TRP B 122 -47.86 -5.64 13.07
CA TRP B 122 -47.03 -5.56 14.27
C TRP B 122 -47.12 -6.90 14.99
N LEU B 123 -46.02 -7.66 14.98
CA LEU B 123 -45.99 -8.85 15.82
C LEU B 123 -45.91 -8.44 17.29
N VAL B 124 -45.01 -7.53 17.63
CA VAL B 124 -44.99 -6.89 18.93
C VAL B 124 -44.96 -5.39 18.67
N LYS B 125 -46.03 -4.70 19.04
CA LYS B 125 -46.12 -3.26 18.80
C LYS B 125 -44.88 -2.54 19.32
N ASN B 126 -44.29 -1.73 18.45
CA ASN B 126 -43.07 -0.93 18.59
C ASN B 126 -41.82 -1.77 18.69
N LYS B 127 -41.90 -3.07 18.58
CA LYS B 127 -40.64 -3.79 18.70
C LYS B 127 -40.35 -4.71 17.53
N ILE B 128 -41.35 -5.42 17.02
CA ILE B 128 -41.17 -6.35 15.92
C ILE B 128 -42.26 -6.08 14.90
N GLU B 129 -41.90 -5.42 13.80
CA GLU B 129 -42.82 -5.12 12.71
C GLU B 129 -42.56 -6.00 11.49
N VAL B 130 -43.62 -6.35 10.78
CA VAL B 130 -43.56 -7.10 9.54
C VAL B 130 -44.04 -6.23 8.40
N PHE B 131 -43.32 -6.28 7.28
CA PHE B 131 -43.63 -5.47 6.11
C PHE B 131 -43.55 -6.34 4.87
N TYR B 132 -44.49 -6.16 3.98
CA TYR B 132 -44.49 -6.91 2.74
C TYR B 132 -44.07 -5.97 1.62
N PRO B 133 -42.93 -6.20 0.98
CA PRO B 133 -42.46 -5.28 -0.06
C PRO B 133 -43.08 -5.50 -1.43
N GLY B 134 -43.73 -6.64 -1.66
CA GLY B 134 -44.10 -7.06 -2.98
C GLY B 134 -43.47 -8.40 -3.28
N PRO B 135 -43.78 -9.01 -4.42
CA PRO B 135 -43.14 -10.29 -4.73
C PRO B 135 -41.69 -10.10 -5.15
N GLY B 136 -40.90 -11.13 -4.90
CA GLY B 136 -39.51 -11.17 -5.28
C GLY B 136 -38.96 -12.59 -5.28
N HIS B 137 -38.28 -12.97 -4.21
CA HIS B 137 -37.79 -14.33 -4.09
C HIS B 137 -38.93 -15.34 -4.15
N THR B 138 -40.03 -15.03 -3.49
CA THR B 138 -41.29 -15.77 -3.53
C THR B 138 -42.41 -14.74 -3.61
N PRO B 139 -43.65 -15.14 -3.87
CA PRO B 139 -44.75 -14.16 -3.89
C PRO B 139 -45.10 -13.59 -2.52
N ASP B 140 -44.76 -14.31 -1.44
CA ASP B 140 -45.23 -14.02 -0.11
C ASP B 140 -44.17 -13.42 0.80
N ASN B 141 -42.95 -13.22 0.33
CA ASN B 141 -41.86 -12.92 1.25
C ASN B 141 -42.12 -11.64 2.02
N VAL B 142 -41.89 -11.69 3.33
CA VAL B 142 -41.96 -10.49 4.15
C VAL B 142 -40.60 -10.26 4.81
N VAL B 143 -40.42 -9.03 5.29
CA VAL B 143 -39.25 -8.67 6.07
C VAL B 143 -39.72 -8.31 7.48
N VAL B 144 -38.76 -8.33 8.40
CA VAL B 144 -39.03 -8.02 9.80
C VAL B 144 -38.11 -6.89 10.24
N TRP B 145 -38.69 -5.83 10.77
CA TRP B 145 -37.99 -4.63 11.17
C TRP B 145 -37.95 -4.55 12.69
N LEU B 146 -36.79 -4.22 13.25
CA LEU B 146 -36.65 -4.01 14.69
C LEU B 146 -36.42 -2.52 14.92
N PRO B 147 -37.47 -1.74 15.20
CA PRO B 147 -37.35 -0.28 15.19
C PRO B 147 -36.37 0.27 16.20
N GLU B 148 -36.20 -0.38 17.34
CA GLU B 148 -35.32 0.15 18.38
C GLU B 148 -33.87 -0.05 18.03
N ARG B 149 -33.55 -1.10 17.28
CA ARG B 149 -32.18 -1.39 16.92
C ARG B 149 -31.84 -0.98 15.49
N LYS B 150 -32.86 -0.62 14.71
CA LYS B 150 -32.71 -0.35 13.29
C LYS B 150 -32.11 -1.54 12.56
N ILE B 151 -32.59 -2.73 12.88
CA ILE B 151 -32.14 -3.98 12.27
C ILE B 151 -33.27 -4.53 11.42
N LEU B 152 -32.96 -4.87 10.19
CA LEU B 152 -33.94 -5.39 9.25
C LEU B 152 -33.57 -6.83 8.91
N PHE B 153 -34.43 -7.77 9.25
CA PHE B 153 -34.25 -9.12 8.76
C PHE B 153 -34.80 -9.19 7.35
N GLY B 154 -33.90 -9.32 6.38
CA GLY B 154 -34.31 -9.32 4.98
C GLY B 154 -34.77 -10.64 4.46
N GLY B 155 -34.48 -11.73 5.15
CA GLY B 155 -34.92 -13.00 4.67
C GLY B 155 -34.26 -13.35 3.34
N CYS B 156 -34.91 -14.25 2.62
CA CYS B 156 -34.44 -14.67 1.31
C CYS B 156 -34.72 -13.63 0.22
N PHE B 157 -35.36 -12.51 0.57
CA PHE B 157 -35.50 -11.42 -0.36
C PHE B 157 -34.18 -10.68 -0.57
N ILE B 158 -33.36 -10.54 0.47
CA ILE B 158 -32.12 -9.79 0.31
C ILE B 158 -31.11 -10.72 -0.35
N LYS B 159 -30.61 -10.31 -1.51
CA LYS B 159 -29.76 -11.17 -2.34
C LYS B 159 -28.73 -10.28 -3.03
N PRO B 160 -27.68 -9.89 -2.32
CA PRO B 160 -26.73 -8.91 -2.86
C PRO B 160 -25.74 -9.43 -3.89
N TYR B 161 -25.62 -10.75 -4.09
CA TYR B 161 -24.58 -11.31 -4.94
C TYR B 161 -25.13 -12.27 -5.98
N GLY B 162 -26.43 -12.21 -6.27
CA GLY B 162 -27.09 -13.18 -7.13
C GLY B 162 -28.39 -13.59 -6.47
N LEU B 163 -29.38 -13.97 -7.29
CA LEU B 163 -30.74 -14.10 -6.82
C LEU B 163 -31.08 -15.45 -6.21
N GLY B 164 -30.22 -16.45 -6.37
CA GLY B 164 -30.43 -17.71 -5.69
C GLY B 164 -31.49 -18.59 -6.33
N ASN B 165 -32.30 -19.28 -5.53
CA ASN B 165 -33.28 -20.22 -6.09
C ASN B 165 -34.48 -19.47 -6.68
N LEU B 166 -34.75 -19.70 -7.96
CA LEU B 166 -35.79 -18.95 -8.66
C LEU B 166 -37.04 -19.77 -8.92
N GLY B 167 -37.11 -21.01 -8.43
CA GLY B 167 -38.24 -21.88 -8.67
C GLY B 167 -39.59 -21.30 -8.27
N ASP B 168 -39.62 -20.31 -7.40
CA ASP B 168 -40.87 -19.68 -7.01
C ASP B 168 -40.79 -18.17 -7.13
N ALA B 169 -39.78 -17.68 -7.82
CA ALA B 169 -39.55 -16.26 -7.77
C ALA B 169 -40.46 -15.53 -8.75
N ASN B 170 -40.66 -14.26 -8.46
CA ASN B 170 -41.38 -13.37 -9.35
C ASN B 170 -40.36 -12.34 -9.83
N ILE B 171 -39.71 -12.66 -10.95
CA ILE B 171 -38.55 -11.87 -11.38
C ILE B 171 -38.96 -10.52 -11.96
N GLU B 172 -40.17 -10.38 -12.51
CA GLU B 172 -40.56 -9.07 -13.06
C GLU B 172 -40.99 -8.09 -11.98
N ALA B 173 -41.51 -8.59 -10.86
CA ALA B 173 -41.91 -7.73 -9.76
C ALA B 173 -40.78 -7.45 -8.78
N TRP B 174 -39.77 -8.31 -8.71
CA TRP B 174 -38.72 -8.16 -7.70
C TRP B 174 -38.04 -6.80 -7.71
N PRO B 175 -37.69 -6.21 -8.86
CA PRO B 175 -37.09 -4.87 -8.82
C PRO B 175 -37.97 -3.81 -8.22
N LYS B 176 -39.26 -3.83 -8.54
CA LYS B 176 -40.20 -2.90 -7.93
C LYS B 176 -40.24 -3.07 -6.41
N SER B 177 -40.42 -4.30 -5.93
CA SER B 177 -40.42 -4.53 -4.49
C SER B 177 -39.09 -4.13 -3.87
N ALA B 178 -37.97 -4.40 -4.56
CA ALA B 178 -36.67 -4.04 -4.00
C ALA B 178 -36.52 -2.53 -3.86
N LYS B 179 -37.08 -1.77 -4.80
CA LYS B 179 -36.98 -0.32 -4.71
C LYS B 179 -37.84 0.19 -3.57
N LEU B 180 -38.97 -0.47 -3.33
CA LEU B 180 -39.83 -0.05 -2.23
C LEU B 180 -39.17 -0.36 -0.89
N LEU B 181 -38.49 -1.50 -0.79
CA LEU B 181 -37.80 -1.83 0.45
C LEU B 181 -36.66 -0.86 0.71
N LYS B 182 -35.91 -0.50 -0.33
CA LYS B 182 -34.79 0.42 -0.16
C LYS B 182 -35.27 1.78 0.33
N SER B 183 -36.33 2.31 -0.28
CA SER B 183 -36.77 3.62 0.16
C SER B 183 -37.31 3.60 1.57
N LYS B 184 -37.84 2.46 2.03
CA LYS B 184 -38.44 2.40 3.36
C LYS B 184 -37.40 2.20 4.46
N TYR B 185 -36.33 1.43 4.18
CA TYR B 185 -35.41 1.01 5.22
C TYR B 185 -33.99 1.46 4.94
N GLY B 186 -33.85 2.57 4.22
CA GLY B 186 -32.53 3.11 3.93
C GLY B 186 -31.76 3.53 5.16
N LYS B 187 -32.44 3.83 6.26
CA LYS B 187 -31.78 4.18 7.51
C LYS B 187 -31.40 2.97 8.33
N ALA B 188 -31.59 1.76 7.80
CA ALA B 188 -31.27 0.57 8.56
C ALA B 188 -29.80 0.57 8.92
N LYS B 189 -29.53 0.19 10.16
CA LYS B 189 -28.16 0.03 10.63
C LYS B 189 -27.59 -1.29 10.15
N LEU B 190 -28.36 -2.37 10.25
CA LEU B 190 -27.94 -3.69 9.83
C LEU B 190 -29.04 -4.32 8.99
N VAL B 191 -28.64 -5.05 7.95
CA VAL B 191 -29.54 -5.88 7.16
C VAL B 191 -29.04 -7.31 7.23
N VAL B 192 -29.92 -8.22 7.61
CA VAL B 192 -29.54 -9.62 7.82
C VAL B 192 -30.16 -10.47 6.71
N PRO B 193 -29.38 -10.91 5.72
CA PRO B 193 -29.93 -11.79 4.68
C PRO B 193 -30.09 -13.21 5.20
N SER B 194 -30.84 -14.00 4.43
CA SER B 194 -31.01 -15.40 4.78
C SER B 194 -29.73 -16.20 4.53
N HIS B 195 -29.05 -15.96 3.41
CA HIS B 195 -28.02 -16.88 2.94
C HIS B 195 -26.66 -16.22 2.73
N SER B 196 -26.48 -15.00 3.18
CA SER B 196 -25.27 -14.21 2.99
C SER B 196 -25.04 -13.40 4.26
N GLU B 197 -23.89 -12.73 4.35
CA GLU B 197 -23.48 -12.17 5.62
C GLU B 197 -24.26 -10.91 5.96
N VAL B 198 -24.39 -10.63 7.25
CA VAL B 198 -24.86 -9.35 7.73
C VAL B 198 -24.05 -8.22 7.13
N GLY B 199 -24.74 -7.17 6.68
CA GLY B 199 -24.13 -5.94 6.21
C GLY B 199 -24.94 -4.74 6.66
N ASP B 200 -24.63 -3.55 6.16
CA ASP B 200 -25.37 -2.34 6.49
C ASP B 200 -26.43 -2.10 5.42
N ALA B 201 -26.98 -0.88 5.35
CA ALA B 201 -28.12 -0.64 4.45
C ALA B 201 -27.75 -0.70 2.97
N SER B 202 -26.45 -0.78 2.65
CA SER B 202 -26.06 -0.96 1.26
C SER B 202 -26.58 -2.26 0.67
N LEU B 203 -26.92 -3.25 1.51
CA LEU B 203 -27.45 -4.50 0.96
C LEU B 203 -28.79 -4.28 0.27
N LEU B 204 -29.51 -3.20 0.61
CA LEU B 204 -30.74 -2.92 -0.11
C LEU B 204 -30.44 -2.50 -1.53
N LYS B 205 -29.42 -1.64 -1.71
CA LYS B 205 -29.03 -1.24 -3.06
C LYS B 205 -28.51 -2.41 -3.87
N LEU B 206 -27.71 -3.29 -3.24
CA LEU B 206 -27.18 -4.42 -3.99
C LEU B 206 -28.29 -5.38 -4.39
N THR B 207 -29.29 -5.56 -3.53
CA THR B 207 -30.39 -6.46 -3.84
C THR B 207 -31.21 -5.95 -5.02
N LEU B 208 -31.43 -4.63 -5.06
CA LEU B 208 -32.08 -4.02 -6.22
C LEU B 208 -31.26 -4.22 -7.50
N GLU B 209 -29.95 -3.95 -7.46
CA GLU B 209 -29.13 -4.16 -8.64
C GLU B 209 -29.22 -5.60 -9.11
N GLN B 210 -29.24 -6.55 -8.19
CA GLN B 210 -29.28 -7.95 -8.60
C GLN B 210 -30.62 -8.29 -9.23
N ALA B 211 -31.72 -7.78 -8.68
CA ALA B 211 -33.03 -8.06 -9.25
C ALA B 211 -33.21 -7.45 -10.62
N VAL B 212 -32.60 -6.27 -10.86
CA VAL B 212 -32.65 -5.66 -12.19
C VAL B 212 -31.86 -6.50 -13.19
N LYS B 213 -30.59 -6.77 -12.88
CA LYS B 213 -29.77 -7.59 -13.75
C LYS B 213 -30.42 -8.94 -14.02
N GLY B 214 -31.00 -9.55 -12.99
CA GLY B 214 -31.64 -10.84 -13.18
C GLY B 214 -32.84 -10.77 -14.11
N LEU B 215 -33.64 -9.70 -13.97
CA LEU B 215 -34.78 -9.53 -14.87
C LEU B 215 -34.31 -9.30 -16.30
N ASN B 216 -33.27 -8.49 -16.49
CA ASN B 216 -32.77 -8.22 -17.83
C ASN B 216 -32.18 -9.48 -18.48
N GLU B 217 -31.41 -10.25 -17.71
CA GLU B 217 -30.84 -11.46 -18.28
C GLU B 217 -31.90 -12.49 -18.59
N SER B 218 -33.07 -12.41 -17.97
CA SER B 218 -34.16 -13.32 -18.36
C SER B 218 -34.71 -13.00 -19.76
N LYS B 219 -34.15 -12.01 -20.46
CA LYS B 219 -34.63 -11.60 -21.76
C LYS B 219 -33.59 -11.71 -22.89
N SER C 1 36.62 20.61 37.82
CA SER C 1 36.52 19.16 37.69
C SER C 1 35.05 18.74 37.59
N LEU C 2 34.81 17.44 37.40
CA LEU C 2 33.52 16.95 36.97
C LEU C 2 32.47 17.07 38.10
N PRO C 3 31.26 17.52 37.78
CA PRO C 3 30.15 17.45 38.74
C PRO C 3 29.88 16.02 39.20
N ASP C 4 29.29 15.90 40.39
CA ASP C 4 29.04 14.57 40.94
C ASP C 4 27.73 13.99 40.43
N LEU C 5 27.65 12.66 40.47
CA LEU C 5 26.44 11.91 40.23
C LEU C 5 25.25 12.58 40.91
N LYS C 6 24.08 12.53 40.29
CA LYS C 6 22.91 13.21 40.81
C LYS C 6 21.71 12.30 40.66
N ILE C 7 20.95 12.12 41.74
CA ILE C 7 19.78 11.26 41.73
C ILE C 7 18.60 12.10 42.16
N GLU C 8 17.61 12.20 41.29
CA GLU C 8 16.44 13.03 41.53
C GLU C 8 15.20 12.22 41.28
N LYS C 9 14.23 12.36 42.16
CA LYS C 9 13.00 11.62 41.97
C LYS C 9 12.23 12.24 40.82
N LEU C 10 11.83 11.42 39.86
CA LEU C 10 11.03 11.92 38.76
C LEU C 10 9.55 11.67 38.97
N ASP C 11 9.20 10.59 39.64
CA ASP C 11 7.82 10.17 39.80
C ASP C 11 7.85 9.07 40.84
N GLU C 12 6.66 8.57 41.18
CA GLU C 12 6.60 7.43 42.10
C GLU C 12 7.31 6.24 41.49
N GLY C 13 8.31 5.74 42.22
CA GLY C 13 9.08 4.62 41.75
C GLY C 13 9.99 4.90 40.58
N VAL C 14 10.36 6.16 40.32
CA VAL C 14 11.14 6.49 39.13
C VAL C 14 12.11 7.62 39.47
N TYR C 15 13.40 7.35 39.32
CA TYR C 15 14.45 8.33 39.57
C TYR C 15 15.23 8.58 38.30
N VAL C 16 15.62 9.83 38.06
CA VAL C 16 16.63 10.18 37.05
C VAL C 16 17.98 10.25 37.73
N HIS C 17 18.96 9.55 37.18
CA HIS C 17 20.35 9.70 37.56
C HIS C 17 21.08 10.42 36.43
N THR C 18 21.91 11.38 36.80
CA THR C 18 22.66 12.15 35.81
C THR C 18 24.12 12.06 36.19
N SER C 19 24.95 11.63 35.23
CA SER C 19 26.38 11.51 35.45
C SER C 19 27.08 12.35 34.39
N PHE C 20 28.36 12.64 34.61
CA PHE C 20 29.07 13.63 33.82
C PHE C 20 30.42 13.13 33.37
N GLU C 21 30.83 13.60 32.19
CA GLU C 21 32.00 13.10 31.50
C GLU C 21 32.44 14.07 30.45
N GLU C 22 33.73 14.39 30.40
CA GLU C 22 34.25 15.19 29.31
C GLU C 22 34.43 14.27 28.10
N VAL C 23 33.84 14.68 26.97
CA VAL C 23 33.77 13.86 25.77
C VAL C 23 34.33 14.68 24.62
N ASN C 24 35.40 14.17 24.00
CA ASN C 24 36.23 14.96 23.09
C ASN C 24 35.38 15.65 22.03
N GLY C 25 35.40 16.97 22.05
CA GLY C 25 34.67 17.78 21.11
C GLY C 25 33.35 18.30 21.62
N TRP C 26 32.94 17.93 22.82
CA TRP C 26 31.66 18.35 23.36
C TRP C 26 31.78 19.01 24.72
N GLY C 27 32.94 19.00 25.34
CA GLY C 27 33.03 19.52 26.69
C GLY C 27 32.49 18.53 27.71
N VAL C 28 31.98 19.08 28.81
CA VAL C 28 31.42 18.28 29.89
C VAL C 28 29.98 17.93 29.51
N VAL C 29 29.69 16.65 29.43
CA VAL C 29 28.43 16.14 28.90
C VAL C 29 27.66 15.50 30.05
N PRO C 30 26.44 15.92 30.34
CA PRO C 30 25.59 15.18 31.27
C PRO C 30 24.80 14.10 30.55
N LYS C 31 24.56 13.00 31.28
CA LYS C 31 23.83 11.86 30.76
C LYS C 31 22.76 11.44 31.77
N HIS C 32 21.49 11.54 31.37
CA HIS C 32 20.38 11.01 32.17
C HIS C 32 20.12 9.54 31.87
N GLY C 33 19.95 8.74 32.92
CA GLY C 33 19.34 7.42 32.85
C GLY C 33 18.25 7.37 33.90
N LEU C 34 17.59 6.23 34.08
CA LEU C 34 16.55 6.09 35.10
C LEU C 34 16.92 4.98 36.08
N VAL C 35 16.32 5.05 37.27
CA VAL C 35 16.21 3.90 38.16
C VAL C 35 14.72 3.72 38.44
N VAL C 36 14.25 2.48 38.32
CA VAL C 36 12.83 2.18 38.38
C VAL C 36 12.61 1.18 39.51
N LEU C 37 11.72 1.53 40.43
CA LEU C 37 11.39 0.69 41.57
C LEU C 37 10.14 -0.12 41.24
N VAL C 38 10.31 -1.44 41.19
CA VAL C 38 9.21 -2.39 41.13
C VAL C 38 9.20 -3.12 42.46
N ASN C 39 8.30 -2.72 43.35
CA ASN C 39 8.22 -3.25 44.71
C ASN C 39 9.54 -2.95 45.41
N ALA C 40 10.20 -3.93 46.01
CA ALA C 40 11.41 -3.67 46.76
C ALA C 40 12.65 -3.84 45.92
N GLU C 41 12.56 -3.58 44.63
CA GLU C 41 13.62 -3.90 43.69
C GLU C 41 13.87 -2.70 42.80
N ALA C 42 15.13 -2.54 42.39
CA ALA C 42 15.51 -1.42 41.55
C ALA C 42 16.01 -1.95 40.22
N TYR C 43 15.73 -1.21 39.15
CA TYR C 43 16.22 -1.56 37.82
C TYR C 43 16.89 -0.35 37.23
N LEU C 44 18.15 -0.50 36.82
CA LEU C 44 18.87 0.61 36.20
C LEU C 44 18.52 0.68 34.73
N ILE C 45 17.94 1.81 34.30
CA ILE C 45 17.71 2.09 32.89
C ILE C 45 18.90 2.90 32.41
N ASP C 46 19.85 2.23 31.75
CA ASP C 46 21.19 2.72 31.40
C ASP C 46 22.07 2.82 32.64
N THR C 47 23.36 2.68 32.45
CA THR C 47 24.35 2.93 33.50
C THR C 47 24.99 4.30 33.31
N PRO C 48 25.55 4.86 34.37
CA PRO C 48 26.46 6.02 34.21
C PRO C 48 27.65 5.74 33.31
N PHE C 49 28.46 6.78 33.05
CA PHE C 49 29.65 6.62 32.21
C PHE C 49 30.62 5.60 32.77
N THR C 50 30.81 5.58 34.09
CA THR C 50 31.95 4.91 34.71
C THR C 50 31.45 3.86 35.68
N ALA C 51 32.32 2.91 35.99
CA ALA C 51 31.98 1.96 37.04
C ALA C 51 31.84 2.63 38.42
N LYS C 52 32.68 3.63 38.69
CA LYS C 52 32.62 4.35 39.95
C LYS C 52 31.25 5.00 40.17
N ASP C 53 30.73 5.69 39.17
CA ASP C 53 29.40 6.28 39.31
C ASP C 53 28.34 5.20 39.29
N THR C 54 28.59 4.11 38.56
CA THR C 54 27.68 2.98 38.59
C THR C 54 27.65 2.35 39.97
N GLU C 55 28.81 2.26 40.61
CA GLU C 55 28.83 1.83 42.01
C GLU C 55 28.13 2.83 42.92
N LYS C 56 28.42 4.13 42.76
CA LYS C 56 27.76 5.11 43.60
C LYS C 56 26.25 5.05 43.42
N LEU C 57 25.80 4.85 42.19
CA LEU C 57 24.37 4.75 41.92
C LEU C 57 23.75 3.54 42.59
N VAL C 58 24.39 2.38 42.44
CA VAL C 58 23.87 1.14 43.01
C VAL C 58 23.79 1.22 44.53
N THR C 59 24.86 1.68 45.18
CA THR C 59 24.90 1.73 46.65
C THR C 59 23.84 2.67 47.21
N TRP C 60 23.60 3.78 46.52
CA TRP C 60 22.55 4.71 46.95
C TRP C 60 21.21 4.00 47.13
N PHE C 61 20.87 3.07 46.22
CA PHE C 61 19.59 2.37 46.33
C PHE C 61 19.67 1.18 47.29
N VAL C 62 20.79 0.48 47.31
CA VAL C 62 20.99 -0.63 48.25
C VAL C 62 20.92 -0.15 49.70
N GLU C 63 21.48 1.04 49.99
CA GLU C 63 21.45 1.59 51.33
C GLU C 63 20.04 1.90 51.78
N ARG C 64 19.19 2.28 50.84
CA ARG C 64 17.81 2.57 51.08
C ARG C 64 16.94 1.32 51.02
N GLY C 65 17.56 0.14 51.05
CA GLY C 65 16.84 -1.11 51.15
C GLY C 65 16.34 -1.70 49.86
N TYR C 66 16.82 -1.23 48.70
CA TYR C 66 16.41 -1.77 47.42
C TYR C 66 17.53 -2.60 46.82
N LYS C 67 17.26 -3.87 46.52
CA LYS C 67 18.21 -4.69 45.81
C LYS C 67 18.15 -4.37 44.32
N ILE C 68 19.27 -4.51 43.63
CA ILE C 68 19.33 -4.28 42.19
C ILE C 68 19.01 -5.59 41.49
N LYS C 69 17.95 -5.60 40.69
CA LYS C 69 17.57 -6.82 40.02
C LYS C 69 17.98 -6.86 38.55
N GLY C 70 18.40 -5.74 37.97
CA GLY C 70 18.85 -5.81 36.60
C GLY C 70 19.12 -4.43 36.06
N SER C 71 19.83 -4.40 34.92
CA SER C 71 20.05 -3.17 34.21
C SER C 71 19.93 -3.41 32.71
N ILE C 72 19.37 -2.44 32.02
CA ILE C 72 19.21 -2.43 30.57
C ILE C 72 20.00 -1.25 30.03
N SER C 73 20.70 -1.46 28.93
CA SER C 73 21.44 -0.40 28.24
C SER C 73 20.76 -0.12 26.92
N SER C 74 20.42 1.15 26.66
CA SER C 74 19.58 1.50 25.52
C SER C 74 20.34 1.56 24.19
N HIS C 75 21.67 1.65 24.21
CA HIS C 75 22.49 1.52 23.02
C HIS C 75 23.91 1.25 23.50
N PHE C 76 24.85 1.21 22.57
CA PHE C 76 26.12 0.60 22.90
C PHE C 76 27.19 1.58 23.33
N HIS C 77 26.97 2.88 23.16
CA HIS C 77 27.96 3.85 23.59
C HIS C 77 28.12 3.80 25.10
N SER C 78 29.31 4.16 25.57
CA SER C 78 29.62 4.07 26.99
C SER C 78 28.84 5.04 27.86
N ASP C 79 28.02 5.93 27.31
CA ASP C 79 27.14 6.69 28.18
C ASP C 79 25.90 5.89 28.57
N SER C 80 25.71 4.70 27.98
CA SER C 80 24.65 3.78 28.37
C SER C 80 25.18 2.47 28.91
N THR C 81 26.45 2.13 28.67
CA THR C 81 27.01 0.82 28.99
C THR C 81 28.24 0.87 29.87
N GLY C 82 28.77 2.05 30.20
CA GLY C 82 30.04 2.13 30.88
C GLY C 82 30.08 1.33 32.17
N GLY C 83 28.93 1.06 32.76
CA GLY C 83 28.84 0.33 34.01
C GLY C 83 28.63 -1.16 33.92
N ILE C 84 28.46 -1.73 32.71
CA ILE C 84 28.11 -3.14 32.55
C ILE C 84 29.15 -4.05 33.20
N GLU C 85 30.43 -3.78 32.94
CA GLU C 85 31.49 -4.63 33.48
C GLU C 85 31.48 -4.63 35.01
N TRP C 86 31.32 -3.46 35.63
CA TRP C 86 31.22 -3.46 37.09
C TRP C 86 29.99 -4.21 37.57
N LEU C 87 28.85 -4.07 36.87
CA LEU C 87 27.65 -4.78 37.27
C LEU C 87 27.83 -6.27 37.15
N ASN C 88 28.35 -6.74 36.02
CA ASN C 88 28.62 -8.15 35.80
C ASN C 88 29.52 -8.73 36.88
N SER C 89 30.49 -7.95 37.36
CA SER C 89 31.36 -8.45 38.41
C SER C 89 30.64 -8.58 39.75
N ARG C 90 29.47 -7.96 39.91
CA ARG C 90 28.68 -8.07 41.13
C ARG C 90 27.51 -9.04 40.98
N SER C 91 27.43 -9.75 39.86
CA SER C 91 26.32 -10.66 39.58
C SER C 91 25.01 -9.93 39.42
N ILE C 92 25.06 -8.67 39.05
CA ILE C 92 23.82 -7.95 38.78
C ILE C 92 23.47 -8.21 37.32
N PRO C 93 22.31 -8.79 37.03
CA PRO C 93 21.97 -9.12 35.64
C PRO C 93 22.02 -7.89 34.75
N THR C 94 22.67 -8.02 33.61
CA THR C 94 22.71 -6.94 32.64
C THR C 94 22.01 -7.37 31.36
N TYR C 95 21.26 -6.44 30.76
CA TYR C 95 20.50 -6.68 29.54
C TYR C 95 20.88 -5.66 28.48
N ALA C 96 20.93 -6.12 27.25
CA ALA C 96 21.22 -5.31 26.08
C ALA C 96 20.75 -6.11 24.88
N SER C 97 20.36 -5.42 23.83
CA SER C 97 19.85 -6.11 22.66
C SER C 97 20.93 -6.98 22.05
N GLU C 98 20.50 -8.04 21.36
CA GLU C 98 21.41 -8.88 20.59
C GLU C 98 22.36 -8.02 19.77
N LEU C 99 21.83 -7.04 19.04
CA LEU C 99 22.67 -6.15 18.26
C LEU C 99 23.61 -5.32 19.13
N THR C 100 23.10 -4.77 20.24
CA THR C 100 23.94 -3.95 21.13
C THR C 100 25.13 -4.74 21.66
N ASN C 101 24.90 -5.98 22.08
CA ASN C 101 26.02 -6.84 22.48
C ASN C 101 26.96 -7.11 21.31
N GLU C 102 26.44 -7.21 20.09
CA GLU C 102 27.30 -7.38 18.92
C GLU C 102 28.23 -6.18 18.72
N LEU C 103 27.70 -4.97 18.89
CA LEU C 103 28.50 -3.76 18.70
C LEU C 103 29.53 -3.61 19.80
N LEU C 104 29.17 -3.95 21.03
CA LEU C 104 30.12 -3.87 22.12
C LEU C 104 31.28 -4.80 21.88
N LYS C 105 30.98 -6.02 21.42
CA LYS C 105 32.03 -6.97 21.09
C LYS C 105 32.93 -6.42 19.99
N LYS C 106 32.34 -5.91 18.91
CA LYS C 106 33.12 -5.29 17.83
C LYS C 106 34.12 -4.28 18.38
N ASP C 107 33.66 -3.39 19.27
CA ASP C 107 34.51 -2.36 19.85
C ASP C 107 35.43 -2.88 20.95
N GLY C 108 35.36 -4.16 21.29
CA GLY C 108 36.19 -4.68 22.36
C GLY C 108 35.70 -4.39 23.76
N LYS C 109 34.41 -4.11 23.95
CA LYS C 109 33.89 -3.78 25.27
C LYS C 109 33.10 -4.95 25.83
N VAL C 110 32.97 -4.96 27.16
CA VAL C 110 32.23 -6.03 27.83
C VAL C 110 30.76 -6.01 27.42
N GLN C 111 30.17 -7.19 27.26
CA GLN C 111 28.78 -7.34 26.89
C GLN C 111 27.89 -7.66 28.08
N ALA C 112 26.62 -7.38 27.89
CA ALA C 112 25.61 -7.77 28.85
C ALA C 112 25.51 -9.30 28.94
N THR C 113 25.18 -9.78 30.13
CA THR C 113 25.01 -11.22 30.30
C THR C 113 23.64 -11.73 29.85
N ASN C 114 22.74 -10.86 29.43
CA ASN C 114 21.43 -11.28 28.94
C ASN C 114 21.12 -10.46 27.71
N SER C 115 20.62 -11.09 26.65
CA SER C 115 20.21 -10.34 25.48
C SER C 115 18.82 -10.73 25.06
N PHE C 116 18.26 -9.87 24.24
CA PHE C 116 16.95 -10.06 23.67
C PHE C 116 17.09 -9.73 22.20
N SER C 117 16.22 -10.32 21.41
CA SER C 117 16.02 -9.92 20.04
C SER C 117 14.54 -9.62 19.88
N GLY C 118 14.16 -9.21 18.70
CA GLY C 118 12.79 -8.80 18.50
C GLY C 118 12.61 -7.32 18.76
N VAL C 119 11.47 -6.83 18.30
CA VAL C 119 11.21 -5.40 18.34
C VAL C 119 10.70 -4.97 19.71
N ASN C 120 9.98 -5.85 20.41
CA ASN C 120 9.55 -5.62 21.78
C ASN C 120 10.15 -6.64 22.73
N TYR C 121 10.23 -6.26 24.00
CA TYR C 121 10.73 -7.16 25.04
C TYR C 121 10.29 -6.66 26.40
N TRP C 122 9.63 -7.51 27.17
CA TRP C 122 9.36 -7.18 28.56
C TRP C 122 10.62 -7.40 29.37
N LEU C 123 11.12 -6.35 30.00
CA LEU C 123 12.17 -6.56 31.00
C LEU C 123 11.54 -6.99 32.31
N VAL C 124 10.42 -6.38 32.68
CA VAL C 124 9.58 -6.83 33.77
C VAL C 124 8.15 -6.74 33.27
N LYS C 125 7.44 -7.86 33.24
CA LYS C 125 6.12 -7.91 32.65
C LYS C 125 5.24 -6.78 33.17
N ASN C 126 4.69 -5.99 32.24
CA ASN C 126 3.75 -4.90 32.49
C ASN C 126 4.33 -3.73 33.25
N LYS C 127 5.64 -3.69 33.48
CA LYS C 127 6.27 -2.59 34.20
C LYS C 127 7.32 -1.87 33.37
N ILE C 128 8.25 -2.60 32.76
CA ILE C 128 9.36 -2.04 32.02
C ILE C 128 9.45 -2.74 30.68
N GLU C 129 9.20 -2.00 29.62
CA GLU C 129 9.13 -2.52 28.26
C GLU C 129 10.27 -1.92 27.44
N VAL C 130 10.76 -2.68 26.49
CA VAL C 130 11.79 -2.23 25.57
C VAL C 130 11.24 -2.31 24.17
N PHE C 131 11.49 -1.27 23.37
CA PHE C 131 11.01 -1.18 22.01
C PHE C 131 12.12 -0.69 21.10
N TYR C 132 12.24 -1.31 19.91
CA TYR C 132 13.21 -0.89 18.91
C TYR C 132 12.53 -0.10 17.80
N PRO C 133 12.77 1.21 17.67
CA PRO C 133 12.09 2.00 16.63
C PRO C 133 12.76 1.95 15.28
N GLY C 134 13.96 1.43 15.18
CA GLY C 134 14.72 1.47 13.96
C GLY C 134 15.98 2.24 14.23
N PRO C 135 16.93 2.21 13.30
CA PRO C 135 18.18 2.93 13.52
C PRO C 135 17.94 4.42 13.54
N GLY C 136 18.89 5.13 14.15
CA GLY C 136 18.84 6.56 14.26
C GLY C 136 20.13 7.14 14.79
N HIS C 137 20.17 7.35 16.11
CA HIS C 137 21.39 7.80 16.78
C HIS C 137 22.53 6.80 16.62
N THR C 138 22.22 5.50 16.73
CA THR C 138 23.07 4.36 16.39
C THR C 138 22.17 3.28 15.81
N PRO C 139 22.72 2.22 15.19
CA PRO C 139 21.84 1.19 14.63
C PRO C 139 21.04 0.44 15.68
N ASP C 140 21.55 0.35 16.90
CA ASP C 140 20.98 -0.50 17.93
C ASP C 140 20.12 0.23 18.95
N ASN C 141 19.88 1.53 18.80
CA ASN C 141 19.22 2.25 19.89
C ASN C 141 17.81 1.72 20.13
N VAL C 142 17.47 1.52 21.41
CA VAL C 142 16.13 1.17 21.82
C VAL C 142 15.65 2.17 22.87
N VAL C 143 14.33 2.18 23.08
CA VAL C 143 13.70 3.02 24.07
C VAL C 143 13.09 2.11 25.12
N VAL C 144 12.83 2.68 26.29
CA VAL C 144 12.27 1.97 27.42
C VAL C 144 11.00 2.68 27.83
N TRP C 145 9.95 1.93 28.10
CA TRP C 145 8.62 2.47 28.35
C TRP C 145 8.11 1.95 29.67
N LEU C 146 7.58 2.85 30.50
CA LEU C 146 6.99 2.47 31.79
C LEU C 146 5.49 2.65 31.66
N PRO C 147 4.74 1.60 31.33
CA PRO C 147 3.32 1.82 31.05
C PRO C 147 2.52 2.26 32.27
N GLU C 148 2.95 1.91 33.48
CA GLU C 148 2.16 2.29 34.64
C GLU C 148 2.22 3.79 34.93
N ARG C 149 3.20 4.50 34.38
CA ARG C 149 3.34 5.93 34.61
C ARG C 149 3.44 6.75 33.32
N LYS C 150 3.31 6.10 32.16
CA LYS C 150 3.34 6.75 30.84
C LYS C 150 4.62 7.56 30.64
N ILE C 151 5.76 6.98 31.01
CA ILE C 151 7.05 7.64 30.87
C ILE C 151 7.86 6.88 29.84
N LEU C 152 8.42 7.60 28.89
CA LEU C 152 9.28 7.04 27.86
C LEU C 152 10.71 7.49 28.13
N PHE C 153 11.61 6.55 28.33
CA PHE C 153 13.03 6.87 28.32
C PHE C 153 13.53 6.75 26.88
N GLY C 154 13.85 7.90 26.27
CA GLY C 154 14.27 7.92 24.88
C GLY C 154 15.74 7.70 24.66
N GLY C 155 16.55 7.79 25.70
CA GLY C 155 17.95 7.65 25.42
C GLY C 155 18.45 8.66 24.41
N CYS C 156 19.57 8.32 23.78
CA CYS C 156 20.19 9.25 22.85
C CYS C 156 19.46 9.35 21.50
N PHE C 157 18.36 8.63 21.33
CA PHE C 157 17.51 8.74 20.14
C PHE C 157 16.66 10.01 20.16
N ILE C 158 16.17 10.42 21.34
CA ILE C 158 15.41 11.66 21.43
C ILE C 158 16.38 12.82 21.42
N LYS C 159 16.24 13.70 20.44
CA LYS C 159 17.18 14.79 20.19
C LYS C 159 16.38 16.00 19.71
N PRO C 160 15.70 16.69 20.63
CA PRO C 160 14.77 17.73 20.18
C PRO C 160 15.43 19.00 19.66
N TYR C 161 16.73 19.22 19.86
CA TYR C 161 17.34 20.49 19.46
C TYR C 161 18.51 20.33 18.51
N GLY C 162 18.82 19.12 18.09
CA GLY C 162 20.04 18.85 17.35
C GLY C 162 20.41 17.40 17.57
N LEU C 163 20.91 16.73 16.54
CA LEU C 163 21.04 15.29 16.59
C LEU C 163 22.23 14.81 17.41
N GLY C 164 23.25 15.65 17.60
CA GLY C 164 24.34 15.34 18.50
C GLY C 164 25.49 14.64 17.80
N ASN C 165 26.15 13.73 18.50
CA ASN C 165 27.19 12.90 17.90
C ASN C 165 26.61 11.99 16.83
N LEU C 166 27.19 12.03 15.64
CA LEU C 166 26.66 11.31 14.50
C LEU C 166 27.63 10.28 13.94
N GLY C 167 28.75 10.07 14.60
CA GLY C 167 29.73 9.12 14.09
C GLY C 167 29.17 7.75 13.82
N ASP C 168 28.17 7.32 14.60
CA ASP C 168 27.59 6.00 14.42
C ASP C 168 26.14 6.06 14.00
N ALA C 169 25.66 7.22 13.57
CA ALA C 169 24.25 7.42 13.31
C ALA C 169 23.89 7.01 11.90
N ASN C 170 22.62 6.65 11.72
CA ASN C 170 22.03 6.31 10.43
C ASN C 170 21.09 7.45 10.09
N ILE C 171 21.64 8.49 9.46
CA ILE C 171 20.85 9.68 9.17
C ILE C 171 19.81 9.37 8.11
N GLU C 172 20.01 8.33 7.31
CA GLU C 172 19.00 7.96 6.33
C GLU C 172 17.77 7.38 7.01
N ALA C 173 17.96 6.56 8.05
CA ALA C 173 16.84 5.85 8.66
C ALA C 173 16.15 6.61 9.77
N TRP C 174 16.79 7.63 10.34
CA TRP C 174 16.27 8.25 11.56
C TRP C 174 14.85 8.80 11.40
N PRO C 175 14.49 9.53 10.34
CA PRO C 175 13.11 10.05 10.26
C PRO C 175 12.05 8.98 10.38
N LYS C 176 12.22 7.84 9.70
CA LYS C 176 11.21 6.78 9.76
C LYS C 176 11.10 6.19 11.15
N SER C 177 12.26 5.87 11.75
CA SER C 177 12.30 5.45 13.15
C SER C 177 11.59 6.45 14.05
N ALA C 178 11.89 7.73 13.90
CA ALA C 178 11.30 8.74 14.78
C ALA C 178 9.79 8.85 14.55
N LYS C 179 9.36 8.85 13.30
CA LYS C 179 7.93 8.86 13.02
C LYS C 179 7.25 7.63 13.59
N LEU C 180 7.93 6.48 13.57
CA LEU C 180 7.34 5.30 14.18
C LEU C 180 7.22 5.47 15.69
N LEU C 181 8.30 5.93 16.33
CA LEU C 181 8.27 6.15 17.76
C LEU C 181 7.21 7.16 18.15
N LYS C 182 7.06 8.22 17.36
CA LYS C 182 6.03 9.22 17.65
C LYS C 182 4.65 8.60 17.59
N SER C 183 4.37 7.81 16.58
CA SER C 183 3.06 7.15 16.50
C SER C 183 2.85 6.23 17.69
N LYS C 184 3.90 5.50 18.10
CA LYS C 184 3.70 4.50 19.14
C LYS C 184 3.51 5.13 20.52
N TYR C 185 4.09 6.28 20.80
CA TYR C 185 4.11 6.77 22.18
C TYR C 185 3.57 8.18 22.29
N GLY C 186 2.51 8.49 21.53
CA GLY C 186 1.93 9.82 21.61
C GLY C 186 1.29 10.13 22.95
N LYS C 187 0.93 9.10 23.71
CA LYS C 187 0.20 9.30 24.95
C LYS C 187 1.11 9.37 26.18
N ALA C 188 2.42 9.56 26.00
CA ALA C 188 3.33 9.66 27.13
C ALA C 188 3.13 10.96 27.89
N LYS C 189 3.13 10.87 29.22
CA LYS C 189 3.16 12.08 30.04
C LYS C 189 4.54 12.70 30.03
N LEU C 190 5.58 11.87 30.05
CA LEU C 190 6.95 12.35 30.10
C LEU C 190 7.81 11.57 29.13
N VAL C 191 8.69 12.29 28.43
CA VAL C 191 9.75 11.72 27.62
C VAL C 191 11.08 12.20 28.17
N VAL C 192 12.00 11.27 28.40
CA VAL C 192 13.29 11.53 29.04
C VAL C 192 14.39 11.31 28.01
N PRO C 193 15.10 12.35 27.59
CA PRO C 193 16.28 12.17 26.73
C PRO C 193 17.54 11.98 27.55
N SER C 194 18.61 11.60 26.84
CA SER C 194 19.89 11.36 27.50
C SER C 194 20.60 12.67 27.81
N HIS C 195 20.58 13.61 26.88
CA HIS C 195 21.46 14.75 26.91
C HIS C 195 20.73 16.08 26.97
N SER C 196 19.41 16.06 27.13
CA SER C 196 18.65 17.27 27.36
C SER C 196 17.65 16.97 28.47
N GLU C 197 16.71 17.87 28.70
CA GLU C 197 15.88 17.75 29.88
C GLU C 197 14.51 17.16 29.55
N VAL C 198 13.85 16.69 30.62
CA VAL C 198 12.55 16.05 30.49
C VAL C 198 11.56 16.99 29.82
N GLY C 199 10.75 16.44 28.93
CA GLY C 199 9.63 17.15 28.36
C GLY C 199 8.45 16.21 28.30
N ASP C 200 7.44 16.53 27.48
CA ASP C 200 6.32 15.64 27.29
C ASP C 200 6.40 15.08 25.86
N ALA C 201 5.25 14.69 25.29
CA ALA C 201 5.27 14.05 24.00
C ALA C 201 5.72 14.97 22.88
N SER C 202 5.77 16.28 23.11
CA SER C 202 6.27 17.17 22.08
C SER C 202 7.68 16.78 21.66
N LEU C 203 8.49 16.24 22.58
CA LEU C 203 9.84 15.86 22.21
C LEU C 203 9.86 14.78 21.13
N LEU C 204 8.75 14.05 20.97
CA LEU C 204 8.67 13.08 19.87
C LEU C 204 8.58 13.79 18.53
N LYS C 205 7.76 14.84 18.45
CA LYS C 205 7.66 15.62 17.23
C LYS C 205 8.98 16.33 16.93
N LEU C 206 9.60 16.93 17.94
CA LEU C 206 10.84 17.66 17.70
C LEU C 206 11.96 16.74 17.26
N THR C 207 12.04 15.53 17.82
CA THR C 207 13.07 14.59 17.36
C THR C 207 12.88 14.26 15.89
N LEU C 208 11.64 14.01 15.47
CA LEU C 208 11.34 13.83 14.06
C LEU C 208 11.79 15.03 13.23
N GLU C 209 11.42 16.23 13.67
CA GLU C 209 11.76 17.44 12.92
C GLU C 209 13.26 17.56 12.74
N GLN C 210 14.03 17.34 13.83
CA GLN C 210 15.48 17.32 13.74
C GLN C 210 16.01 16.17 12.88
N ALA C 211 15.29 15.04 12.86
CA ALA C 211 15.75 13.92 12.04
C ALA C 211 15.55 14.21 10.56
N VAL C 212 14.44 14.85 10.20
CA VAL C 212 14.21 15.22 8.81
C VAL C 212 15.21 16.26 8.36
N LYS C 213 15.49 17.23 9.24
CA LYS C 213 16.37 18.34 8.88
C LYS C 213 17.80 17.85 8.65
N GLY C 214 18.27 16.94 9.51
CA GLY C 214 19.62 16.41 9.35
C GLY C 214 19.80 15.52 8.15
N LEU C 215 18.72 14.88 7.68
CA LEU C 215 18.81 14.11 6.44
C LEU C 215 18.93 15.02 5.23
N ASN C 216 18.17 16.12 5.22
CA ASN C 216 18.26 17.07 4.09
C ASN C 216 19.52 17.91 4.16
N GLU C 217 19.98 18.26 5.36
CA GLU C 217 21.23 19.00 5.50
C GLU C 217 22.40 18.20 4.97
N SER C 218 22.30 16.88 5.00
CA SER C 218 23.27 16.00 4.39
C SER C 218 23.13 15.91 2.87
N LYS C 219 22.14 16.59 2.30
CA LYS C 219 21.99 16.66 0.84
C LYS C 219 22.26 18.09 0.34
N SER D 1 -0.66 -32.53 -18.52
CA SER D 1 0.79 -32.63 -18.64
C SER D 1 1.41 -31.27 -18.96
N LEU D 2 2.63 -31.29 -19.42
CA LEU D 2 3.34 -30.05 -19.65
C LEU D 2 3.00 -29.49 -21.04
N PRO D 3 2.88 -28.17 -21.14
CA PRO D 3 2.82 -27.54 -22.48
C PRO D 3 3.98 -27.96 -23.37
N ASP D 4 3.82 -27.84 -24.68
CA ASP D 4 4.78 -28.38 -25.62
C ASP D 4 5.95 -27.42 -25.85
N LEU D 5 7.13 -28.00 -26.04
CA LEU D 5 8.24 -27.25 -26.61
C LEU D 5 7.80 -26.49 -27.84
N LYS D 6 8.27 -25.24 -27.95
CA LYS D 6 8.02 -24.44 -29.13
C LYS D 6 9.24 -23.59 -29.44
N ILE D 7 9.33 -23.20 -30.71
CA ILE D 7 10.31 -22.23 -31.17
C ILE D 7 9.59 -21.11 -31.88
N GLU D 8 10.11 -19.90 -31.74
CA GLU D 8 9.60 -18.74 -32.45
C GLU D 8 10.79 -18.04 -33.07
N LYS D 9 10.69 -17.72 -34.36
CA LYS D 9 11.80 -17.04 -35.02
C LYS D 9 11.92 -15.63 -34.47
N LEU D 10 13.10 -15.26 -34.02
CA LEU D 10 13.31 -13.93 -33.47
C LEU D 10 13.96 -12.99 -34.46
N ASP D 11 14.82 -13.50 -35.32
CA ASP D 11 15.61 -12.71 -36.25
C ASP D 11 16.15 -13.69 -37.28
N GLU D 12 16.86 -13.17 -38.28
CA GLU D 12 17.52 -14.08 -39.21
C GLU D 12 18.50 -14.97 -38.44
N GLY D 13 18.30 -16.27 -38.55
CA GLY D 13 19.15 -17.22 -37.87
C GLY D 13 19.07 -17.26 -36.35
N VAL D 14 18.01 -16.70 -35.76
CA VAL D 14 17.87 -16.66 -34.31
C VAL D 14 16.44 -17.06 -33.94
N TYR D 15 16.31 -18.13 -33.17
CA TYR D 15 15.05 -18.65 -32.70
C TYR D 15 15.02 -18.65 -31.19
N VAL D 16 13.87 -18.36 -30.62
CA VAL D 16 13.65 -18.50 -29.18
C VAL D 16 12.95 -19.84 -28.95
N HIS D 17 13.60 -20.75 -28.23
CA HIS D 17 12.95 -21.99 -27.84
C HIS D 17 12.44 -21.86 -26.41
N THR D 18 11.17 -22.23 -26.21
CA THR D 18 10.52 -22.17 -24.91
C THR D 18 10.09 -23.56 -24.49
N SER D 19 10.49 -23.95 -23.28
CA SER D 19 10.07 -25.23 -22.72
C SER D 19 9.52 -25.00 -21.32
N PHE D 20 8.94 -26.05 -20.75
CA PHE D 20 8.11 -25.93 -19.56
C PHE D 20 8.42 -27.07 -18.61
N GLU D 21 8.47 -26.77 -17.32
CA GLU D 21 8.72 -27.81 -16.34
C GLU D 21 8.21 -27.36 -14.99
N GLU D 22 7.80 -28.33 -14.18
CA GLU D 22 7.50 -28.05 -12.78
C GLU D 22 8.81 -27.94 -12.02
N VAL D 23 9.14 -26.73 -11.56
CA VAL D 23 10.36 -26.45 -10.84
C VAL D 23 10.03 -26.16 -9.37
N ASN D 24 10.65 -26.89 -8.45
CA ASN D 24 10.58 -26.49 -7.02
C ASN D 24 9.10 -26.46 -6.61
N GLY D 25 8.69 -25.48 -5.84
CA GLY D 25 7.33 -25.33 -5.40
C GLY D 25 6.69 -24.18 -6.13
N TRP D 26 7.14 -23.91 -7.36
CA TRP D 26 6.57 -22.84 -8.15
C TRP D 26 5.59 -23.31 -9.22
N GLY D 27 5.32 -24.61 -9.31
CA GLY D 27 4.48 -25.12 -10.36
C GLY D 27 5.23 -25.18 -11.68
N VAL D 28 4.46 -25.47 -12.74
CA VAL D 28 4.99 -25.43 -14.10
C VAL D 28 5.34 -24.00 -14.45
N VAL D 29 6.46 -23.84 -15.14
CA VAL D 29 7.11 -22.55 -15.33
C VAL D 29 7.78 -22.58 -16.70
N PRO D 30 7.68 -21.53 -17.52
CA PRO D 30 8.36 -21.53 -18.81
C PRO D 30 9.80 -21.04 -18.69
N LYS D 31 10.59 -21.38 -19.69
CA LYS D 31 12.02 -21.07 -19.77
C LYS D 31 12.40 -20.81 -21.22
N HIS D 32 12.96 -19.64 -21.50
CA HIS D 32 13.37 -19.33 -22.86
C HIS D 32 14.88 -19.52 -23.04
N GLY D 33 15.26 -20.09 -24.17
CA GLY D 33 16.63 -20.12 -24.64
C GLY D 33 16.66 -19.75 -26.11
N LEU D 34 17.80 -19.95 -26.79
CA LEU D 34 17.98 -19.60 -28.19
C LEU D 34 18.51 -20.76 -29.00
N VAL D 35 18.21 -20.72 -30.30
CA VAL D 35 18.90 -21.50 -31.31
C VAL D 35 19.47 -20.50 -32.29
N VAL D 36 20.78 -20.47 -32.41
CA VAL D 36 21.47 -19.59 -33.35
C VAL D 36 21.98 -20.42 -34.51
N LEU D 37 21.72 -19.94 -35.73
CA LEU D 37 22.19 -20.57 -36.96
C LEU D 37 23.39 -19.82 -37.51
N VAL D 38 24.46 -20.55 -37.81
CA VAL D 38 25.63 -20.01 -38.50
C VAL D 38 25.92 -20.92 -39.68
N ASN D 39 25.79 -20.39 -40.90
CA ASN D 39 25.83 -21.23 -42.10
C ASN D 39 24.90 -22.41 -41.92
N ALA D 40 25.40 -23.64 -42.08
CA ALA D 40 24.58 -24.84 -41.94
C ALA D 40 24.72 -25.48 -40.56
N GLU D 41 25.11 -24.73 -39.56
CA GLU D 41 25.28 -25.26 -38.22
C GLU D 41 24.35 -24.55 -37.25
N ALA D 42 23.83 -25.32 -36.30
CA ALA D 42 22.96 -24.81 -35.26
C ALA D 42 23.68 -24.86 -33.92
N TYR D 43 23.42 -23.87 -33.07
CA TYR D 43 23.96 -23.83 -31.72
C TYR D 43 22.83 -23.59 -30.73
N LEU D 44 22.82 -24.35 -29.64
CA LEU D 44 21.88 -24.14 -28.55
C LEU D 44 22.47 -23.18 -27.54
N ILE D 45 21.70 -22.18 -27.19
CA ILE D 45 22.04 -21.26 -26.13
C ILE D 45 21.11 -21.61 -24.98
N ASP D 46 21.61 -22.44 -24.06
CA ASP D 46 20.85 -23.15 -23.02
C ASP D 46 20.10 -24.34 -23.60
N THR D 47 20.03 -25.38 -22.84
CA THR D 47 19.18 -26.48 -23.24
C THR D 47 17.78 -26.26 -22.69
N PRO D 48 16.78 -26.90 -23.28
CA PRO D 48 15.49 -27.02 -22.61
C PRO D 48 15.64 -27.72 -21.27
N PHE D 49 14.53 -27.75 -20.53
CA PHE D 49 14.52 -28.35 -19.20
C PHE D 49 14.96 -29.80 -19.23
N THR D 50 14.43 -30.59 -20.16
CA THR D 50 14.52 -32.05 -20.12
C THR D 50 15.30 -32.63 -21.29
N ALA D 51 15.65 -33.90 -21.15
CA ALA D 51 16.23 -34.66 -22.25
C ALA D 51 15.24 -34.78 -23.40
N LYS D 52 14.00 -35.13 -23.11
CA LYS D 52 12.98 -35.31 -24.15
C LYS D 52 12.83 -34.05 -24.99
N ASP D 53 12.76 -32.89 -24.36
CA ASP D 53 12.61 -31.65 -25.12
C ASP D 53 13.92 -31.23 -25.77
N THR D 54 15.06 -31.59 -25.18
CA THR D 54 16.35 -31.38 -25.85
C THR D 54 16.46 -32.24 -27.11
N GLU D 55 16.09 -33.51 -26.99
CA GLU D 55 16.06 -34.38 -28.15
C GLU D 55 15.14 -33.83 -29.21
N LYS D 56 13.97 -33.33 -28.82
CA LYS D 56 13.02 -32.79 -29.78
C LYS D 56 13.61 -31.61 -30.51
N LEU D 57 14.18 -30.67 -29.75
CA LEU D 57 14.74 -29.47 -30.36
C LEU D 57 15.84 -29.82 -31.35
N VAL D 58 16.65 -30.84 -31.01
CA VAL D 58 17.74 -31.24 -31.89
C VAL D 58 17.20 -31.81 -33.19
N THR D 59 16.20 -32.68 -33.12
CA THR D 59 15.71 -33.27 -34.36
C THR D 59 15.00 -32.23 -35.22
N TRP D 60 14.33 -31.27 -34.59
CA TRP D 60 13.69 -30.19 -35.34
C TRP D 60 14.68 -29.50 -36.27
N PHE D 61 15.84 -29.14 -35.76
CA PHE D 61 16.81 -28.44 -36.58
C PHE D 61 17.67 -29.38 -37.42
N VAL D 62 17.90 -30.62 -36.96
CA VAL D 62 18.49 -31.59 -37.87
C VAL D 62 17.57 -31.82 -39.05
N GLU D 63 16.25 -31.82 -38.81
CA GLU D 63 15.30 -31.96 -39.91
C GLU D 63 15.28 -30.73 -40.80
N ARG D 64 15.48 -29.53 -40.23
CA ARG D 64 15.70 -28.37 -41.09
C ARG D 64 17.06 -28.38 -41.80
N GLY D 65 17.85 -29.44 -41.65
CA GLY D 65 19.10 -29.55 -42.35
C GLY D 65 20.33 -29.01 -41.64
N TYR D 66 20.27 -28.74 -40.34
CA TYR D 66 21.43 -28.24 -39.64
C TYR D 66 22.11 -29.34 -38.85
N LYS D 67 23.42 -29.22 -38.76
CA LYS D 67 24.22 -29.99 -37.83
C LYS D 67 24.23 -29.25 -36.50
N ILE D 68 23.93 -29.97 -35.42
CA ILE D 68 23.98 -29.36 -34.10
C ILE D 68 25.42 -29.40 -33.63
N LYS D 69 26.09 -28.24 -33.66
CA LYS D 69 27.51 -28.21 -33.35
C LYS D 69 27.81 -27.99 -31.88
N GLY D 70 26.90 -27.43 -31.11
CA GLY D 70 27.18 -27.28 -29.69
C GLY D 70 26.01 -26.66 -28.95
N SER D 71 26.01 -26.88 -27.64
CA SER D 71 25.21 -26.10 -26.72
C SER D 71 26.12 -25.46 -25.69
N ILE D 72 25.73 -24.28 -25.25
CA ILE D 72 26.38 -23.60 -24.15
C ILE D 72 25.30 -23.27 -23.11
N SER D 73 25.63 -23.43 -21.84
CA SER D 73 24.69 -23.19 -20.74
C SER D 73 25.08 -21.93 -20.01
N SER D 74 24.10 -21.07 -19.73
CA SER D 74 24.38 -19.76 -19.16
C SER D 74 24.57 -19.80 -17.65
N HIS D 75 24.06 -20.81 -16.96
CA HIS D 75 24.37 -20.99 -15.55
C HIS D 75 24.04 -22.42 -15.18
N PHE D 76 24.29 -22.75 -13.92
CA PHE D 76 24.31 -24.16 -13.55
C PHE D 76 22.91 -24.74 -13.34
N HIS D 77 21.91 -23.91 -13.03
CA HIS D 77 20.55 -24.42 -12.82
C HIS D 77 20.06 -25.24 -14.02
N SER D 78 19.27 -26.28 -13.73
CA SER D 78 18.88 -27.23 -14.77
C SER D 78 17.87 -26.68 -15.79
N ASP D 79 17.31 -25.47 -15.59
CA ASP D 79 16.64 -24.81 -16.71
C ASP D 79 17.62 -24.39 -17.80
N SER D 80 18.93 -24.33 -17.51
CA SER D 80 19.93 -24.09 -18.54
C SER D 80 20.75 -25.32 -18.91
N THR D 81 20.73 -26.35 -18.07
CA THR D 81 21.67 -27.46 -18.15
C THR D 81 20.97 -28.81 -18.25
N GLY D 82 19.63 -28.84 -18.21
CA GLY D 82 18.92 -30.09 -18.13
C GLY D 82 19.19 -31.04 -19.28
N GLY D 83 19.57 -30.52 -20.44
CA GLY D 83 19.78 -31.37 -21.59
C GLY D 83 21.21 -31.78 -21.87
N ILE D 84 22.15 -31.34 -21.04
CA ILE D 84 23.56 -31.67 -21.24
C ILE D 84 23.78 -33.17 -21.23
N GLU D 85 23.15 -33.86 -20.29
CA GLU D 85 23.29 -35.32 -20.21
C GLU D 85 22.94 -35.96 -21.54
N TRP D 86 21.78 -35.60 -22.10
CA TRP D 86 21.37 -36.18 -23.37
C TRP D 86 22.31 -35.78 -24.50
N LEU D 87 22.78 -34.53 -24.50
CA LEU D 87 23.64 -34.09 -25.59
C LEU D 87 24.96 -34.85 -25.60
N ASN D 88 25.58 -35.01 -24.43
CA ASN D 88 26.80 -35.81 -24.33
C ASN D 88 26.56 -37.25 -24.72
N SER D 89 25.37 -37.79 -24.49
CA SER D 89 25.16 -39.16 -24.91
C SER D 89 25.19 -39.30 -26.43
N ARG D 90 24.98 -38.20 -27.16
CA ARG D 90 25.04 -38.21 -28.62
C ARG D 90 26.35 -37.64 -29.14
N SER D 91 27.31 -37.40 -28.28
CA SER D 91 28.60 -36.79 -28.65
C SER D 91 28.41 -35.44 -29.31
N ILE D 92 27.36 -34.73 -28.95
CA ILE D 92 27.27 -33.31 -29.32
C ILE D 92 28.08 -32.50 -28.30
N PRO D 93 28.94 -31.60 -28.74
CA PRO D 93 29.76 -30.85 -27.78
C PRO D 93 28.91 -29.96 -26.89
N THR D 94 29.23 -29.96 -25.60
CA THR D 94 28.58 -29.09 -24.64
C THR D 94 29.61 -28.21 -23.95
N TYR D 95 29.21 -26.99 -23.65
CA TYR D 95 30.11 -25.96 -23.19
C TYR D 95 29.53 -25.25 -21.98
N ALA D 96 30.39 -24.92 -21.03
CA ALA D 96 30.04 -24.06 -19.92
C ALA D 96 31.33 -23.54 -19.31
N SER D 97 31.23 -22.46 -18.57
CA SER D 97 32.41 -21.93 -17.90
C SER D 97 32.90 -22.91 -16.86
N GLU D 98 34.15 -22.73 -16.46
CA GLU D 98 34.73 -23.59 -15.44
C GLU D 98 33.97 -23.48 -14.12
N LEU D 99 33.47 -22.28 -13.80
CA LEU D 99 32.73 -22.12 -12.55
C LEU D 99 31.37 -22.81 -12.61
N THR D 100 30.72 -22.79 -13.79
CA THR D 100 29.45 -23.48 -13.94
C THR D 100 29.64 -24.98 -13.84
N ASN D 101 30.66 -25.51 -14.49
CA ASN D 101 30.94 -26.92 -14.35
C ASN D 101 31.31 -27.26 -12.91
N GLU D 102 32.00 -26.36 -12.21
CA GLU D 102 32.26 -26.60 -10.80
C GLU D 102 30.95 -26.70 -10.01
N LEU D 103 29.99 -25.83 -10.31
CA LEU D 103 28.73 -25.87 -9.56
C LEU D 103 27.89 -27.06 -9.96
N LEU D 104 27.95 -27.50 -11.22
CA LEU D 104 27.22 -28.70 -11.63
C LEU D 104 27.68 -29.91 -10.84
N LYS D 105 29.00 -30.07 -10.68
CA LYS D 105 29.54 -31.20 -9.93
C LYS D 105 29.20 -31.09 -8.45
N LYS D 106 29.30 -29.90 -7.86
CA LYS D 106 28.88 -29.79 -6.48
C LYS D 106 27.40 -30.11 -6.35
N ASP D 107 26.61 -29.69 -7.33
CA ASP D 107 25.19 -29.99 -7.36
C ASP D 107 24.89 -31.43 -7.74
N GLY D 108 25.89 -32.27 -7.94
CA GLY D 108 25.63 -33.65 -8.26
C GLY D 108 25.21 -33.89 -9.69
N LYS D 109 25.55 -32.98 -10.59
CA LYS D 109 25.05 -33.03 -11.95
C LYS D 109 26.17 -33.31 -12.94
N VAL D 110 25.78 -33.91 -14.05
CA VAL D 110 26.67 -34.03 -15.19
C VAL D 110 27.17 -32.67 -15.65
N GLN D 111 28.46 -32.59 -15.92
CA GLN D 111 29.07 -31.35 -16.37
C GLN D 111 29.05 -31.24 -17.88
N ALA D 112 29.10 -30.01 -18.37
CA ALA D 112 29.43 -29.80 -19.77
C ALA D 112 30.79 -30.44 -20.08
N THR D 113 30.92 -31.05 -21.26
CA THR D 113 32.17 -31.74 -21.52
C THR D 113 33.35 -30.76 -21.71
N ASN D 114 33.09 -29.52 -22.08
CA ASN D 114 34.15 -28.55 -22.30
C ASN D 114 33.98 -27.34 -21.37
N SER D 115 35.05 -26.97 -20.67
CA SER D 115 35.06 -25.73 -19.90
C SER D 115 35.79 -24.63 -20.67
N PHE D 116 35.42 -23.39 -20.39
CA PHE D 116 36.19 -22.26 -20.86
C PHE D 116 36.40 -21.31 -19.70
N SER D 117 37.44 -20.50 -19.77
CA SER D 117 37.85 -19.64 -18.66
C SER D 117 37.82 -18.19 -19.11
N GLY D 118 38.05 -17.29 -18.16
CA GLY D 118 38.09 -15.88 -18.47
C GLY D 118 36.73 -15.24 -18.61
N VAL D 119 36.76 -13.90 -18.72
CA VAL D 119 35.51 -13.15 -18.74
C VAL D 119 34.88 -13.19 -20.12
N ASN D 120 35.68 -13.31 -21.16
CA ASN D 120 35.14 -13.37 -22.50
C ASN D 120 35.44 -14.72 -23.12
N TYR D 121 34.53 -15.18 -23.97
CA TYR D 121 34.75 -16.42 -24.68
C TYR D 121 34.03 -16.35 -26.01
N TRP D 122 34.74 -16.72 -27.07
CA TRP D 122 34.14 -16.83 -28.39
C TRP D 122 33.71 -18.28 -28.54
N LEU D 123 32.41 -18.53 -28.56
CA LEU D 123 31.95 -19.85 -28.97
C LEU D 123 32.03 -19.99 -30.48
N VAL D 124 31.74 -18.91 -31.20
CA VAL D 124 31.96 -18.80 -32.63
C VAL D 124 32.51 -17.40 -32.84
N LYS D 125 33.74 -17.32 -33.33
CA LYS D 125 34.42 -16.04 -33.35
C LYS D 125 33.64 -15.08 -34.23
N ASN D 126 33.43 -13.87 -33.69
CA ASN D 126 32.75 -12.76 -34.35
C ASN D 126 31.25 -13.00 -34.55
N LYS D 127 30.68 -14.04 -33.93
CA LYS D 127 29.26 -14.31 -34.15
C LYS D 127 28.51 -14.69 -32.87
N ILE D 128 29.14 -15.44 -31.98
CA ILE D 128 28.53 -15.83 -30.71
C ILE D 128 29.58 -15.69 -29.62
N GLU D 129 29.41 -14.71 -28.75
CA GLU D 129 30.37 -14.43 -27.70
C GLU D 129 29.72 -14.61 -26.32
N VAL D 130 30.51 -15.08 -25.37
CA VAL D 130 30.09 -15.25 -23.99
C VAL D 130 30.75 -14.19 -23.13
N PHE D 131 29.99 -13.66 -22.18
CA PHE D 131 30.52 -12.64 -21.30
C PHE D 131 30.05 -12.88 -19.86
N TYR D 132 30.94 -12.64 -18.91
CA TYR D 132 30.62 -12.77 -17.50
C TYR D 132 30.59 -11.40 -16.84
N PRO D 133 29.44 -10.90 -16.42
CA PRO D 133 29.38 -9.56 -15.82
C PRO D 133 29.66 -9.51 -14.33
N GLY D 134 29.85 -10.64 -13.69
CA GLY D 134 29.97 -10.70 -12.26
C GLY D 134 28.75 -11.38 -11.69
N PRO D 135 28.81 -11.78 -10.44
CA PRO D 135 27.73 -12.56 -9.85
C PRO D 135 26.45 -11.75 -9.77
N GLY D 136 25.34 -12.47 -9.79
CA GLY D 136 24.03 -11.88 -9.66
C GLY D 136 23.02 -12.96 -9.34
N HIS D 137 22.29 -13.42 -10.35
CA HIS D 137 21.27 -14.46 -10.17
C HIS D 137 21.88 -15.74 -9.61
N THR D 138 23.03 -16.13 -10.12
CA THR D 138 23.88 -17.15 -9.51
C THR D 138 25.30 -16.64 -9.54
N PRO D 139 26.23 -17.34 -8.88
CA PRO D 139 27.63 -16.89 -8.96
C PRO D 139 28.20 -16.91 -10.37
N ASP D 140 27.67 -17.78 -11.23
CA ASP D 140 28.29 -18.12 -12.50
C ASP D 140 27.58 -17.58 -13.72
N ASN D 141 26.55 -16.77 -13.55
CA ASN D 141 25.69 -16.46 -14.68
C ASN D 141 26.45 -15.69 -15.75
N VAL D 142 26.39 -16.19 -16.98
CA VAL D 142 26.94 -15.47 -18.12
C VAL D 142 25.82 -15.17 -19.12
N VAL D 143 26.14 -14.28 -20.04
CA VAL D 143 25.25 -13.81 -21.09
C VAL D 143 25.90 -14.14 -22.42
N VAL D 144 25.07 -14.18 -23.45
CA VAL D 144 25.52 -14.53 -24.78
C VAL D 144 25.14 -13.39 -25.70
N TRP D 145 26.09 -12.92 -26.48
CA TRP D 145 25.97 -11.74 -27.30
C TRP D 145 26.15 -12.15 -28.74
N LEU D 146 25.21 -11.75 -29.59
CA LEU D 146 25.33 -11.99 -31.02
C LEU D 146 25.65 -10.65 -31.66
N PRO D 147 26.92 -10.39 -32.00
CA PRO D 147 27.28 -9.05 -32.48
C PRO D 147 26.70 -8.70 -33.84
N GLU D 148 26.49 -9.69 -34.72
CA GLU D 148 25.90 -9.37 -36.01
C GLU D 148 24.48 -8.85 -35.88
N ARG D 149 23.75 -9.33 -34.86
CA ARG D 149 22.35 -8.97 -34.71
C ARG D 149 22.08 -8.04 -33.55
N LYS D 150 23.07 -7.77 -32.71
CA LYS D 150 22.88 -6.96 -31.51
C LYS D 150 21.78 -7.54 -30.62
N ILE D 151 21.71 -8.87 -30.59
CA ILE D 151 20.81 -9.62 -29.72
C ILE D 151 21.62 -10.15 -28.54
N LEU D 152 21.18 -9.83 -27.33
CA LEU D 152 21.80 -10.31 -26.11
C LEU D 152 20.88 -11.33 -25.45
N PHE D 153 21.40 -12.52 -25.19
CA PHE D 153 20.68 -13.46 -24.34
C PHE D 153 21.10 -13.19 -22.91
N GLY D 154 20.18 -12.64 -22.12
CA GLY D 154 20.48 -12.35 -20.73
C GLY D 154 20.38 -13.53 -19.80
N GLY D 155 19.64 -14.57 -20.18
CA GLY D 155 19.46 -15.69 -19.27
C GLY D 155 18.62 -15.28 -18.07
N CYS D 156 18.96 -15.84 -16.91
CA CYS D 156 18.18 -15.62 -15.70
C CYS D 156 18.72 -14.46 -14.89
N PHE D 157 19.76 -13.80 -15.41
CA PHE D 157 20.27 -12.56 -14.85
C PHE D 157 19.34 -11.41 -15.13
N ILE D 158 18.68 -11.42 -16.29
CA ILE D 158 17.78 -10.35 -16.69
C ILE D 158 16.43 -10.54 -15.99
N LYS D 159 16.09 -9.60 -15.14
CA LYS D 159 14.89 -9.71 -14.29
C LYS D 159 14.27 -8.34 -14.14
N PRO D 160 13.44 -7.92 -15.09
CA PRO D 160 12.94 -6.54 -15.08
C PRO D 160 11.85 -6.27 -14.06
N TYR D 161 11.16 -7.28 -13.55
CA TYR D 161 10.03 -7.04 -12.65
C TYR D 161 10.05 -8.01 -11.48
N GLY D 162 11.22 -8.22 -10.88
CA GLY D 162 11.31 -9.14 -9.77
C GLY D 162 12.45 -10.11 -10.01
N LEU D 163 13.38 -10.20 -9.05
CA LEU D 163 14.60 -10.98 -9.27
C LEU D 163 14.34 -12.47 -9.32
N GLY D 164 13.17 -12.93 -8.91
CA GLY D 164 12.83 -14.33 -9.02
C GLY D 164 13.44 -15.17 -7.91
N ASN D 165 13.80 -16.40 -8.27
CA ASN D 165 14.48 -17.30 -7.35
C ASN D 165 15.82 -16.75 -6.90
N LEU D 166 15.93 -16.45 -5.61
CA LEU D 166 17.16 -15.93 -5.03
C LEU D 166 17.97 -17.00 -4.33
N GLY D 167 17.61 -18.26 -4.52
CA GLY D 167 18.18 -19.32 -3.71
C GLY D 167 19.69 -19.41 -3.83
N ASP D 168 20.23 -19.12 -5.01
CA ASP D 168 21.67 -19.16 -5.24
C ASP D 168 22.21 -17.80 -5.65
N ALA D 169 21.47 -16.73 -5.37
CA ALA D 169 21.89 -15.43 -5.89
C ALA D 169 22.92 -14.78 -4.97
N ASN D 170 23.57 -13.74 -5.50
CA ASN D 170 24.53 -12.91 -4.79
C ASN D 170 23.97 -11.50 -4.87
N ILE D 171 23.09 -11.18 -3.92
CA ILE D 171 22.36 -9.93 -4.01
C ILE D 171 23.29 -8.73 -3.80
N GLU D 172 24.41 -8.93 -3.10
CA GLU D 172 25.33 -7.81 -2.88
C GLU D 172 26.09 -7.45 -4.16
N ALA D 173 26.45 -8.45 -4.97
CA ALA D 173 27.16 -8.16 -6.21
C ALA D 173 26.23 -7.79 -7.37
N TRP D 174 24.96 -8.19 -7.32
CA TRP D 174 24.10 -8.05 -8.48
C TRP D 174 23.99 -6.61 -8.99
N PRO D 175 23.87 -5.58 -8.14
CA PRO D 175 23.83 -4.22 -8.70
C PRO D 175 25.07 -3.90 -9.51
N LYS D 176 26.25 -4.33 -9.04
CA LYS D 176 27.48 -4.03 -9.76
C LYS D 176 27.54 -4.77 -11.09
N SER D 177 27.17 -6.06 -11.09
CA SER D 177 27.14 -6.81 -12.34
C SER D 177 26.14 -6.23 -13.32
N ALA D 178 24.97 -5.80 -12.82
CA ALA D 178 23.94 -5.24 -13.68
C ALA D 178 24.38 -3.91 -14.28
N LYS D 179 25.09 -3.08 -13.52
CA LYS D 179 25.53 -1.80 -14.09
C LYS D 179 26.60 -2.02 -15.16
N LEU D 180 27.48 -2.99 -14.94
CA LEU D 180 28.47 -3.31 -15.96
C LEU D 180 27.78 -3.84 -17.23
N LEU D 181 26.78 -4.72 -17.07
CA LEU D 181 26.09 -5.25 -18.23
C LEU D 181 25.34 -4.16 -18.99
N LYS D 182 24.75 -3.21 -18.26
CA LYS D 182 24.03 -2.13 -18.92
C LYS D 182 24.98 -1.23 -19.71
N SER D 183 26.19 -1.01 -19.19
CA SER D 183 27.14 -0.20 -19.92
C SER D 183 27.65 -0.93 -21.16
N LYS D 184 27.86 -2.24 -21.05
CA LYS D 184 28.49 -2.96 -22.15
C LYS D 184 27.54 -3.12 -23.32
N TYR D 185 26.25 -3.33 -23.05
CA TYR D 185 25.32 -3.74 -24.09
C TYR D 185 24.18 -2.76 -24.28
N GLY D 186 24.37 -1.49 -23.90
CA GLY D 186 23.36 -0.46 -24.07
C GLY D 186 22.87 -0.31 -25.49
N LYS D 187 23.62 -0.81 -26.48
CA LYS D 187 23.22 -0.74 -27.87
C LYS D 187 22.57 -2.02 -28.36
N ALA D 188 22.14 -2.89 -27.46
CA ALA D 188 21.46 -4.09 -27.89
C ALA D 188 20.12 -3.74 -28.51
N LYS D 189 19.76 -4.42 -29.60
CA LYS D 189 18.42 -4.21 -30.14
C LYS D 189 17.40 -5.09 -29.42
N LEU D 190 17.75 -6.33 -29.10
CA LEU D 190 16.87 -7.24 -28.37
C LEU D 190 17.62 -7.79 -27.17
N VAL D 191 16.93 -7.84 -26.03
CA VAL D 191 17.38 -8.54 -24.84
C VAL D 191 16.38 -9.65 -24.55
N VAL D 192 16.88 -10.88 -24.45
CA VAL D 192 16.07 -12.09 -24.31
C VAL D 192 16.28 -12.64 -22.90
N PRO D 193 15.33 -12.49 -21.99
CA PRO D 193 15.45 -13.09 -20.67
C PRO D 193 15.02 -14.55 -20.64
N SER D 194 15.42 -15.25 -19.58
CA SER D 194 14.97 -16.61 -19.38
C SER D 194 13.47 -16.67 -19.04
N HIS D 195 13.00 -15.78 -18.18
CA HIS D 195 11.74 -15.98 -17.48
C HIS D 195 10.75 -14.84 -17.72
N SER D 196 10.92 -14.10 -18.80
CA SER D 196 9.93 -13.10 -19.21
C SER D 196 10.19 -12.77 -20.66
N GLU D 197 9.41 -11.85 -21.19
CA GLU D 197 9.35 -11.69 -22.63
C GLU D 197 10.57 -10.94 -23.14
N VAL D 198 10.82 -11.09 -24.44
CA VAL D 198 11.84 -10.31 -25.11
C VAL D 198 11.49 -8.83 -25.02
N GLY D 199 12.52 -8.01 -24.84
CA GLY D 199 12.36 -6.58 -24.87
C GLY D 199 13.54 -5.91 -25.54
N ASP D 200 13.76 -4.64 -25.26
CA ASP D 200 14.87 -3.91 -25.86
C ASP D 200 15.90 -3.61 -24.78
N ALA D 201 16.86 -2.76 -25.11
CA ALA D 201 17.90 -2.48 -24.14
C ALA D 201 17.36 -1.88 -22.86
N SER D 202 16.06 -1.58 -22.79
CA SER D 202 15.53 -1.04 -21.54
C SER D 202 15.46 -2.12 -20.45
N LEU D 203 15.46 -3.40 -20.83
CA LEU D 203 15.48 -4.45 -19.82
C LEU D 203 16.76 -4.41 -18.98
N LEU D 204 17.89 -3.94 -19.54
CA LEU D 204 19.11 -3.81 -18.74
C LEU D 204 18.92 -2.79 -17.62
N LYS D 205 18.23 -1.68 -17.91
CA LYS D 205 17.99 -0.67 -16.88
C LYS D 205 17.03 -1.18 -15.80
N LEU D 206 15.97 -1.87 -16.20
CA LEU D 206 15.02 -2.39 -15.21
C LEU D 206 15.69 -3.41 -14.30
N THR D 207 16.55 -4.27 -14.86
CA THR D 207 17.28 -5.27 -14.07
C THR D 207 18.17 -4.62 -13.02
N LEU D 208 18.93 -3.59 -13.40
CA LEU D 208 19.73 -2.85 -12.43
C LEU D 208 18.87 -2.33 -11.29
N GLU D 209 17.68 -1.82 -11.62
CA GLU D 209 16.77 -1.29 -10.60
C GLU D 209 16.26 -2.40 -9.69
N GLN D 210 15.87 -3.53 -10.26
CA GLN D 210 15.43 -4.65 -9.43
C GLN D 210 16.55 -5.15 -8.54
N ALA D 211 17.79 -5.14 -9.04
CA ALA D 211 18.90 -5.57 -8.22
C ALA D 211 19.13 -4.62 -7.05
N VAL D 212 19.03 -3.32 -7.30
CA VAL D 212 19.23 -2.34 -6.25
C VAL D 212 18.09 -2.40 -5.23
N LYS D 213 16.86 -2.49 -5.72
CA LYS D 213 15.71 -2.67 -4.82
C LYS D 213 15.90 -3.91 -3.95
N GLY D 214 16.28 -5.03 -4.56
CA GLY D 214 16.47 -6.25 -3.79
C GLY D 214 17.62 -6.16 -2.81
N LEU D 215 18.69 -5.46 -3.19
CA LEU D 215 19.80 -5.28 -2.24
C LEU D 215 19.37 -4.39 -1.08
N ASN D 216 18.71 -3.27 -1.37
CA ASN D 216 18.11 -2.45 -0.32
C ASN D 216 17.15 -3.26 0.55
N GLU D 217 16.44 -4.24 -0.01
CA GLU D 217 15.48 -4.96 0.81
C GLU D 217 16.15 -5.96 1.74
N SER D 218 17.42 -6.27 1.51
CA SER D 218 18.11 -7.20 2.40
C SER D 218 18.90 -6.47 3.48
N LYS D 219 18.36 -5.41 4.05
CA LYS D 219 18.97 -4.76 5.21
C LYS D 219 17.97 -4.55 6.35
N SER E 1 -19.43 -17.96 -30.31
CA SER E 1 -19.57 -16.63 -29.72
C SER E 1 -18.52 -15.67 -30.26
N LEU E 2 -18.91 -14.42 -30.48
CA LEU E 2 -17.99 -13.45 -31.06
C LEU E 2 -16.87 -13.16 -30.09
N PRO E 3 -15.60 -13.28 -30.50
CA PRO E 3 -14.50 -12.83 -29.64
C PRO E 3 -14.60 -11.34 -29.35
N ASP E 4 -14.01 -10.96 -28.24
CA ASP E 4 -14.09 -9.60 -27.77
C ASP E 4 -13.13 -8.69 -28.50
N LEU E 5 -13.55 -7.44 -28.66
CA LEU E 5 -12.63 -6.39 -29.09
C LEU E 5 -11.41 -6.39 -28.19
N LYS E 6 -10.27 -6.04 -28.78
CA LYS E 6 -9.00 -6.05 -28.10
C LYS E 6 -8.12 -4.99 -28.72
N ILE E 7 -7.04 -4.68 -28.00
CA ILE E 7 -6.16 -3.56 -28.31
C ILE E 7 -4.77 -3.93 -27.85
N GLU E 8 -3.77 -3.62 -28.65
CA GLU E 8 -2.38 -3.89 -28.28
C GLU E 8 -1.52 -2.74 -28.74
N LYS E 9 -0.61 -2.32 -27.88
CA LYS E 9 0.29 -1.24 -28.24
C LYS E 9 1.24 -1.70 -29.35
N LEU E 10 1.32 -0.90 -30.40
CA LEU E 10 2.21 -1.19 -31.50
C LEU E 10 3.45 -0.30 -31.49
N ASP E 11 3.30 0.97 -31.12
CA ASP E 11 4.43 1.89 -31.03
C ASP E 11 4.01 2.99 -30.07
N GLU E 12 4.89 3.95 -29.86
CA GLU E 12 4.53 5.10 -29.03
C GLU E 12 3.33 5.80 -29.64
N GLY E 13 2.25 5.88 -28.88
CA GLY E 13 1.05 6.54 -29.36
C GLY E 13 0.30 5.81 -30.45
N VAL E 14 0.53 4.52 -30.65
CA VAL E 14 -0.12 3.77 -31.72
C VAL E 14 -0.57 2.41 -31.18
N TYR E 15 -1.88 2.20 -31.15
CA TYR E 15 -2.42 0.91 -30.80
C TYR E 15 -3.09 0.29 -32.02
N VAL E 16 -3.07 -1.04 -32.10
CA VAL E 16 -3.87 -1.78 -33.07
C VAL E 16 -5.13 -2.28 -32.37
N HIS E 17 -6.31 -1.92 -32.87
CA HIS E 17 -7.54 -2.49 -32.37
C HIS E 17 -8.00 -3.58 -33.32
N THR E 18 -8.55 -4.65 -32.76
CA THR E 18 -9.03 -5.80 -33.50
C THR E 18 -10.45 -6.13 -33.06
N SER E 19 -11.38 -6.17 -34.01
CA SER E 19 -12.76 -6.49 -33.72
C SER E 19 -13.17 -7.65 -34.61
N PHE E 20 -14.27 -8.31 -34.25
CA PHE E 20 -14.64 -9.57 -34.87
C PHE E 20 -16.10 -9.58 -35.28
N GLU E 21 -16.36 -10.00 -36.51
CA GLU E 21 -17.73 -10.08 -36.96
C GLU E 21 -17.87 -11.21 -37.96
N GLU E 22 -19.08 -11.76 -38.03
CA GLU E 22 -19.50 -12.61 -39.12
C GLU E 22 -19.81 -11.72 -40.33
N VAL E 23 -19.13 -11.97 -41.45
CA VAL E 23 -19.23 -11.16 -42.65
C VAL E 23 -19.57 -12.08 -43.80
N ASN E 24 -20.69 -11.83 -44.50
CA ASN E 24 -21.07 -12.71 -45.60
C ASN E 24 -21.08 -14.11 -45.00
N GLY E 25 -20.28 -15.00 -45.54
CA GLY E 25 -19.66 -16.02 -44.71
C GLY E 25 -18.84 -17.06 -45.41
N TRP E 26 -17.52 -17.13 -45.28
CA TRP E 26 -16.55 -16.36 -44.46
C TRP E 26 -16.63 -16.55 -42.94
N GLY E 27 -17.82 -16.49 -42.35
CA GLY E 27 -17.93 -16.69 -40.92
C GLY E 27 -17.35 -15.51 -40.16
N VAL E 28 -17.13 -15.72 -38.86
CA VAL E 28 -16.49 -14.72 -37.99
C VAL E 28 -15.07 -14.46 -38.45
N VAL E 29 -14.72 -13.20 -38.58
CA VAL E 29 -13.48 -12.81 -39.27
C VAL E 29 -12.87 -11.59 -38.58
N PRO E 30 -11.56 -11.58 -38.28
CA PRO E 30 -10.97 -10.42 -37.59
C PRO E 30 -10.74 -9.22 -38.50
N LYS E 31 -10.68 -8.05 -37.89
CA LYS E 31 -10.43 -6.82 -38.59
C LYS E 31 -9.56 -5.92 -37.73
N HIS E 32 -8.52 -5.36 -38.33
CA HIS E 32 -7.56 -4.52 -37.63
C HIS E 32 -7.71 -3.08 -38.09
N GLY E 33 -7.70 -2.15 -37.13
CA GLY E 33 -7.55 -0.73 -37.36
C GLY E 33 -6.55 -0.15 -36.37
N LEU E 34 -6.39 1.17 -36.34
CA LEU E 34 -5.45 1.76 -35.40
C LEU E 34 -6.14 2.73 -34.47
N VAL E 35 -5.48 3.04 -33.37
CA VAL E 35 -5.76 4.24 -32.59
C VAL E 35 -4.45 4.98 -32.44
N VAL E 36 -4.47 6.27 -32.70
CA VAL E 36 -3.26 7.09 -32.71
C VAL E 36 -3.49 8.25 -31.76
N LEU E 37 -2.55 8.43 -30.84
CA LEU E 37 -2.66 9.48 -29.84
C LEU E 37 -1.81 10.66 -30.27
N VAL E 38 -2.37 11.85 -30.13
CA VAL E 38 -1.71 13.10 -30.45
C VAL E 38 -1.94 14.02 -29.27
N ASN E 39 -0.89 14.25 -28.48
CA ASN E 39 -1.00 14.95 -27.21
C ASN E 39 -2.08 14.28 -26.37
N ALA E 40 -3.16 15.00 -26.02
CA ALA E 40 -4.25 14.43 -25.25
C ALA E 40 -5.41 13.98 -26.12
N GLU E 41 -5.15 13.76 -27.40
CA GLU E 41 -6.20 13.45 -28.36
C GLU E 41 -5.95 12.08 -28.97
N ALA E 42 -7.04 11.45 -29.38
CA ALA E 42 -7.03 10.11 -29.97
C ALA E 42 -7.78 10.17 -31.30
N TYR E 43 -7.25 9.46 -32.29
CA TYR E 43 -7.90 9.37 -33.59
C TYR E 43 -8.10 7.90 -33.90
N LEU E 44 -9.30 7.53 -34.35
CA LEU E 44 -9.57 6.17 -34.77
C LEU E 44 -9.24 6.07 -36.24
N ILE E 45 -8.41 5.10 -36.58
CA ILE E 45 -8.10 4.80 -37.97
C ILE E 45 -8.92 3.56 -38.31
N ASP E 46 -10.07 3.79 -38.93
CA ASP E 46 -11.15 2.83 -39.13
C ASP E 46 -11.90 2.59 -37.83
N THR E 47 -13.18 2.37 -37.93
CA THR E 47 -13.88 1.96 -36.74
C THR E 47 -13.94 0.44 -36.69
N PRO E 48 -14.15 -0.12 -35.51
CA PRO E 48 -14.55 -1.53 -35.42
C PRO E 48 -15.87 -1.75 -36.14
N PHE E 49 -16.23 -3.03 -36.29
CA PHE E 49 -17.38 -3.41 -37.12
C PHE E 49 -18.66 -2.75 -36.65
N THR E 50 -18.86 -2.64 -35.34
CA THR E 50 -20.17 -2.33 -34.79
C THR E 50 -20.13 -1.07 -33.93
N ALA E 51 -21.34 -0.62 -33.60
CA ALA E 51 -21.51 0.48 -32.67
C ALA E 51 -21.01 0.11 -31.29
N LYS E 52 -21.42 -1.06 -30.79
CA LYS E 52 -21.01 -1.49 -29.45
C LYS E 52 -19.50 -1.53 -29.31
N ASP E 53 -18.81 -2.06 -30.32
CA ASP E 53 -17.35 -2.13 -30.24
C ASP E 53 -16.71 -0.78 -30.47
N THR E 54 -17.32 0.06 -31.30
CA THR E 54 -16.81 1.41 -31.45
C THR E 54 -17.00 2.21 -30.18
N GLU E 55 -18.12 2.02 -29.50
CA GLU E 55 -18.32 2.70 -28.23
C GLU E 55 -17.29 2.25 -27.21
N LYS E 56 -17.09 0.93 -27.08
CA LYS E 56 -16.11 0.41 -26.13
C LYS E 56 -14.73 0.98 -26.40
N LEU E 57 -14.34 1.00 -27.68
CA LEU E 57 -13.09 1.62 -28.07
C LEU E 57 -13.00 3.07 -27.60
N VAL E 58 -14.05 3.85 -27.85
CA VAL E 58 -14.07 5.25 -27.43
C VAL E 58 -14.00 5.36 -25.92
N THR E 59 -14.72 4.50 -25.21
CA THR E 59 -14.73 4.55 -23.76
C THR E 59 -13.36 4.25 -23.16
N TRP E 60 -12.68 3.23 -23.69
CA TRP E 60 -11.39 2.88 -23.10
C TRP E 60 -10.39 4.00 -23.22
N PHE E 61 -10.48 4.81 -24.27
CA PHE E 61 -9.49 5.87 -24.42
C PHE E 61 -9.92 7.16 -23.76
N VAL E 62 -11.21 7.41 -23.61
CA VAL E 62 -11.62 8.43 -22.65
C VAL E 62 -11.11 8.05 -21.27
N GLU E 63 -11.23 6.76 -20.92
CA GLU E 63 -10.79 6.29 -19.61
C GLU E 63 -9.30 6.48 -19.43
N ARG E 64 -8.53 6.30 -20.50
CA ARG E 64 -7.10 6.59 -20.48
C ARG E 64 -6.81 8.07 -20.51
N GLY E 65 -7.84 8.92 -20.53
CA GLY E 65 -7.68 10.36 -20.50
C GLY E 65 -7.50 11.08 -21.83
N TYR E 66 -8.14 10.62 -22.89
CA TYR E 66 -8.02 11.27 -24.18
C TYR E 66 -9.37 11.81 -24.64
N LYS E 67 -9.32 12.89 -25.40
CA LYS E 67 -10.47 13.27 -26.21
C LYS E 67 -10.43 12.52 -27.53
N ILE E 68 -11.52 11.85 -27.88
CA ILE E 68 -11.64 11.21 -29.19
C ILE E 68 -11.95 12.33 -30.18
N LYS E 69 -10.94 12.74 -30.96
CA LYS E 69 -11.08 13.92 -31.82
C LYS E 69 -11.54 13.61 -33.23
N GLY E 70 -11.63 12.35 -33.62
CA GLY E 70 -12.18 12.02 -34.91
C GLY E 70 -11.84 10.60 -35.31
N SER E 71 -12.59 10.10 -36.29
CA SER E 71 -12.26 8.85 -36.96
C SER E 71 -12.21 9.11 -38.46
N ILE E 72 -11.38 8.33 -39.12
CA ILE E 72 -11.30 8.33 -40.57
C ILE E 72 -11.38 6.89 -41.03
N SER E 73 -12.12 6.64 -42.10
CA SER E 73 -12.32 5.29 -42.63
C SER E 73 -11.58 5.13 -43.94
N SER E 74 -10.90 4.00 -44.10
CA SER E 74 -10.00 3.80 -45.22
C SER E 74 -10.71 3.36 -46.48
N HIS E 75 -11.95 2.89 -46.36
CA HIS E 75 -12.78 2.55 -47.51
C HIS E 75 -14.20 2.33 -46.99
N PHE E 76 -15.12 2.06 -47.91
CA PHE E 76 -16.52 2.17 -47.58
C PHE E 76 -17.09 0.93 -46.90
N HIS E 77 -16.46 -0.24 -47.07
CA HIS E 77 -16.96 -1.46 -46.42
C HIS E 77 -17.12 -1.26 -44.92
N SER E 78 -18.08 -1.99 -44.37
CA SER E 78 -18.46 -1.81 -42.98
C SER E 78 -17.41 -2.30 -42.00
N ASP E 79 -16.40 -3.04 -42.45
CA ASP E 79 -15.30 -3.29 -41.53
C ASP E 79 -14.47 -2.04 -41.27
N SER E 80 -14.64 -0.97 -42.05
CA SER E 80 -14.00 0.30 -41.78
C SER E 80 -14.95 1.39 -41.32
N THR E 81 -16.24 1.25 -41.63
CA THR E 81 -17.22 2.32 -41.49
C THR E 81 -18.30 2.00 -40.47
N GLY E 82 -18.40 0.76 -40.00
CA GLY E 82 -19.53 0.30 -39.23
C GLY E 82 -19.83 1.12 -38.00
N GLY E 83 -18.85 1.84 -37.49
CA GLY E 83 -19.04 2.64 -36.30
C GLY E 83 -19.35 4.09 -36.54
N ILE E 84 -19.50 4.51 -37.80
CA ILE E 84 -19.59 5.93 -38.11
C ILE E 84 -20.86 6.54 -37.53
N GLU E 85 -21.99 5.86 -37.70
CA GLU E 85 -23.25 6.40 -37.20
C GLU E 85 -23.21 6.64 -35.70
N TRP E 86 -22.79 5.63 -34.92
CA TRP E 86 -22.69 5.82 -33.47
C TRP E 86 -21.79 7.00 -33.15
N LEU E 87 -20.66 7.13 -33.86
CA LEU E 87 -19.80 8.28 -33.66
C LEU E 87 -20.51 9.58 -34.01
N ASN E 88 -21.30 9.58 -35.10
CA ASN E 88 -22.07 10.78 -35.44
C ASN E 88 -23.09 11.10 -34.35
N SER E 89 -23.75 10.08 -33.81
CA SER E 89 -24.71 10.28 -32.73
C SER E 89 -24.07 10.86 -31.48
N ARG E 90 -22.75 10.71 -31.32
CA ARG E 90 -22.06 11.31 -30.19
C ARG E 90 -21.26 12.53 -30.58
N SER E 91 -21.48 13.07 -31.78
CA SER E 91 -20.82 14.31 -32.22
C SER E 91 -19.30 14.17 -32.18
N ILE E 92 -18.79 13.00 -32.51
CA ILE E 92 -17.37 12.82 -32.76
C ILE E 92 -17.16 12.92 -34.25
N PRO E 93 -16.31 13.83 -34.74
CA PRO E 93 -16.22 14.05 -36.18
C PRO E 93 -15.74 12.81 -36.89
N THR E 94 -16.42 12.48 -37.98
CA THR E 94 -16.06 11.36 -38.83
C THR E 94 -15.59 11.87 -40.18
N TYR E 95 -14.53 11.26 -40.69
CA TYR E 95 -13.96 11.67 -41.96
C TYR E 95 -13.96 10.50 -42.95
N ALA E 96 -14.12 10.86 -44.22
CA ALA E 96 -13.88 9.93 -45.31
C ALA E 96 -13.60 10.74 -46.57
N SER E 97 -12.94 10.09 -47.52
CA SER E 97 -12.77 10.70 -48.82
C SER E 97 -14.15 10.94 -49.46
N GLU E 98 -14.24 11.95 -50.32
CA GLU E 98 -15.53 12.21 -50.95
C GLU E 98 -16.03 10.97 -51.68
N LEU E 99 -15.14 10.24 -52.34
CA LEU E 99 -15.52 9.01 -53.03
C LEU E 99 -16.09 7.98 -52.05
N THR E 100 -15.41 7.79 -50.90
CA THR E 100 -15.87 6.81 -49.93
C THR E 100 -17.29 7.13 -49.47
N ASN E 101 -17.54 8.40 -49.16
CA ASN E 101 -18.89 8.82 -48.78
C ASN E 101 -19.89 8.64 -49.91
N GLU E 102 -19.46 8.80 -51.17
CA GLU E 102 -20.36 8.54 -52.28
C GLU E 102 -20.76 7.08 -52.30
N LEU E 103 -19.80 6.18 -52.07
CA LEU E 103 -20.12 4.75 -52.08
C LEU E 103 -20.99 4.37 -50.90
N LEU E 104 -20.73 4.92 -49.70
CA LEU E 104 -21.61 4.67 -48.58
C LEU E 104 -23.04 5.08 -48.90
N LYS E 105 -23.21 6.28 -49.46
CA LYS E 105 -24.55 6.77 -49.79
C LYS E 105 -25.17 5.88 -50.85
N LYS E 106 -24.43 5.59 -51.93
CA LYS E 106 -24.89 4.63 -52.92
C LYS E 106 -25.31 3.31 -52.28
N ASP E 107 -24.60 2.88 -51.24
CA ASP E 107 -24.82 1.60 -50.59
C ASP E 107 -25.96 1.63 -49.59
N GLY E 108 -26.61 2.77 -49.40
CA GLY E 108 -27.64 2.88 -48.37
C GLY E 108 -27.10 3.07 -46.97
N LYS E 109 -25.84 3.48 -46.81
CA LYS E 109 -25.19 3.50 -45.51
C LYS E 109 -24.97 4.93 -45.03
N VAL E 110 -24.88 5.09 -43.71
CA VAL E 110 -24.58 6.38 -43.11
C VAL E 110 -23.19 6.82 -43.52
N GLN E 111 -23.05 8.10 -43.83
CA GLN E 111 -21.79 8.64 -44.31
C GLN E 111 -20.95 9.13 -43.15
N ALA E 112 -19.66 9.32 -43.40
CA ALA E 112 -18.88 10.18 -42.54
C ALA E 112 -19.38 11.61 -42.69
N THR E 113 -19.45 12.33 -41.56
CA THR E 113 -19.95 13.71 -41.59
C THR E 113 -19.11 14.57 -42.52
N ASN E 114 -17.80 14.50 -42.39
CA ASN E 114 -16.90 15.33 -43.17
C ASN E 114 -16.36 14.54 -44.35
N SER E 115 -16.23 15.20 -45.50
CA SER E 115 -15.59 14.66 -46.69
C SER E 115 -14.32 15.43 -46.98
N PHE E 116 -13.43 14.80 -47.75
CA PHE E 116 -12.29 15.50 -48.31
C PHE E 116 -12.04 14.92 -49.69
N SER E 117 -11.44 15.73 -50.55
CA SER E 117 -11.06 15.34 -51.89
C SER E 117 -9.55 15.47 -52.00
N GLY E 118 -9.01 15.02 -53.11
CA GLY E 118 -7.58 15.15 -53.21
C GLY E 118 -6.84 13.91 -52.78
N VAL E 119 -5.77 13.63 -53.53
CA VAL E 119 -4.97 12.44 -53.32
C VAL E 119 -4.39 12.40 -51.93
N ASN E 120 -3.87 13.53 -51.47
CA ASN E 120 -3.24 13.66 -50.16
C ASN E 120 -4.13 14.48 -49.23
N TYR E 121 -4.09 14.15 -47.94
CA TYR E 121 -4.89 14.90 -46.99
C TYR E 121 -4.33 14.66 -45.61
N TRP E 122 -3.79 15.72 -45.00
CA TRP E 122 -3.36 15.69 -43.62
C TRP E 122 -4.57 15.83 -42.72
N LEU E 123 -4.88 14.78 -41.97
CA LEU E 123 -5.89 14.85 -40.93
C LEU E 123 -5.34 15.51 -39.68
N VAL E 124 -4.04 15.38 -39.44
CA VAL E 124 -3.31 16.07 -38.40
C VAL E 124 -1.96 16.41 -39.01
N LYS E 125 -1.69 17.70 -39.21
CA LYS E 125 -0.53 18.14 -39.98
C LYS E 125 0.73 17.50 -39.42
N ASN E 126 1.55 16.95 -40.32
CA ASN E 126 2.79 16.25 -40.01
C ASN E 126 2.62 14.99 -39.15
N LYS E 127 1.42 14.47 -38.94
CA LYS E 127 1.33 13.32 -38.04
C LYS E 127 0.41 12.22 -38.54
N ILE E 128 -0.71 12.57 -39.15
CA ILE E 128 -1.63 11.59 -39.72
C ILE E 128 -1.93 12.03 -41.15
N GLU E 129 -1.36 11.31 -42.13
CA GLU E 129 -1.55 11.59 -43.53
C GLU E 129 -2.43 10.54 -44.17
N VAL E 130 -3.37 10.98 -45.01
CA VAL E 130 -4.25 10.10 -45.77
C VAL E 130 -3.84 10.18 -47.23
N PHE E 131 -3.62 9.02 -47.85
CA PHE E 131 -3.10 8.99 -49.20
C PHE E 131 -3.86 7.98 -50.04
N TYR E 132 -4.24 8.41 -51.25
CA TYR E 132 -4.93 7.58 -52.22
C TYR E 132 -3.96 7.12 -53.27
N PRO E 133 -3.71 5.81 -53.41
CA PRO E 133 -2.75 5.33 -54.40
C PRO E 133 -3.37 4.86 -55.71
N GLY E 134 -4.69 4.84 -55.81
CA GLY E 134 -5.37 4.25 -56.94
C GLY E 134 -6.37 3.23 -56.48
N PRO E 135 -7.21 2.75 -57.39
CA PRO E 135 -8.09 1.64 -57.05
C PRO E 135 -7.30 0.35 -56.86
N GLY E 136 -7.91 -0.56 -56.11
CA GLY E 136 -7.31 -1.83 -55.75
C GLY E 136 -8.37 -2.71 -55.12
N HIS E 137 -8.27 -2.92 -53.81
CA HIS E 137 -9.29 -3.65 -53.08
C HIS E 137 -10.68 -3.05 -53.35
N THR E 138 -10.79 -1.73 -53.32
CA THR E 138 -12.02 -1.05 -53.72
C THR E 138 -11.65 0.20 -54.52
N PRO E 139 -12.58 0.85 -55.22
CA PRO E 139 -12.20 2.07 -55.96
C PRO E 139 -11.72 3.18 -55.05
N ASP E 140 -12.11 3.17 -53.78
CA ASP E 140 -11.90 4.31 -52.89
C ASP E 140 -10.82 4.10 -51.84
N ASN E 141 -10.07 3.00 -51.87
CA ASN E 141 -9.28 2.65 -50.70
C ASN E 141 -8.13 3.64 -50.51
N VAL E 142 -8.00 4.16 -49.28
CA VAL E 142 -6.89 5.04 -48.94
C VAL E 142 -6.03 4.35 -47.89
N VAL E 143 -4.82 4.85 -47.73
CA VAL E 143 -3.93 4.41 -46.68
C VAL E 143 -3.66 5.57 -45.74
N VAL E 144 -3.13 5.25 -44.57
CA VAL E 144 -2.85 6.26 -43.56
C VAL E 144 -1.39 6.13 -43.15
N TRP E 145 -0.69 7.26 -43.16
CA TRP E 145 0.75 7.30 -42.95
C TRP E 145 1.02 8.12 -41.70
N LEU E 146 1.80 7.56 -40.79
CA LEU E 146 2.22 8.23 -39.57
C LEU E 146 3.69 8.54 -39.74
N PRO E 147 4.05 9.70 -40.27
CA PRO E 147 5.47 9.92 -40.63
C PRO E 147 6.41 9.92 -39.42
N GLU E 148 5.93 10.29 -38.24
CA GLU E 148 6.81 10.31 -37.07
C GLU E 148 7.17 8.91 -36.60
N ARG E 149 6.38 7.90 -36.92
CA ARG E 149 6.74 6.53 -36.56
C ARG E 149 7.08 5.69 -37.78
N LYS E 150 6.97 6.24 -38.99
CA LYS E 150 7.18 5.46 -40.22
C LYS E 150 6.30 4.21 -40.21
N ILE E 151 5.05 4.39 -39.80
CA ILE E 151 4.07 3.31 -39.76
C ILE E 151 3.00 3.62 -40.81
N LEU E 152 2.71 2.63 -41.65
CA LEU E 152 1.68 2.76 -42.66
C LEU E 152 0.54 1.82 -42.34
N PHE E 153 -0.67 2.37 -42.19
CA PHE E 153 -1.88 1.55 -42.13
C PHE E 153 -2.36 1.30 -43.54
N GLY E 154 -2.21 0.06 -44.00
CA GLY E 154 -2.59 -0.32 -45.34
C GLY E 154 -4.04 -0.64 -45.55
N GLY E 155 -4.81 -0.78 -44.49
CA GLY E 155 -6.19 -1.21 -44.61
C GLY E 155 -6.32 -2.47 -45.42
N CYS E 156 -7.43 -2.57 -46.13
CA CYS E 156 -7.74 -3.79 -46.87
C CYS E 156 -7.06 -3.84 -48.23
N PHE E 157 -6.23 -2.85 -48.53
CA PHE E 157 -5.43 -2.82 -49.75
C PHE E 157 -4.19 -3.68 -49.63
N ILE E 158 -3.60 -3.74 -48.45
CA ILE E 158 -2.43 -4.57 -48.25
C ILE E 158 -2.90 -6.02 -48.09
N LYS E 159 -2.45 -6.88 -48.98
CA LYS E 159 -2.92 -8.27 -49.08
C LYS E 159 -1.75 -9.14 -49.46
N PRO E 160 -0.86 -9.43 -48.51
CA PRO E 160 0.36 -10.18 -48.87
C PRO E 160 0.12 -11.64 -49.27
N TYR E 161 -0.95 -12.29 -48.81
CA TYR E 161 -1.19 -13.71 -49.12
C TYR E 161 -2.67 -13.88 -49.49
N GLY E 162 -2.98 -13.70 -50.76
CA GLY E 162 -4.36 -13.72 -51.22
C GLY E 162 -5.07 -12.39 -51.09
N LEU E 163 -5.84 -12.01 -52.12
CA LEU E 163 -6.43 -10.69 -52.17
C LEU E 163 -7.68 -10.57 -51.32
N GLY E 164 -8.18 -11.67 -50.75
CA GLY E 164 -9.42 -11.64 -50.02
C GLY E 164 -10.61 -11.34 -50.92
N ASN E 165 -11.56 -10.60 -50.37
CA ASN E 165 -12.84 -10.34 -51.02
C ASN E 165 -12.65 -9.43 -52.22
N LEU E 166 -13.00 -9.92 -53.40
CA LEU E 166 -12.87 -9.15 -54.63
C LEU E 166 -14.19 -8.54 -55.10
N GLY E 167 -15.25 -8.66 -54.31
CA GLY E 167 -16.57 -8.24 -54.75
C GLY E 167 -16.61 -6.83 -55.29
N ASP E 168 -15.80 -5.93 -54.74
CA ASP E 168 -15.80 -4.54 -55.14
C ASP E 168 -14.43 -4.11 -55.64
N ALA E 169 -13.66 -5.05 -56.17
CA ALA E 169 -12.28 -4.78 -56.54
C ALA E 169 -12.12 -4.31 -57.97
N ASN E 170 -11.02 -3.61 -58.21
CA ASN E 170 -10.57 -3.22 -59.53
C ASN E 170 -9.22 -3.89 -59.73
N ILE E 171 -9.25 -5.10 -60.34
CA ILE E 171 -8.05 -5.90 -60.48
C ILE E 171 -7.15 -5.38 -61.60
N GLU E 172 -7.73 -4.67 -62.56
CA GLU E 172 -6.93 -4.08 -63.63
C GLU E 172 -5.99 -3.00 -63.07
N ALA E 173 -6.48 -2.21 -62.12
CA ALA E 173 -5.75 -1.07 -61.58
C ALA E 173 -4.85 -1.43 -60.40
N TRP E 174 -5.21 -2.45 -59.63
CA TRP E 174 -4.49 -2.74 -58.39
C TRP E 174 -2.99 -2.85 -58.55
N PRO E 175 -2.43 -3.52 -59.57
CA PRO E 175 -0.96 -3.60 -59.67
C PRO E 175 -0.30 -2.24 -59.81
N LYS E 176 -0.89 -1.34 -60.59
CA LYS E 176 -0.31 -0.02 -60.73
C LYS E 176 -0.40 0.76 -59.41
N SER E 177 -1.56 0.70 -58.75
CA SER E 177 -1.68 1.30 -57.41
C SER E 177 -0.68 0.69 -56.43
N ALA E 178 -0.52 -0.63 -56.45
CA ALA E 178 0.42 -1.25 -55.52
C ALA E 178 1.86 -0.87 -55.83
N LYS E 179 2.20 -0.76 -57.11
CA LYS E 179 3.54 -0.30 -57.48
C LYS E 179 3.78 1.10 -56.93
N LEU E 180 2.83 2.00 -57.16
CA LEU E 180 2.94 3.35 -56.62
C LEU E 180 3.13 3.33 -55.11
N LEU E 181 2.29 2.59 -54.40
CA LEU E 181 2.38 2.57 -52.95
C LEU E 181 3.69 1.96 -52.48
N LYS E 182 4.24 1.00 -53.22
CA LYS E 182 5.48 0.36 -52.80
C LYS E 182 6.66 1.34 -52.86
N SER E 183 6.68 2.21 -53.87
CA SER E 183 7.76 3.18 -53.97
C SER E 183 7.56 4.35 -53.01
N LYS E 184 6.32 4.82 -52.85
CA LYS E 184 6.10 5.96 -51.97
C LYS E 184 6.48 5.63 -50.53
N TYR E 185 6.30 4.39 -50.08
CA TYR E 185 6.40 4.10 -48.66
C TYR E 185 7.42 3.02 -48.33
N GLY E 186 8.41 2.80 -49.20
CA GLY E 186 9.46 1.85 -48.88
C GLY E 186 10.24 2.20 -47.65
N LYS E 187 10.15 3.45 -47.18
CA LYS E 187 10.73 3.82 -45.90
C LYS E 187 9.95 3.29 -44.70
N ALA E 188 8.72 2.81 -44.89
CA ALA E 188 7.89 2.41 -43.77
C ALA E 188 8.57 1.34 -42.92
N LYS E 189 8.49 1.52 -41.61
CA LYS E 189 9.05 0.60 -40.64
C LYS E 189 8.05 -0.51 -40.32
N LEU E 190 6.76 -0.16 -40.16
CA LEU E 190 5.68 -1.12 -39.99
C LEU E 190 4.58 -0.85 -41.01
N VAL E 191 3.98 -1.93 -41.51
CA VAL E 191 2.82 -1.86 -42.40
C VAL E 191 1.71 -2.67 -41.74
N VAL E 192 0.58 -2.04 -41.50
CA VAL E 192 -0.53 -2.67 -40.78
C VAL E 192 -1.64 -3.01 -41.77
N PRO E 193 -1.94 -4.28 -42.00
CA PRO E 193 -3.09 -4.64 -42.85
C PRO E 193 -4.34 -4.82 -42.02
N SER E 194 -5.47 -4.78 -42.71
CA SER E 194 -6.76 -5.00 -42.07
C SER E 194 -6.96 -6.46 -41.69
N HIS E 195 -6.43 -7.38 -42.51
CA HIS E 195 -6.86 -8.76 -42.47
C HIS E 195 -5.70 -9.74 -42.37
N SER E 196 -4.51 -9.28 -42.00
CA SER E 196 -3.45 -10.16 -41.57
C SER E 196 -2.52 -9.40 -40.62
N GLU E 197 -1.50 -10.10 -40.14
CA GLU E 197 -0.64 -9.60 -39.08
C GLU E 197 0.29 -8.48 -39.59
N VAL E 198 0.71 -7.63 -38.65
CA VAL E 198 1.60 -6.54 -38.96
C VAL E 198 2.88 -7.09 -39.59
N GLY E 199 3.43 -6.35 -40.54
CA GLY E 199 4.71 -6.67 -41.12
C GLY E 199 5.60 -5.46 -41.30
N ASP E 200 6.71 -5.64 -42.00
CA ASP E 200 7.55 -4.52 -42.40
C ASP E 200 7.21 -4.14 -43.84
N ALA E 201 8.11 -3.39 -44.48
CA ALA E 201 7.81 -2.85 -45.80
C ALA E 201 7.78 -3.91 -46.88
N SER E 202 8.14 -5.16 -46.57
CA SER E 202 8.01 -6.22 -47.57
C SER E 202 6.55 -6.53 -47.88
N LEU E 203 5.62 -6.16 -47.00
CA LEU E 203 4.21 -6.35 -47.31
C LEU E 203 3.80 -5.58 -48.57
N LEU E 204 4.49 -4.49 -48.89
CA LEU E 204 4.18 -3.74 -50.11
C LEU E 204 4.58 -4.51 -51.36
N LYS E 205 5.76 -5.14 -51.34
CA LYS E 205 6.18 -5.97 -52.45
C LYS E 205 5.25 -7.15 -52.63
N LEU E 206 5.01 -7.88 -51.53
CA LEU E 206 4.10 -9.02 -51.55
C LEU E 206 2.72 -8.64 -52.07
N THR E 207 2.20 -7.49 -51.64
CA THR E 207 0.89 -7.05 -52.11
C THR E 207 0.88 -6.83 -53.62
N LEU E 208 1.94 -6.21 -54.13
CA LEU E 208 2.02 -5.99 -55.57
C LEU E 208 2.07 -7.32 -56.31
N GLU E 209 2.86 -8.27 -55.80
CA GLU E 209 2.90 -9.62 -56.34
C GLU E 209 1.51 -10.25 -56.40
N GLN E 210 0.76 -10.17 -55.29
CA GLN E 210 -0.58 -10.73 -55.27
C GLN E 210 -1.51 -10.03 -56.25
N ALA E 211 -1.37 -8.71 -56.38
CA ALA E 211 -2.24 -8.00 -57.32
C ALA E 211 -1.94 -8.39 -58.75
N VAL E 212 -0.65 -8.50 -59.09
CA VAL E 212 -0.26 -8.96 -60.41
C VAL E 212 -0.80 -10.36 -60.67
N LYS E 213 -0.59 -11.28 -59.72
CA LYS E 213 -1.13 -12.63 -59.84
C LYS E 213 -2.62 -12.60 -60.11
N GLY E 214 -3.37 -11.84 -59.31
CA GLY E 214 -4.81 -11.80 -59.49
C GLY E 214 -5.25 -11.17 -60.80
N LEU E 215 -4.48 -10.20 -61.30
CA LEU E 215 -4.80 -9.65 -62.61
C LEU E 215 -4.62 -10.71 -63.68
N ASN E 216 -3.46 -11.37 -63.67
CA ASN E 216 -3.18 -12.42 -64.66
C ASN E 216 -4.14 -13.59 -64.53
N GLU E 217 -4.64 -13.87 -63.33
CA GLU E 217 -5.58 -14.97 -63.12
C GLU E 217 -7.01 -14.58 -63.43
N SER E 218 -7.27 -13.35 -63.89
CA SER E 218 -8.62 -12.95 -64.25
C SER E 218 -8.85 -12.99 -65.76
N LYS E 219 -8.08 -13.80 -66.49
CA LYS E 219 -8.20 -13.87 -67.96
C LYS E 219 -8.20 -15.32 -68.46
N SER F 1 29.77 21.14 18.95
CA SER F 1 29.55 22.58 19.14
C SER F 1 28.08 22.95 19.02
N LEU F 2 27.69 23.97 19.80
CA LEU F 2 26.34 24.49 20.03
C LEU F 2 25.42 24.45 18.81
N PRO F 3 24.13 24.19 19.00
CA PRO F 3 23.17 24.38 17.89
C PRO F 3 22.95 25.85 17.61
N ASP F 4 22.65 26.15 16.36
CA ASP F 4 22.56 27.53 15.91
C ASP F 4 21.31 28.21 16.45
N LEU F 5 21.39 29.55 16.55
CA LEU F 5 20.21 30.36 16.82
C LEU F 5 19.12 30.02 15.81
N LYS F 6 17.91 29.80 16.31
CA LYS F 6 16.79 29.49 15.46
C LYS F 6 15.70 30.53 15.64
N ILE F 7 14.99 30.78 14.55
CA ILE F 7 13.92 31.75 14.49
C ILE F 7 12.75 31.07 13.80
N GLU F 8 11.67 30.86 14.52
CA GLU F 8 10.50 30.21 13.96
C GLU F 8 9.30 31.12 14.11
N LYS F 9 8.49 31.19 13.06
CA LYS F 9 7.22 31.89 13.20
C LYS F 9 6.30 31.04 14.06
N LEU F 10 5.75 31.66 15.11
CA LEU F 10 4.82 30.99 16.00
C LEU F 10 3.36 31.33 15.72
N ASP F 11 3.07 32.60 15.44
CA ASP F 11 1.72 33.04 15.06
C ASP F 11 1.91 34.27 14.18
N GLU F 12 0.81 34.88 13.77
CA GLU F 12 0.92 36.10 12.97
C GLU F 12 1.67 37.18 13.74
N GLY F 13 2.75 37.68 13.18
CA GLY F 13 3.48 38.75 13.83
C GLY F 13 4.19 38.34 15.09
N VAL F 14 4.37 37.05 15.33
CA VAL F 14 5.03 36.54 16.52
C VAL F 14 5.99 35.44 16.09
N TYR F 15 7.26 35.62 16.39
CA TYR F 15 8.28 34.63 16.16
C TYR F 15 8.83 34.11 17.49
N VAL F 16 9.35 32.90 17.47
CA VAL F 16 10.15 32.40 18.57
C VAL F 16 11.60 32.37 18.09
N HIS F 17 12.49 33.03 18.82
CA HIS F 17 13.92 32.86 18.62
C HIS F 17 14.46 32.02 19.78
N THR F 18 15.34 31.09 19.44
CA THR F 18 15.85 30.14 20.41
C THR F 18 17.35 30.07 20.29
N SER F 19 18.04 30.30 21.41
CA SER F 19 19.46 30.09 21.48
C SER F 19 19.75 28.95 22.45
N PHE F 20 21.00 28.51 22.46
CA PHE F 20 21.41 27.38 23.29
C PHE F 20 22.80 27.69 23.83
N GLU F 21 23.15 27.09 24.97
CA GLU F 21 24.48 27.33 25.50
C GLU F 21 25.01 26.21 26.39
N GLU F 22 24.15 25.54 27.15
CA GLU F 22 24.53 24.56 28.17
C GLU F 22 25.52 25.09 29.21
N VAL F 23 25.31 24.73 30.48
CA VAL F 23 26.24 25.15 31.52
C VAL F 23 26.52 24.01 32.50
N ASN F 24 25.47 23.42 33.08
CA ASN F 24 25.68 22.53 34.22
C ASN F 24 25.01 21.16 34.09
N GLY F 25 23.98 20.91 34.90
CA GLY F 25 23.53 19.54 35.12
C GLY F 25 22.22 19.11 34.51
N TRP F 26 21.84 19.72 33.39
CA TRP F 26 20.58 19.35 32.73
C TRP F 26 20.71 18.73 31.31
N GLY F 27 21.60 19.23 30.44
CA GLY F 27 22.36 20.45 30.62
C GLY F 27 22.17 21.41 29.47
N VAL F 28 21.59 20.89 28.37
CA VAL F 28 21.60 21.59 27.08
C VAL F 28 21.06 23.01 27.22
N VAL F 29 19.95 23.16 27.94
CA VAL F 29 19.08 24.34 28.04
C VAL F 29 18.94 25.11 26.73
N PRO F 30 17.77 25.08 26.11
CA PRO F 30 17.41 26.13 25.15
C PRO F 30 16.97 27.38 25.89
N LYS F 31 17.03 28.51 25.18
CA LYS F 31 16.49 29.77 25.68
C LYS F 31 15.55 30.34 24.62
N HIS F 32 14.27 30.45 24.98
CA HIS F 32 13.24 30.94 24.08
C HIS F 32 12.94 32.41 24.35
N GLY F 33 13.08 33.25 23.33
CA GLY F 33 12.58 34.60 23.35
C GLY F 33 11.60 34.81 22.21
N LEU F 34 10.89 35.93 22.24
CA LEU F 34 9.97 36.25 21.16
C LEU F 34 10.49 37.41 20.34
N VAL F 35 9.92 37.56 19.15
CA VAL F 35 9.98 38.79 18.39
C VAL F 35 8.55 39.11 18.01
N VAL F 36 8.09 40.31 18.34
CA VAL F 36 6.72 40.71 18.08
C VAL F 36 6.74 41.86 17.09
N LEU F 37 5.99 41.72 16.01
CA LEU F 37 5.94 42.73 14.98
C LEU F 37 4.72 43.61 15.19
N VAL F 38 4.90 44.91 15.00
CA VAL F 38 3.81 45.88 14.99
C VAL F 38 4.05 46.73 13.75
N ASN F 39 3.23 46.52 12.74
CA ASN F 39 3.50 47.06 11.39
C ASN F 39 4.90 46.61 11.02
N ALA F 40 5.80 47.51 10.63
CA ALA F 40 7.16 47.14 10.28
C ALA F 40 8.15 47.38 11.42
N GLU F 41 7.67 47.36 12.67
CA GLU F 41 8.51 47.52 13.84
C GLU F 41 8.58 46.21 14.61
N ALA F 42 9.74 45.91 15.15
CA ALA F 42 9.98 44.67 15.87
C ALA F 42 10.42 44.95 17.29
N TYR F 43 9.84 44.24 18.23
CA TYR F 43 10.21 44.28 19.64
C TYR F 43 10.73 42.91 20.04
N LEU F 44 11.90 42.88 20.68
CA LEU F 44 12.47 41.64 21.19
C LEU F 44 11.95 41.40 22.60
N ILE F 45 11.31 40.25 22.81
CA ILE F 45 10.96 39.78 24.14
C ILE F 45 12.08 38.85 24.58
N ASP F 46 12.88 39.30 25.55
CA ASP F 46 14.16 38.70 25.96
C ASP F 46 15.19 38.77 24.86
N THR F 47 16.41 38.80 25.26
CA THR F 47 17.55 38.76 24.40
C THR F 47 18.15 37.36 24.41
N PRO F 48 18.89 37.00 23.38
CA PRO F 48 19.65 35.75 23.42
C PRO F 48 20.87 35.90 24.32
N PHE F 49 21.35 34.76 24.82
CA PHE F 49 22.53 34.67 25.68
C PHE F 49 23.60 35.71 25.37
N THR F 50 23.98 35.83 24.10
CA THR F 50 25.19 36.54 23.72
C THR F 50 24.89 37.75 22.84
N ALA F 51 25.89 38.64 22.75
CA ALA F 51 25.81 39.77 21.83
C ALA F 51 25.90 39.33 20.38
N LYS F 52 26.55 38.20 20.09
CA LYS F 52 26.67 37.72 18.72
C LYS F 52 25.36 37.08 18.26
N ASP F 53 24.70 36.31 19.14
CA ASP F 53 23.37 35.85 18.83
C ASP F 53 22.38 37.01 18.74
N THR F 54 22.50 37.97 19.66
CA THR F 54 21.67 39.17 19.60
C THR F 54 21.86 39.90 18.28
N GLU F 55 23.09 39.98 17.78
CA GLU F 55 23.31 40.60 16.49
C GLU F 55 22.62 39.83 15.36
N LYS F 56 22.67 38.50 15.40
CA LYS F 56 22.07 37.73 14.31
C LYS F 56 20.55 37.85 14.35
N LEU F 57 19.96 37.80 15.54
CA LEU F 57 18.52 37.97 15.67
C LEU F 57 18.08 39.30 15.06
N VAL F 58 18.81 40.37 15.39
CA VAL F 58 18.44 41.70 14.91
C VAL F 58 18.64 41.82 13.41
N THR F 59 19.81 41.43 12.92
CA THR F 59 20.08 41.56 11.48
C THR F 59 19.15 40.69 10.66
N TRP F 60 18.57 39.64 11.26
CA TRP F 60 17.60 38.82 10.53
C TRP F 60 16.33 39.60 10.24
N PHE F 61 15.83 40.38 11.20
CA PHE F 61 14.65 41.19 10.95
C PHE F 61 14.99 42.47 10.19
N VAL F 62 16.12 43.10 10.50
CA VAL F 62 16.55 44.26 9.75
C VAL F 62 16.77 43.91 8.28
N GLU F 63 17.32 42.73 8.01
CA GLU F 63 17.48 42.32 6.61
C GLU F 63 16.15 42.20 5.89
N ARG F 64 15.08 41.91 6.61
CA ARG F 64 13.75 41.80 6.03
C ARG F 64 12.98 43.09 6.07
N GLY F 65 13.66 44.20 6.34
CA GLY F 65 13.05 45.51 6.28
C GLY F 65 12.40 46.00 7.56
N TYR F 66 12.60 45.33 8.67
CA TYR F 66 11.99 45.80 9.91
C TYR F 66 12.91 46.79 10.62
N LYS F 67 12.30 47.66 11.40
CA LYS F 67 13.02 48.56 12.29
C LYS F 67 12.86 48.05 13.71
N ILE F 68 13.96 47.95 14.45
CA ILE F 68 13.93 47.40 15.80
C ILE F 68 13.62 48.53 16.78
N LYS F 69 12.38 48.57 17.27
CA LYS F 69 11.99 49.62 18.19
C LYS F 69 12.51 49.43 19.61
N GLY F 70 12.90 48.22 20.00
CA GLY F 70 13.41 48.01 21.34
C GLY F 70 13.37 46.55 21.73
N SER F 71 13.69 46.32 23.01
CA SER F 71 13.71 45.00 23.61
C SER F 71 13.19 45.11 25.03
N ILE F 72 12.67 44.02 25.55
CA ILE F 72 12.33 43.94 26.96
C ILE F 72 12.82 42.61 27.49
N SER F 73 13.40 42.63 28.69
CA SER F 73 13.91 41.46 29.38
C SER F 73 12.98 41.08 30.52
N SER F 74 12.60 39.81 30.58
CA SER F 74 11.63 39.33 31.55
C SER F 74 12.20 39.19 32.96
N HIS F 75 13.52 39.10 33.10
CA HIS F 75 14.17 39.09 34.41
C HIS F 75 15.65 39.37 34.19
N PHE F 76 16.40 39.37 35.28
CA PHE F 76 17.74 39.96 35.27
C PHE F 76 18.85 38.98 34.92
N HIS F 77 18.60 37.68 34.88
CA HIS F 77 19.68 36.78 34.52
C HIS F 77 20.17 37.08 33.11
N SER F 78 21.35 36.57 32.80
CA SER F 78 21.96 36.86 31.52
C SER F 78 21.25 36.19 30.35
N ASP F 79 20.45 35.16 30.60
CA ASP F 79 19.74 34.57 29.47
C ASP F 79 18.59 35.44 28.97
N SER F 80 18.20 36.47 29.72
CA SER F 80 17.24 37.46 29.24
C SER F 80 17.88 38.82 28.94
N THR F 81 19.11 39.05 29.39
CA THR F 81 19.73 40.36 29.31
C THR F 81 21.06 40.35 28.57
N GLY F 82 21.57 39.18 28.17
CA GLY F 82 22.89 39.09 27.59
C GLY F 82 23.17 40.09 26.49
N GLY F 83 22.19 40.41 25.67
CA GLY F 83 22.44 41.32 24.58
C GLY F 83 22.18 42.78 24.85
N ILE F 84 21.79 43.14 26.08
CA ILE F 84 21.44 44.52 26.39
C ILE F 84 22.59 45.45 26.08
N GLU F 85 23.82 45.06 26.44
CA GLU F 85 24.94 45.96 26.20
C GLU F 85 25.13 46.21 24.72
N TRP F 86 24.98 45.17 23.90
CA TRP F 86 25.13 45.36 22.47
C TRP F 86 23.99 46.18 21.90
N LEU F 87 22.75 45.91 22.33
CA LEU F 87 21.62 46.72 21.91
C LEU F 87 21.85 48.19 22.23
N ASN F 88 22.19 48.51 23.48
CA ASN F 88 22.54 49.87 23.84
C ASN F 88 23.56 50.47 22.90
N SER F 89 24.59 49.69 22.52
CA SER F 89 25.64 50.19 21.63
C SER F 89 25.13 50.60 20.26
N ARG F 90 23.98 50.10 19.84
CA ARG F 90 23.34 50.51 18.59
C ARG F 90 22.13 51.40 18.82
N SER F 91 22.05 52.04 19.99
CA SER F 91 20.98 52.98 20.30
C SER F 91 19.61 52.35 20.12
N ILE F 92 19.53 51.05 20.37
CA ILE F 92 18.25 50.33 20.37
C ILE F 92 17.73 50.36 21.78
N PRO F 93 16.60 51.00 22.07
CA PRO F 93 16.12 51.12 23.44
C PRO F 93 15.98 49.76 24.09
N THR F 94 16.38 49.68 25.36
CA THR F 94 16.27 48.44 26.11
C THR F 94 15.40 48.69 27.31
N TYR F 95 14.49 47.77 27.57
CA TYR F 95 13.50 47.90 28.63
C TYR F 95 13.71 46.81 29.68
N ALA F 96 13.40 47.15 30.92
CA ALA F 96 13.42 46.23 32.05
C ALA F 96 12.66 46.90 33.17
N SER F 97 12.03 46.12 34.03
CA SER F 97 11.36 46.76 35.14
C SER F 97 12.41 47.47 35.98
N GLU F 98 11.94 48.38 36.84
CA GLU F 98 12.87 49.10 37.71
C GLU F 98 13.55 48.15 38.68
N LEU F 99 12.83 47.12 39.13
CA LEU F 99 13.44 46.07 39.93
C LEU F 99 14.52 45.33 39.15
N THR F 100 14.16 44.81 37.96
CA THR F 100 15.13 44.09 37.15
C THR F 100 16.39 44.90 36.95
N ASN F 101 16.24 46.16 36.55
CA ASN F 101 17.44 46.98 36.34
C ASN F 101 18.15 47.28 37.65
N GLU F 102 17.46 47.14 38.79
CA GLU F 102 18.10 47.25 40.10
C GLU F 102 19.03 46.06 40.35
N LEU F 103 18.53 44.84 40.09
CA LEU F 103 19.35 43.64 40.28
C LEU F 103 20.46 43.55 39.25
N LEU F 104 20.23 44.09 38.04
CA LEU F 104 21.27 44.14 37.02
C LEU F 104 22.48 44.93 37.50
N LYS F 105 22.25 46.18 37.93
CA LYS F 105 23.35 47.01 38.40
C LYS F 105 24.03 46.39 39.62
N LYS F 106 23.23 45.88 40.58
CA LYS F 106 23.80 45.24 41.76
C LYS F 106 24.51 43.94 41.44
N ASP F 107 24.57 43.56 40.16
CA ASP F 107 25.41 42.45 39.73
C ASP F 107 26.49 42.88 38.76
N GLY F 108 26.75 44.19 38.66
CA GLY F 108 27.78 44.69 37.77
C GLY F 108 27.48 44.52 36.30
N LYS F 109 26.20 44.32 35.95
CA LYS F 109 25.80 44.12 34.57
C LYS F 109 25.23 45.40 34.00
N VAL F 110 25.41 45.60 32.70
CA VAL F 110 24.89 46.79 32.04
C VAL F 110 23.37 46.85 32.20
N GLN F 111 22.86 48.05 32.46
CA GLN F 111 21.44 48.25 32.65
C GLN F 111 20.75 48.52 31.32
N ALA F 112 19.48 48.16 31.28
CA ALA F 112 18.63 48.60 30.18
C ALA F 112 18.46 50.11 30.26
N THR F 113 18.55 50.78 29.11
CA THR F 113 18.41 52.23 29.08
C THR F 113 17.09 52.70 29.67
N ASN F 114 16.04 51.88 29.60
CA ASN F 114 14.69 52.30 29.98
C ASN F 114 14.12 51.36 31.02
N SER F 115 13.47 51.90 32.04
CA SER F 115 12.79 51.07 33.01
C SER F 115 11.33 51.47 33.10
N PHE F 116 10.53 50.59 33.69
CA PHE F 116 9.11 50.86 33.85
C PHE F 116 8.68 50.43 35.24
N SER F 117 7.67 51.12 35.76
CA SER F 117 7.14 50.88 37.09
C SER F 117 5.66 50.61 37.01
N GLY F 118 5.13 50.00 38.06
CA GLY F 118 3.78 49.50 38.05
C GLY F 118 3.76 48.01 37.79
N VAL F 119 2.78 47.34 38.41
CA VAL F 119 2.60 45.92 38.15
C VAL F 119 2.26 45.67 36.68
N ASN F 120 1.51 46.59 36.05
CA ASN F 120 1.07 46.46 34.67
C ASN F 120 1.65 47.59 33.84
N TYR F 121 2.38 47.24 32.78
CA TYR F 121 2.98 48.24 31.90
C TYR F 121 2.66 47.94 30.44
N TRP F 122 2.00 48.88 29.77
CA TRP F 122 1.80 48.80 28.33
C TRP F 122 3.11 49.16 27.66
N LEU F 123 3.88 48.17 27.21
CA LEU F 123 5.01 48.49 26.35
C LEU F 123 4.54 49.04 25.02
N VAL F 124 3.48 48.46 24.45
CA VAL F 124 2.80 49.05 23.29
C VAL F 124 1.31 48.94 23.54
N LYS F 125 0.61 50.07 23.51
CA LYS F 125 -0.81 50.12 23.85
C LYS F 125 -1.61 49.10 23.05
N ASN F 126 -2.34 48.25 23.76
CA ASN F 126 -3.24 47.24 23.21
C ASN F 126 -2.54 46.11 22.46
N LYS F 127 -1.21 46.07 22.47
CA LYS F 127 -0.46 45.06 21.72
C LYS F 127 0.52 44.28 22.58
N ILE F 128 1.25 44.94 23.47
CA ILE F 128 2.30 44.27 24.23
C ILE F 128 2.25 44.75 25.66
N GLU F 129 1.65 43.95 26.54
CA GLU F 129 1.49 44.30 27.95
C GLU F 129 2.49 43.54 28.80
N VAL F 130 2.98 44.19 29.85
CA VAL F 130 3.87 43.55 30.82
C VAL F 130 3.09 43.35 32.11
N PHE F 131 3.31 42.21 32.75
CA PHE F 131 2.67 41.94 34.03
C PHE F 131 3.65 41.26 34.96
N TYR F 132 3.64 41.70 36.23
CA TYR F 132 4.49 41.16 37.29
C TYR F 132 3.63 40.33 38.21
N PRO F 133 3.70 38.99 38.15
CA PRO F 133 2.78 38.16 38.93
C PRO F 133 3.17 38.00 40.39
N GLY F 134 4.32 38.51 40.80
CA GLY F 134 4.90 38.19 42.08
C GLY F 134 6.22 37.50 41.86
N PRO F 135 7.03 37.37 42.92
CA PRO F 135 8.31 36.68 42.79
C PRO F 135 8.13 35.20 42.52
N GLY F 136 9.19 34.60 41.99
CA GLY F 136 9.16 33.19 41.67
C GLY F 136 10.53 32.66 41.33
N HIS F 137 10.79 32.47 40.04
CA HIS F 137 12.13 32.09 39.60
C HIS F 137 13.16 33.14 40.02
N THR F 138 12.81 34.41 39.93
CA THR F 138 13.58 35.51 40.48
C THR F 138 12.63 36.44 41.21
N PRO F 139 13.15 37.46 41.91
CA PRO F 139 12.23 38.41 42.56
C PRO F 139 11.58 39.38 41.60
N ASP F 140 12.20 39.66 40.46
CA ASP F 140 11.74 40.66 39.52
C ASP F 140 10.95 40.10 38.34
N ASN F 141 10.83 38.77 38.22
CA ASN F 141 10.43 38.19 36.94
C ASN F 141 9.05 38.66 36.49
N VAL F 142 8.94 39.02 35.21
CA VAL F 142 7.69 39.47 34.61
C VAL F 142 7.36 38.59 33.41
N VAL F 143 6.08 38.63 33.02
CA VAL F 143 5.58 37.96 31.84
C VAL F 143 5.06 39.02 30.87
N VAL F 144 4.97 38.63 29.59
CA VAL F 144 4.50 39.53 28.54
C VAL F 144 3.28 38.92 27.87
N TRP F 145 2.21 39.70 27.77
CA TRP F 145 0.94 39.26 27.22
C TRP F 145 0.72 39.95 25.88
N LEU F 146 0.33 39.18 24.86
CA LEU F 146 0.01 39.72 23.55
C LEU F 146 -1.49 39.67 23.27
N PRO F 147 -2.29 40.63 23.74
CA PRO F 147 -3.76 40.45 23.72
C PRO F 147 -4.35 40.01 22.39
N GLU F 148 -3.86 40.50 21.26
CA GLU F 148 -4.49 40.16 19.97
C GLU F 148 -4.18 38.75 19.52
N ARG F 149 -3.16 38.12 20.08
CA ARG F 149 -2.83 36.75 19.76
C ARG F 149 -3.05 35.82 20.93
N LYS F 150 -3.30 36.37 22.11
CA LYS F 150 -3.63 35.57 23.28
C LYS F 150 -2.46 34.63 23.57
N ILE F 151 -1.27 35.19 23.42
CA ILE F 151 -0.01 34.49 23.64
C ILE F 151 0.61 35.08 24.89
N LEU F 152 1.16 34.23 25.75
CA LEU F 152 1.84 34.67 26.95
C LEU F 152 3.26 34.16 26.94
N PHE F 153 4.21 35.05 27.18
CA PHE F 153 5.60 34.66 27.37
C PHE F 153 5.85 34.60 28.88
N GLY F 154 6.03 33.38 29.39
CA GLY F 154 6.29 33.20 30.80
C GLY F 154 7.73 33.44 31.21
N GLY F 155 8.65 33.43 30.25
CA GLY F 155 10.03 33.56 30.65
C GLY F 155 10.46 32.37 31.51
N CYS F 156 11.46 32.61 32.34
CA CYS F 156 11.91 31.56 33.25
C CYS F 156 11.00 31.39 34.45
N PHE F 157 9.80 31.95 34.42
CA PHE F 157 8.81 31.70 35.46
C PHE F 157 8.06 30.40 35.19
N ILE F 158 7.74 30.13 33.93
CA ILE F 158 7.00 28.90 33.60
C ILE F 158 7.96 27.73 33.65
N LYS F 159 7.69 26.79 34.56
CA LYS F 159 8.54 25.62 34.77
C LYS F 159 7.59 24.45 34.92
N PRO F 160 7.27 23.75 33.84
CA PRO F 160 6.26 22.69 33.94
C PRO F 160 6.84 21.35 34.33
N TYR F 161 8.16 21.18 34.17
CA TYR F 161 8.86 19.92 34.45
C TYR F 161 10.08 20.16 35.31
N GLY F 162 9.94 20.96 36.37
CA GLY F 162 11.07 21.26 37.24
C GLY F 162 11.44 22.73 37.30
N LEU F 163 11.82 23.21 38.49
CA LEU F 163 11.98 24.63 38.75
C LEU F 163 13.35 25.19 38.38
N GLY F 164 14.15 24.46 37.60
CA GLY F 164 15.43 24.94 37.13
C GLY F 164 16.35 25.51 38.19
N ASN F 165 17.30 26.33 37.76
CA ASN F 165 18.18 26.99 38.72
C ASN F 165 17.36 27.81 39.70
N LEU F 166 17.49 27.50 40.99
CA LEU F 166 16.79 28.20 42.07
C LEU F 166 17.72 29.12 42.87
N GLY F 167 18.96 29.30 42.42
CA GLY F 167 19.94 30.11 43.11
C GLY F 167 19.59 31.58 43.28
N ASP F 168 18.42 31.97 42.80
CA ASP F 168 17.87 33.30 43.05
C ASP F 168 16.35 33.22 43.17
N ALA F 169 15.81 32.05 43.49
CA ALA F 169 14.37 31.83 43.48
C ALA F 169 13.73 32.16 44.82
N ASN F 170 12.42 32.40 44.77
CA ASN F 170 11.60 32.67 45.95
C ASN F 170 10.54 31.56 46.02
N ILE F 171 10.94 30.43 46.61
CA ILE F 171 10.08 29.25 46.66
C ILE F 171 8.82 29.50 47.47
N GLU F 172 8.91 30.32 48.51
CA GLU F 172 7.76 30.56 49.38
C GLU F 172 6.67 31.34 48.64
N ALA F 173 7.06 32.23 47.73
CA ALA F 173 6.06 33.04 47.03
C ALA F 173 5.61 32.42 45.72
N TRP F 174 6.47 31.60 45.10
CA TRP F 174 6.20 31.09 43.76
C TRP F 174 4.81 30.47 43.59
N PRO F 175 4.30 29.62 44.51
CA PRO F 175 2.93 29.14 44.34
C PRO F 175 1.90 30.25 44.23
N LYS F 176 2.04 31.31 45.02
CA LYS F 176 1.03 32.35 45.05
C LYS F 176 1.09 33.22 43.79
N SER F 177 2.30 33.54 43.34
CA SER F 177 2.48 34.15 42.03
C SER F 177 1.88 33.28 40.93
N ALA F 178 2.27 31.99 40.90
CA ALA F 178 1.79 31.10 39.84
C ALA F 178 0.26 30.96 39.86
N LYS F 179 -0.33 30.83 41.05
CA LYS F 179 -1.79 30.69 41.12
C LYS F 179 -2.47 31.96 40.64
N LEU F 180 -1.86 33.11 40.88
CA LEU F 180 -2.40 34.36 40.37
C LEU F 180 -2.24 34.44 38.85
N LEU F 181 -1.04 34.13 38.36
CA LEU F 181 -0.78 34.11 36.93
C LEU F 181 -1.77 33.20 36.20
N LYS F 182 -1.97 31.98 36.71
CA LYS F 182 -2.89 31.04 36.10
C LYS F 182 -4.31 31.61 36.05
N SER F 183 -4.73 32.28 37.12
CA SER F 183 -6.07 32.85 37.12
C SER F 183 -6.20 33.99 36.11
N LYS F 184 -5.11 34.74 35.89
CA LYS F 184 -5.19 35.87 34.97
C LYS F 184 -5.23 35.39 33.52
N TYR F 185 -4.31 34.52 33.13
CA TYR F 185 -4.13 34.15 31.74
C TYR F 185 -4.59 32.72 31.47
N GLY F 186 -5.63 32.28 32.15
CA GLY F 186 -6.18 30.97 31.87
C GLY F 186 -6.63 30.82 30.44
N LYS F 187 -6.83 31.93 29.73
CA LYS F 187 -7.35 31.97 28.36
C LYS F 187 -6.24 31.89 27.32
N ALA F 188 -4.98 32.02 27.76
CA ALA F 188 -3.83 31.99 26.85
C ALA F 188 -3.96 30.89 25.80
N LYS F 189 -3.80 31.28 24.54
CA LYS F 189 -3.69 30.30 23.46
C LYS F 189 -2.37 29.56 23.53
N LEU F 190 -1.28 30.30 23.72
CA LEU F 190 0.04 29.72 23.80
C LEU F 190 0.75 30.26 25.03
N VAL F 191 1.62 29.44 25.62
CA VAL F 191 2.43 29.86 26.74
C VAL F 191 3.87 29.45 26.44
N VAL F 192 4.74 30.44 26.31
CA VAL F 192 6.12 30.23 25.88
C VAL F 192 7.01 30.29 27.10
N PRO F 193 7.70 29.21 27.45
CA PRO F 193 8.60 29.25 28.59
C PRO F 193 10.03 29.47 28.14
N SER F 194 10.90 29.96 29.02
CA SER F 194 12.26 30.24 28.61
C SER F 194 13.02 28.97 28.24
N HIS F 195 12.84 27.90 29.00
CA HIS F 195 13.68 26.73 28.85
C HIS F 195 12.94 25.42 28.59
N SER F 196 11.62 25.43 28.41
CA SER F 196 10.88 24.25 28.01
C SER F 196 10.07 24.58 26.76
N GLU F 197 9.38 23.58 26.23
CA GLU F 197 8.68 23.70 24.95
C GLU F 197 7.41 24.52 25.06
N VAL F 198 7.06 25.23 23.98
CA VAL F 198 5.82 25.98 23.93
C VAL F 198 4.65 25.04 24.19
N GLY F 199 3.66 25.53 24.91
CA GLY F 199 2.47 24.75 25.15
C GLY F 199 1.24 25.62 25.18
N ASP F 200 0.12 25.08 25.65
CA ASP F 200 -1.10 25.84 25.84
C ASP F 200 -1.24 26.22 27.30
N ALA F 201 -2.45 26.63 27.70
CA ALA F 201 -2.72 27.12 29.05
C ALA F 201 -2.41 26.09 30.11
N SER F 202 -2.44 24.79 29.77
CA SER F 202 -2.10 23.77 30.75
C SER F 202 -0.68 23.92 31.30
N LEU F 203 0.17 24.76 30.70
CA LEU F 203 1.49 24.97 31.28
C LEU F 203 1.44 25.86 32.51
N LEU F 204 0.35 26.60 32.70
CA LEU F 204 0.24 27.43 33.90
C LEU F 204 -0.05 26.56 35.11
N LYS F 205 -0.97 25.61 34.99
CA LYS F 205 -1.28 24.73 36.10
C LYS F 205 -0.14 23.75 36.36
N LEU F 206 0.57 23.33 35.30
CA LEU F 206 1.80 22.56 35.51
C LEU F 206 2.82 23.35 36.30
N THR F 207 3.02 24.61 35.94
CA THR F 207 3.97 25.46 36.65
C THR F 207 3.56 25.66 38.11
N LEU F 208 2.27 25.93 38.35
CA LEU F 208 1.78 26.07 39.72
C LEU F 208 2.05 24.80 40.52
N GLU F 209 1.88 23.64 39.88
CA GLU F 209 2.13 22.37 40.56
C GLU F 209 3.59 22.20 40.88
N GLN F 210 4.48 22.58 39.96
CA GLN F 210 5.91 22.49 40.24
C GLN F 210 6.31 23.44 41.37
N ALA F 211 5.52 24.47 41.63
CA ALA F 211 5.82 25.38 42.72
C ALA F 211 5.37 24.80 44.06
N VAL F 212 4.11 24.36 44.13
CA VAL F 212 3.61 23.65 45.30
C VAL F 212 4.57 22.54 45.68
N LYS F 213 4.88 21.67 44.72
CA LYS F 213 5.81 20.58 44.97
C LYS F 213 7.16 21.10 45.43
N GLY F 214 7.63 22.20 44.85
CA GLY F 214 8.94 22.71 45.23
C GLY F 214 8.99 23.21 46.65
N LEU F 215 7.88 23.74 47.17
CA LEU F 215 7.86 24.34 48.50
C LEU F 215 7.60 23.30 49.58
N ASN F 216 6.88 22.23 49.26
CA ASN F 216 6.74 21.13 50.20
C ASN F 216 8.02 20.33 50.32
N GLU F 217 8.82 20.24 49.26
CA GLU F 217 10.12 19.61 49.29
C GLU F 217 11.20 20.49 49.90
N SER F 218 10.81 21.45 50.73
CA SER F 218 11.74 22.21 51.55
C SER F 218 11.43 22.05 53.04
N LYS F 219 10.58 21.08 53.39
CA LYS F 219 10.08 20.89 54.75
C LYS F 219 10.09 19.42 55.17
#